data_7V8I
#
_entry.id   7V8I
#
loop_
_entity.id
_entity.type
_entity.pdbx_description
1 polymer 'Lipoprotein-releasing system transmembrane protein LolC'
2 polymer 'Lipoprotein-releasing system ATP-binding protein LolD'
3 polymer 'Lipoprotein-releasing system transmembrane protein LolE'
4 non-polymer 'MAGNESIUM ION'
5 non-polymer 'PHOSPHOAMINOPHOSPHONIC ACID-ADENYLATE ESTER'
#
loop_
_entity_poly.entity_id
_entity_poly.type
_entity_poly.pdbx_seq_one_letter_code
_entity_poly.pdbx_strand_id
1 'polypeptide(L)'
;MYQPVALFIGLRYMRGRAADRFGRFVSWLSTIGITLGVMALVTVLSVMNGFERELQNNILGLMPQAILSSEHGSLNPQQL
PETAVKLDGVNRVAPITTGDVVLQSARSVAVGVMLGIDPAQKDPLTPYLVNVKQTDLEPGKYNVILGEQLASQLGVNRGD
QIRVMVPSASQFTPMGRIPSQRLFNVIGTFAANSEVDGYEMLVNIEDASRLMRYPAGNITGWRLWLDEPLKVDSLSQQKL
PEGSKWQDWRDRKGELFQAVRMEKNMMGLLLSLIVAVAAFNIITSLGLMVMEKQGEVAILQTQGLTPRQIMMVFMVQGAS
AGIIGAILGAALGALLASQLNNLMPIIGVLLDGAALPVAIEPLQVIVIALVAMAIALLSTLYPSWRAAATQPAEALRYE
;
C
2 'polypeptide(L)'
;MNKILLQCDNLCKRYQEGSVQTDVLHNVSFSVGEGEMMAIVGSSGSGKSTLLHLLGGLDTPTSGDVIFNGQPMSKLSSAA
KAELRNQKLGFIYQFHHLLPDFTALENVAMPLLIGKKKPAEINSRALEMLKAVGLDHRANHRPSELSGGERQRVAIARAL
VNNPRLVLADQPTGNLDARNADSIFQLLGELNRLQGTAFLVVTHDLQLAKRMSRQLEMRDGRLTAELSLMGAE
;
D,F
3 'polypeptide(L)'
;MAMPLSLLIGLRFSRGRRRGGMVSLISVISTIGIALGVAVLIVGLSAMNGFERELNNRILAVVPHGEIEAVDQPWTNWQE
ALDHVQKVPGIAAAAPYINFTGLVESGANLRAIQVKGVNPQQEQRLSALPSFVQGDAWRNFKAGEQQIIIGKGVADALKV
KQGDWVSIMIPNSNPEHKLMQPKRVRLHVAGILQLSGQLDHSFAMIPLADAQQYLDMGSSVSGIALKMTDVFNANKLVRD
AGEVTNSYVYIKSWIGTYGYMYRDIQMIRAIMYLAMVLVIGVACFNIVSTLVMAVKDKSGDIAVLRTLGAKDGLIRAIFV
WYGLLAGLFGSLCGVIIGVVVSLQLTPIIEWIEKLIGHQFLSSDIYFIDFLPSELHWLDVFYVLVTALLLSLLASWYPAR
RASNIDPARVLSGQ
;
E
#
loop_
_chem_comp.id
_chem_comp.type
_chem_comp.name
_chem_comp.formula
ANP non-polymer 'PHOSPHOAMINOPHOSPHONIC ACID-ADENYLATE ESTER' 'C10 H17 N6 O12 P3'
MG non-polymer 'MAGNESIUM ION' 'Mg 2'
#
# COMPACT_ATOMS: atom_id res chain seq x y z
N TYR A 2 -25.08 -22.66 -7.34
CA TYR A 2 -26.21 -22.45 -6.46
C TYR A 2 -25.97 -23.07 -5.08
N GLN A 3 -24.74 -22.97 -4.59
CA GLN A 3 -24.40 -23.53 -3.29
C GLN A 3 -25.19 -22.82 -2.20
N PRO A 4 -25.98 -23.56 -1.42
CA PRO A 4 -26.92 -22.94 -0.47
C PRO A 4 -26.28 -22.55 0.85
N VAL A 5 -25.18 -21.80 0.79
CA VAL A 5 -24.49 -21.33 1.96
C VAL A 5 -24.20 -19.82 1.90
N ALA A 6 -24.81 -19.13 0.93
CA ALA A 6 -24.70 -17.68 0.75
C ALA A 6 -23.30 -17.23 0.39
N LEU A 7 -22.38 -18.16 0.13
CA LEU A 7 -21.07 -17.81 -0.39
C LEU A 7 -21.05 -17.80 -1.90
N PHE A 8 -22.14 -18.20 -2.55
CA PHE A 8 -22.21 -18.17 -4.00
C PHE A 8 -22.11 -16.74 -4.53
N ILE A 9 -22.81 -15.81 -3.88
CA ILE A 9 -22.77 -14.42 -4.34
C ILE A 9 -21.39 -13.81 -4.12
N GLY A 10 -20.72 -14.18 -3.03
CA GLY A 10 -19.36 -13.69 -2.82
C GLY A 10 -18.41 -14.17 -3.90
N LEU A 11 -18.48 -15.46 -4.23
CA LEU A 11 -17.65 -16.00 -5.30
C LEU A 11 -17.95 -15.33 -6.63
N ARG A 12 -19.24 -15.12 -6.93
CA ARG A 12 -19.60 -14.47 -8.19
C ARG A 12 -19.15 -13.02 -8.22
N TYR A 13 -19.15 -12.33 -7.08
CA TYR A 13 -18.58 -10.98 -7.03
C TYR A 13 -17.08 -11.03 -7.29
N MET A 14 -16.39 -12.00 -6.71
CA MET A 14 -14.94 -12.07 -6.86
C MET A 14 -14.54 -12.36 -8.31
N ARG A 15 -15.16 -13.37 -8.92
CA ARG A 15 -14.76 -13.77 -10.27
C ARG A 15 -15.39 -12.87 -11.32
N GLY A 16 -16.42 -12.11 -10.94
CA GLY A 16 -17.24 -11.41 -11.91
C GLY A 16 -16.62 -10.14 -12.46
N ARG A 17 -17.36 -9.52 -13.39
CA ARG A 17 -17.03 -8.25 -14.03
C ARG A 17 -15.73 -8.28 -14.81
N ALA A 18 -15.31 -9.45 -15.31
CA ALA A 18 -14.19 -9.54 -16.23
C ALA A 18 -14.70 -9.17 -17.62
N ALA A 19 -14.76 -7.86 -17.87
CA ALA A 19 -15.43 -7.33 -19.05
C ALA A 19 -14.50 -6.96 -20.18
N ASP A 20 -13.47 -6.15 -19.91
CA ASP A 20 -12.61 -5.62 -20.98
C ASP A 20 -11.13 -5.93 -20.75
N ARG A 21 -10.82 -7.04 -20.08
CA ARG A 21 -9.46 -7.51 -19.89
C ARG A 21 -8.67 -6.59 -18.96
N PHE A 22 -9.27 -5.48 -18.57
CA PHE A 22 -8.65 -4.55 -17.66
C PHE A 22 -9.47 -4.31 -16.40
N GLY A 23 -10.80 -4.47 -16.49
CA GLY A 23 -11.63 -4.35 -15.30
C GLY A 23 -11.33 -5.41 -14.26
N ARG A 24 -10.96 -6.61 -14.72
CA ARG A 24 -10.61 -7.68 -13.79
C ARG A 24 -9.36 -7.33 -12.99
N PHE A 25 -8.42 -6.59 -13.61
CA PHE A 25 -7.21 -6.20 -12.88
C PHE A 25 -7.54 -5.29 -11.70
N VAL A 26 -8.37 -4.26 -11.91
CA VAL A 26 -8.74 -3.41 -10.80
C VAL A 26 -9.70 -4.12 -9.86
N SER A 27 -10.43 -5.13 -10.34
CA SER A 27 -11.26 -5.94 -9.45
C SER A 27 -10.40 -6.73 -8.47
N TRP A 28 -9.33 -7.35 -8.96
CA TRP A 28 -8.40 -8.12 -8.14
C TRP A 28 -7.36 -7.24 -7.47
N LEU A 29 -7.38 -5.93 -7.72
CA LEU A 29 -6.48 -5.01 -7.04
C LEU A 29 -6.58 -5.13 -5.52
N SER A 30 -7.77 -5.48 -5.02
CA SER A 30 -7.96 -5.60 -3.59
C SER A 30 -7.03 -6.64 -2.98
N THR A 31 -6.88 -7.79 -3.64
CA THR A 31 -5.93 -8.80 -3.17
C THR A 31 -4.53 -8.58 -3.70
N ILE A 32 -4.37 -7.82 -4.78
CA ILE A 32 -3.03 -7.49 -5.26
C ILE A 32 -2.30 -6.63 -4.22
N GLY A 33 -3.00 -5.66 -3.63
CA GLY A 33 -2.39 -4.89 -2.56
C GLY A 33 -1.96 -5.75 -1.39
N ILE A 34 -2.81 -6.70 -0.99
CA ILE A 34 -2.48 -7.60 0.10
C ILE A 34 -1.28 -8.48 -0.25
N THR A 35 -1.24 -9.04 -1.46
CA THR A 35 -0.13 -9.90 -1.81
C THR A 35 1.17 -9.12 -1.91
N LEU A 36 1.12 -7.86 -2.34
CA LEU A 36 2.34 -7.06 -2.37
C LEU A 36 2.80 -6.70 -0.96
N GLY A 37 1.88 -6.37 -0.07
CA GLY A 37 2.27 -6.12 1.32
C GLY A 37 2.87 -7.34 1.97
N VAL A 38 2.27 -8.51 1.72
CA VAL A 38 2.80 -9.75 2.28
C VAL A 38 4.16 -10.07 1.67
N MET A 39 4.32 -9.84 0.37
CA MET A 39 5.62 -10.04 -0.27
C MET A 39 6.68 -9.17 0.41
N ALA A 40 6.35 -7.91 0.64
CA ALA A 40 7.29 -7.01 1.30
C ALA A 40 7.66 -7.51 2.68
N LEU A 41 6.66 -7.85 3.49
CA LEU A 41 6.96 -8.28 4.86
C LEU A 41 7.78 -9.56 4.87
N VAL A 42 7.41 -10.52 4.02
CA VAL A 42 8.13 -11.79 3.97
C VAL A 42 9.56 -11.59 3.53
N THR A 43 9.78 -10.77 2.49
CA THR A 43 11.16 -10.59 2.02
C THR A 43 11.99 -9.83 3.05
N VAL A 44 11.40 -8.84 3.73
CA VAL A 44 12.15 -8.12 4.76
C VAL A 44 12.55 -9.04 5.90
N LEU A 45 11.58 -9.80 6.43
CA LEU A 45 11.91 -10.69 7.54
C LEU A 45 12.85 -11.81 7.12
N SER A 46 12.68 -12.34 5.91
CA SER A 46 13.54 -13.43 5.45
C SER A 46 14.98 -12.94 5.27
N VAL A 47 15.16 -11.78 4.64
CA VAL A 47 16.50 -11.25 4.45
C VAL A 47 17.13 -10.90 5.80
N MET A 48 16.36 -10.28 6.70
CA MET A 48 16.91 -9.95 8.01
C MET A 48 17.32 -11.20 8.77
N ASN A 49 16.49 -12.24 8.75
CA ASN A 49 16.81 -13.48 9.45
C ASN A 49 18.04 -14.14 8.85
N GLY A 50 18.12 -14.19 7.51
CA GLY A 50 19.26 -14.81 6.87
C GLY A 50 20.55 -14.07 7.14
N PHE A 51 20.51 -12.73 7.09
CA PHE A 51 21.71 -11.95 7.33
C PHE A 51 22.12 -12.05 8.79
N GLU A 52 21.15 -12.08 9.70
CA GLU A 52 21.45 -12.28 11.12
C GLU A 52 22.09 -13.65 11.35
N ARG A 53 21.57 -14.68 10.69
CA ARG A 53 22.17 -16.02 10.82
C ARG A 53 23.59 -16.03 10.28
N GLU A 54 23.82 -15.38 9.14
CA GLU A 54 25.16 -15.33 8.57
C GLU A 54 26.12 -14.61 9.51
N LEU A 55 25.69 -13.48 10.08
CA LEU A 55 26.54 -12.74 11.01
C LEU A 55 26.80 -13.53 12.29
N GLN A 56 25.77 -14.21 12.80
CA GLN A 56 25.93 -14.99 14.02
C GLN A 56 26.86 -16.18 13.80
N ASN A 57 26.83 -16.77 12.61
CA ASN A 57 27.70 -17.92 12.36
C ASN A 57 29.12 -17.49 12.00
N ASN A 58 29.28 -16.83 10.86
CA ASN A 58 30.61 -16.69 10.26
C ASN A 58 31.55 -15.89 11.14
N ILE A 59 31.06 -14.82 11.76
CA ILE A 59 31.91 -13.97 12.58
C ILE A 59 31.95 -14.48 14.02
N LEU A 60 30.79 -14.84 14.56
CA LEU A 60 30.65 -15.06 15.98
C LEU A 60 30.95 -16.50 16.42
N GLY A 61 31.09 -17.45 15.50
CA GLY A 61 31.44 -18.80 15.90
C GLY A 61 32.92 -19.01 16.11
N LEU A 62 33.75 -18.10 15.61
CA LEU A 62 35.19 -18.22 15.76
C LEU A 62 35.70 -17.50 17.00
N MET A 63 35.16 -16.32 17.30
CA MET A 63 35.48 -15.62 18.54
C MET A 63 34.64 -16.18 19.68
N PRO A 64 35.12 -16.05 20.91
CA PRO A 64 34.30 -16.48 22.06
C PRO A 64 33.00 -15.70 22.12
N GLN A 65 31.92 -16.38 22.51
CA GLN A 65 30.62 -15.75 22.63
C GLN A 65 30.43 -15.10 23.99
N ALA A 66 30.58 -15.88 25.06
CA ALA A 66 30.50 -15.35 26.42
C ALA A 66 31.56 -16.02 27.28
N ILE A 67 31.97 -15.34 28.34
CA ILE A 67 33.01 -15.85 29.24
C ILE A 67 32.56 -15.65 30.67
N LEU A 68 32.83 -16.66 31.49
CA LEU A 68 32.63 -16.60 32.93
C LEU A 68 34.00 -16.71 33.60
N SER A 69 34.31 -15.74 34.46
CA SER A 69 35.64 -15.67 35.04
C SER A 69 35.58 -15.51 36.56
N SER A 70 36.68 -15.13 37.19
CA SER A 70 36.74 -15.02 38.64
C SER A 70 36.67 -13.55 39.06
N GLU A 71 35.72 -13.23 39.95
CA GLU A 71 35.57 -11.86 40.41
C GLU A 71 36.78 -11.37 41.20
N HIS A 72 37.35 -12.22 42.06
CA HIS A 72 38.49 -11.84 42.90
C HIS A 72 39.53 -12.95 42.84
N GLY A 73 40.79 -12.57 42.66
CA GLY A 73 41.89 -13.51 42.64
C GLY A 73 41.83 -14.43 41.43
N SER A 74 42.35 -15.64 41.60
CA SER A 74 42.37 -16.63 40.53
C SER A 74 41.00 -17.28 40.41
N LEU A 75 40.86 -18.17 39.43
CA LEU A 75 39.61 -18.83 39.12
C LEU A 75 39.67 -20.27 39.60
N ASN A 76 38.70 -20.66 40.42
CA ASN A 76 38.68 -21.98 41.04
C ASN A 76 37.64 -22.84 40.34
N PRO A 77 38.01 -23.95 39.70
CA PRO A 77 37.04 -24.67 38.84
C PRO A 77 35.89 -25.34 39.57
N GLN A 78 36.10 -25.88 40.77
CA GLN A 78 35.01 -26.62 41.41
C GLN A 78 33.94 -25.69 41.98
N GLN A 79 34.16 -24.37 41.96
CA GLN A 79 33.08 -23.44 42.29
C GLN A 79 31.90 -23.63 41.35
N LEU A 80 32.18 -23.74 40.05
CA LEU A 80 31.15 -23.96 39.03
C LEU A 80 31.80 -24.57 37.80
N PRO A 81 31.84 -25.90 37.68
CA PRO A 81 32.42 -26.52 36.50
C PRO A 81 31.54 -26.41 35.27
N GLU A 82 31.97 -27.03 34.16
CA GLU A 82 31.19 -26.98 32.93
C GLU A 82 29.84 -27.68 33.10
N THR A 83 29.84 -28.82 33.78
CA THR A 83 28.59 -29.56 33.98
C THR A 83 27.60 -28.77 34.83
N ALA A 84 28.10 -27.90 35.71
CA ALA A 84 27.25 -27.06 36.56
C ALA A 84 26.98 -25.70 35.94
N VAL A 85 27.38 -25.47 34.69
CA VAL A 85 27.20 -24.19 34.02
C VAL A 85 25.72 -24.06 33.67
N LYS A 86 24.98 -23.32 34.48
CA LYS A 86 23.55 -23.11 34.29
C LYS A 86 23.31 -21.65 33.94
N LEU A 87 22.67 -21.41 32.79
CA LEU A 87 22.36 -20.07 32.34
C LEU A 87 21.24 -20.18 31.30
N ASP A 88 20.64 -19.03 30.97
CA ASP A 88 19.55 -19.01 30.02
C ASP A 88 20.09 -19.01 28.59
N GLY A 89 19.63 -19.95 27.78
CA GLY A 89 20.04 -20.01 26.39
C GLY A 89 21.42 -20.56 26.15
N VAL A 90 22.06 -21.17 27.16
CA VAL A 90 23.39 -21.72 26.98
C VAL A 90 23.31 -22.94 26.07
N ASN A 91 24.21 -23.02 25.09
CA ASN A 91 24.24 -24.13 24.15
C ASN A 91 25.49 -24.98 24.26
N ARG A 92 26.68 -24.38 24.15
CA ARG A 92 27.93 -25.12 24.18
C ARG A 92 28.83 -24.57 25.27
N VAL A 93 29.49 -25.45 26.01
CA VAL A 93 30.32 -25.08 27.14
C VAL A 93 31.72 -25.63 26.91
N ALA A 94 32.74 -24.85 27.25
CA ALA A 94 34.12 -25.30 27.16
C ALA A 94 34.95 -24.48 28.13
N PRO A 95 36.15 -24.95 28.49
CA PRO A 95 37.12 -24.09 29.15
C PRO A 95 37.96 -23.34 28.13
N ILE A 96 38.45 -22.16 28.54
CA ILE A 96 39.26 -21.35 27.64
C ILE A 96 40.04 -20.34 28.46
N THR A 97 41.15 -19.86 27.90
CA THR A 97 41.88 -18.73 28.43
C THR A 97 41.98 -17.67 27.34
N THR A 98 41.64 -16.43 27.67
CA THR A 98 41.70 -15.33 26.72
C THR A 98 42.78 -14.35 27.15
N GLY A 99 43.73 -14.08 26.26
CA GLY A 99 44.82 -13.21 26.64
C GLY A 99 45.29 -12.23 25.58
N ASP A 100 45.42 -10.96 25.95
CA ASP A 100 45.99 -9.96 25.06
C ASP A 100 47.50 -10.07 25.09
N VAL A 101 48.10 -10.42 23.96
CA VAL A 101 49.53 -10.72 23.88
C VAL A 101 50.16 -9.93 22.76
N VAL A 102 51.49 -9.93 22.76
CA VAL A 102 52.29 -9.29 21.73
C VAL A 102 53.22 -10.33 21.10
N LEU A 103 53.32 -10.30 19.79
CA LEU A 103 54.11 -11.25 19.02
C LEU A 103 55.26 -10.51 18.33
N GLN A 104 56.47 -11.01 18.52
CA GLN A 104 57.65 -10.50 17.84
C GLN A 104 58.13 -11.57 16.86
N SER A 105 58.20 -11.19 15.58
CA SER A 105 58.67 -12.06 14.52
C SER A 105 60.02 -11.56 14.02
N ALA A 106 60.52 -12.19 12.95
CA ALA A 106 61.79 -11.78 12.36
C ALA A 106 61.68 -10.46 11.60
N ARG A 107 60.47 -9.95 11.39
CA ARG A 107 60.25 -8.71 10.65
C ARG A 107 59.89 -7.55 11.56
N SER A 108 58.82 -7.67 12.34
CA SER A 108 58.35 -6.58 13.18
C SER A 108 57.62 -7.15 14.39
N VAL A 109 56.96 -6.28 15.13
CA VAL A 109 56.24 -6.64 16.35
C VAL A 109 54.79 -6.19 16.20
N ALA A 110 53.86 -7.09 16.53
CA ALA A 110 52.43 -6.81 16.45
C ALA A 110 51.77 -7.24 17.75
N VAL A 111 50.47 -6.99 17.87
CA VAL A 111 49.69 -7.35 19.03
C VAL A 111 48.55 -8.26 18.58
N GLY A 112 47.85 -8.84 19.54
CA GLY A 112 46.70 -9.68 19.23
C GLY A 112 46.16 -10.34 20.47
N VAL A 113 45.31 -11.34 20.26
CA VAL A 113 44.70 -12.11 21.34
C VAL A 113 44.95 -13.58 21.10
N MET A 114 45.09 -14.34 22.19
CA MET A 114 45.26 -15.78 22.14
C MET A 114 44.15 -16.45 22.91
N LEU A 115 43.68 -17.58 22.40
CA LEU A 115 42.64 -18.39 23.02
C LEU A 115 43.22 -19.77 23.30
N GLY A 116 43.40 -20.08 24.58
CA GLY A 116 43.87 -21.38 25.03
C GLY A 116 42.72 -22.32 25.28
N ILE A 117 42.71 -23.43 24.54
CA ILE A 117 41.59 -24.36 24.52
C ILE A 117 42.11 -25.77 24.76
N ASP A 118 41.18 -26.72 24.88
CA ASP A 118 41.51 -28.13 24.99
C ASP A 118 41.32 -28.78 23.64
N PRO A 119 42.38 -29.30 23.00
CA PRO A 119 42.23 -29.83 21.63
C PRO A 119 41.32 -31.04 21.53
N ALA A 120 41.04 -31.72 22.63
CA ALA A 120 40.18 -32.90 22.59
C ALA A 120 38.72 -32.56 22.34
N GLN A 121 38.34 -31.29 22.38
CA GLN A 121 36.96 -30.88 22.18
C GLN A 121 36.73 -30.52 20.71
N LYS A 122 35.48 -30.14 20.40
CA LYS A 122 35.09 -29.79 19.04
C LYS A 122 35.63 -28.39 18.71
N ASP A 123 36.92 -28.34 18.46
CA ASP A 123 37.59 -27.09 18.11
C ASP A 123 37.08 -26.58 16.76
N PRO A 124 36.57 -25.35 16.67
CA PRO A 124 36.16 -24.82 15.36
C PRO A 124 37.31 -24.54 14.42
N LEU A 125 38.56 -24.74 14.85
CA LEU A 125 39.73 -24.51 14.01
C LEU A 125 40.45 -25.79 13.60
N THR A 126 40.09 -26.94 14.16
CA THR A 126 40.68 -28.19 13.71
C THR A 126 40.49 -28.45 12.21
N PRO A 127 39.31 -28.22 11.62
CA PRO A 127 39.22 -28.33 10.16
C PRO A 127 40.12 -27.35 9.43
N TYR A 128 40.45 -26.22 10.06
CA TYR A 128 41.29 -25.21 9.44
C TYR A 128 42.78 -25.44 9.68
N LEU A 129 43.13 -26.41 10.53
CA LEU A 129 44.53 -26.74 10.80
C LEU A 129 44.98 -27.79 9.78
N VAL A 130 45.64 -27.34 8.71
CA VAL A 130 46.14 -28.24 7.69
C VAL A 130 47.67 -28.22 7.71
N ASN A 131 48.28 -29.17 7.03
CA ASN A 131 49.73 -29.36 7.03
C ASN A 131 50.28 -29.57 8.43
N VAL A 132 49.43 -30.00 9.36
CA VAL A 132 49.80 -30.07 10.78
C VAL A 132 48.83 -31.01 11.49
N LYS A 133 49.25 -31.54 12.63
CA LYS A 133 48.38 -32.40 13.43
C LYS A 133 47.20 -31.59 13.98
N GLN A 134 46.10 -32.29 14.22
CA GLN A 134 44.91 -31.66 14.77
C GLN A 134 45.10 -31.21 16.21
N THR A 135 45.90 -31.94 17.00
CA THR A 135 46.18 -31.61 18.39
C THR A 135 47.68 -31.47 18.61
N ASP A 136 48.36 -30.78 17.69
CA ASP A 136 49.80 -30.59 17.81
C ASP A 136 50.18 -29.67 18.96
N LEU A 137 49.22 -28.92 19.50
CA LEU A 137 49.48 -28.06 20.66
C LEU A 137 49.32 -28.90 21.92
N GLU A 138 50.24 -29.85 22.08
CA GLU A 138 50.22 -30.72 23.24
C GLU A 138 50.59 -29.95 24.50
N PRO A 139 50.10 -30.38 25.66
CA PRO A 139 50.49 -29.71 26.91
C PRO A 139 51.98 -29.83 27.16
N GLY A 140 52.66 -28.69 27.16
CA GLY A 140 54.10 -28.65 27.31
C GLY A 140 54.86 -28.65 26.00
N LYS A 141 54.21 -28.98 24.89
CA LYS A 141 54.89 -28.93 23.60
C LYS A 141 55.17 -27.49 23.18
N TYR A 142 54.40 -26.54 23.72
CA TYR A 142 54.61 -25.10 23.48
C TYR A 142 54.52 -24.78 21.99
N ASN A 143 53.59 -25.42 21.31
CA ASN A 143 53.36 -25.20 19.89
C ASN A 143 52.09 -24.38 19.72
N VAL A 144 52.21 -23.23 19.07
CA VAL A 144 51.08 -22.34 18.82
C VAL A 144 50.86 -22.29 17.31
N ILE A 145 49.62 -22.51 16.89
CA ILE A 145 49.29 -22.50 15.47
C ILE A 145 48.96 -21.08 15.03
N LEU A 146 49.56 -20.65 13.92
CA LEU A 146 49.42 -19.29 13.43
C LEU A 146 48.42 -19.24 12.29
N GLY A 147 47.83 -18.06 12.08
CA GLY A 147 46.82 -17.89 11.06
C GLY A 147 47.38 -17.49 9.71
N GLU A 148 46.52 -16.96 8.84
CA GLU A 148 46.96 -16.60 7.50
C GLU A 148 47.32 -15.12 7.40
N GLN A 149 46.38 -14.24 7.78
CA GLN A 149 46.60 -12.81 7.61
C GLN A 149 47.76 -12.32 8.47
N LEU A 150 47.83 -12.77 9.72
CA LEU A 150 48.90 -12.33 10.60
C LEU A 150 50.26 -12.81 10.11
N ALA A 151 50.34 -14.06 9.66
CA ALA A 151 51.60 -14.58 9.13
C ALA A 151 52.02 -13.85 7.87
N SER A 152 51.06 -13.55 6.98
CA SER A 152 51.40 -12.82 5.77
C SER A 152 51.87 -11.41 6.09
N GLN A 153 51.22 -10.75 7.04
CA GLN A 153 51.62 -9.39 7.42
C GLN A 153 53.00 -9.38 8.09
N LEU A 154 53.30 -10.37 8.92
CA LEU A 154 54.56 -10.42 9.63
C LEU A 154 55.68 -11.09 8.83
N GLY A 155 55.37 -11.66 7.67
CA GLY A 155 56.38 -12.28 6.84
C GLY A 155 57.08 -13.43 7.52
N VAL A 156 56.31 -14.37 8.06
CA VAL A 156 56.85 -15.48 8.84
C VAL A 156 56.27 -16.78 8.30
N ASN A 157 57.13 -17.80 8.22
CA ASN A 157 56.76 -19.12 7.71
C ASN A 157 56.88 -20.15 8.83
N ARG A 158 56.57 -21.39 8.49
CA ARG A 158 56.65 -22.49 9.45
C ARG A 158 58.10 -22.75 9.85
N GLY A 159 58.29 -23.18 11.09
CA GLY A 159 59.60 -23.47 11.62
C GLY A 159 60.30 -22.30 12.28
N ASP A 160 59.72 -21.11 12.20
CA ASP A 160 60.34 -19.94 12.80
C ASP A 160 59.96 -19.83 14.28
N GLN A 161 60.74 -19.04 15.01
CA GLN A 161 60.52 -18.81 16.44
C GLN A 161 59.91 -17.43 16.62
N ILE A 162 58.75 -17.38 17.29
CA ILE A 162 58.04 -16.14 17.55
C ILE A 162 58.06 -15.89 19.05
N ARG A 163 58.42 -14.67 19.43
CA ARG A 163 58.45 -14.28 20.84
C ARG A 163 57.07 -13.78 21.24
N VAL A 164 56.35 -14.59 22.00
CA VAL A 164 55.02 -14.24 22.49
C VAL A 164 55.15 -13.77 23.93
N MET A 165 54.63 -12.58 24.21
CA MET A 165 54.74 -12.00 25.54
C MET A 165 53.36 -11.55 26.02
N VAL A 166 53.13 -11.73 27.32
CA VAL A 166 51.90 -11.30 27.98
C VAL A 166 52.26 -10.18 28.94
N PRO A 167 51.57 -9.04 28.92
CA PRO A 167 51.95 -7.92 29.79
C PRO A 167 51.53 -8.09 31.24
N SER A 168 50.57 -8.97 31.54
CA SER A 168 50.04 -9.06 32.90
C SER A 168 51.09 -9.53 33.90
N ALA A 169 51.91 -10.51 33.52
CA ALA A 169 52.90 -11.08 34.43
C ALA A 169 54.26 -10.46 34.14
N SER A 170 54.54 -9.36 34.84
CA SER A 170 55.78 -8.63 34.70
C SER A 170 56.59 -8.73 35.99
N GLN A 171 57.80 -8.15 35.96
CA GLN A 171 58.68 -8.15 37.11
C GLN A 171 59.50 -6.86 37.10
N PHE A 172 60.00 -6.49 38.28
CA PHE A 172 60.79 -5.28 38.41
C PHE A 172 62.21 -5.50 37.95
N THR A 173 62.77 -4.51 37.25
CA THR A 173 64.14 -4.59 36.76
C THR A 173 64.68 -3.17 36.63
N PRO A 174 65.97 -2.97 36.88
CA PRO A 174 66.54 -1.62 36.73
C PRO A 174 66.58 -1.12 35.30
N MET A 175 66.54 -2.01 34.31
CA MET A 175 66.56 -1.63 32.91
C MET A 175 65.18 -1.44 32.31
N GLY A 176 64.13 -1.55 33.12
CA GLY A 176 62.77 -1.41 32.62
C GLY A 176 61.83 -2.44 33.18
N ARG A 177 60.80 -2.78 32.41
CA ARG A 177 59.81 -3.78 32.81
C ARG A 177 60.00 -5.04 31.98
N ILE A 178 60.09 -6.19 32.65
CA ILE A 178 60.25 -7.47 32.01
C ILE A 178 58.99 -8.29 32.21
N PRO A 179 58.14 -8.41 31.19
CA PRO A 179 56.94 -9.24 31.28
C PRO A 179 57.27 -10.70 30.97
N SER A 180 56.24 -11.54 31.01
CA SER A 180 56.39 -12.96 30.71
C SER A 180 56.49 -13.15 29.20
N GLN A 181 57.69 -13.46 28.72
CA GLN A 181 57.96 -13.64 27.29
C GLN A 181 58.52 -15.04 27.07
N ARG A 182 58.07 -15.69 25.99
CA ARG A 182 58.55 -17.02 25.67
C ARG A 182 58.57 -17.21 24.17
N LEU A 183 59.52 -18.01 23.70
CA LEU A 183 59.67 -18.28 22.27
C LEU A 183 58.91 -19.56 21.91
N PHE A 184 58.08 -19.49 20.88
CA PHE A 184 57.28 -20.62 20.44
C PHE A 184 57.53 -20.87 18.96
N ASN A 185 57.49 -22.15 18.58
CA ASN A 185 57.73 -22.55 17.20
C ASN A 185 56.41 -22.89 16.53
N VAL A 186 56.13 -22.24 15.41
CA VAL A 186 54.96 -22.56 14.61
C VAL A 186 55.34 -23.63 13.59
N ILE A 187 54.47 -24.61 13.40
CA ILE A 187 54.77 -25.71 12.48
C ILE A 187 54.10 -25.54 11.12
N GLY A 188 53.20 -24.56 10.97
CA GLY A 188 52.50 -24.35 9.73
C GLY A 188 51.65 -23.11 9.75
N THR A 189 50.43 -23.21 9.22
CA THR A 189 49.50 -22.09 9.23
C THR A 189 48.09 -22.61 9.51
N PHE A 190 47.26 -21.74 10.08
CA PHE A 190 45.85 -22.02 10.29
C PHE A 190 45.05 -21.06 9.40
N ALA A 191 44.84 -21.48 8.16
CA ALA A 191 44.14 -20.67 7.16
C ALA A 191 42.66 -20.70 7.50
N ALA A 192 42.24 -19.82 8.41
CA ALA A 192 40.86 -19.77 8.85
C ALA A 192 39.93 -19.24 7.76
N ASN A 193 40.45 -18.57 6.74
CA ASN A 193 39.64 -18.04 5.64
C ASN A 193 38.51 -17.15 6.16
N SER A 194 38.82 -16.32 7.14
CA SER A 194 37.82 -15.50 7.80
C SER A 194 38.44 -14.14 8.13
N GLU A 195 37.70 -13.32 8.88
CA GLU A 195 38.17 -12.00 9.26
C GLU A 195 39.02 -12.02 10.52
N VAL A 196 38.65 -12.83 11.51
CA VAL A 196 39.28 -12.76 12.82
C VAL A 196 40.70 -13.34 12.79
N ASP A 197 41.04 -14.10 11.75
CA ASP A 197 42.35 -14.74 11.68
C ASP A 197 43.51 -13.76 11.56
N GLY A 198 43.25 -12.46 11.54
CA GLY A 198 44.32 -11.49 11.47
C GLY A 198 44.90 -11.13 12.82
N TYR A 199 44.13 -11.34 13.88
CA TYR A 199 44.57 -11.01 15.23
C TYR A 199 44.26 -12.06 16.28
N GLU A 200 43.68 -13.20 15.89
CA GLU A 200 43.30 -14.25 16.83
C GLU A 200 44.25 -15.42 16.69
N MET A 201 44.67 -15.97 17.83
CA MET A 201 45.62 -17.06 17.86
C MET A 201 45.02 -18.21 18.66
N LEU A 202 45.36 -19.45 18.27
CA LEU A 202 44.88 -20.64 18.94
C LEU A 202 46.03 -21.31 19.66
N VAL A 203 45.86 -21.55 20.97
CA VAL A 203 46.90 -22.08 21.83
C VAL A 203 46.27 -23.17 22.68
N ASN A 204 47.12 -24.06 23.20
CA ASN A 204 46.65 -25.03 24.18
C ASN A 204 46.27 -24.33 25.47
N ILE A 205 45.49 -25.02 26.31
CA ILE A 205 45.06 -24.43 27.57
C ILE A 205 46.09 -24.70 28.68
N GLU A 206 46.74 -25.86 28.66
CA GLU A 206 47.66 -26.22 29.74
C GLU A 206 48.91 -25.36 29.71
N ASP A 207 49.51 -25.18 28.52
CA ASP A 207 50.68 -24.33 28.42
C ASP A 207 50.36 -22.87 28.71
N ALA A 208 49.17 -22.42 28.31
CA ALA A 208 48.75 -21.06 28.65
C ALA A 208 48.60 -20.90 30.15
N SER A 209 48.00 -21.89 30.81
CA SER A 209 47.87 -21.82 32.27
C SER A 209 49.23 -21.81 32.94
N ARG A 210 50.17 -22.61 32.44
CA ARG A 210 51.53 -22.57 32.95
C ARG A 210 52.23 -21.25 32.63
N LEU A 211 51.75 -20.52 31.63
CA LEU A 211 52.40 -19.27 31.24
C LEU A 211 52.18 -18.13 32.21
N MET A 212 50.97 -17.98 32.74
CA MET A 212 50.66 -16.88 33.66
C MET A 212 50.91 -17.23 35.12
N ARG A 213 51.74 -18.24 35.39
CA ARG A 213 52.10 -18.64 36.75
C ARG A 213 50.88 -19.03 37.58
N TYR A 214 49.84 -19.51 36.92
CA TYR A 214 48.63 -19.92 37.62
C TYR A 214 48.88 -21.22 38.38
N PRO A 215 48.17 -21.45 39.48
CA PRO A 215 48.29 -22.73 40.20
C PRO A 215 47.74 -23.87 39.36
N ALA A 216 47.91 -25.08 39.89
CA ALA A 216 47.49 -26.28 39.19
C ALA A 216 45.97 -26.28 39.01
N GLY A 217 45.51 -26.49 37.78
CA GLY A 217 44.11 -26.57 37.47
C GLY A 217 43.40 -25.24 37.30
N ASN A 218 44.11 -24.12 37.42
CA ASN A 218 43.50 -22.81 37.33
C ASN A 218 43.49 -22.34 35.87
N ILE A 219 42.31 -22.01 35.36
CA ILE A 219 42.15 -21.53 33.99
C ILE A 219 41.57 -20.12 34.04
N THR A 220 41.62 -19.42 32.91
CA THR A 220 41.16 -18.03 32.89
C THR A 220 39.63 -17.96 32.92
N GLY A 221 38.95 -18.79 32.16
CA GLY A 221 37.51 -18.70 32.16
C GLY A 221 36.82 -19.86 31.49
N TRP A 222 35.49 -19.84 31.59
CA TRP A 222 34.62 -20.80 30.94
C TRP A 222 33.93 -20.10 29.78
N ARG A 223 34.16 -20.60 28.56
CA ARG A 223 33.59 -20.04 27.35
C ARG A 223 32.26 -20.71 27.04
N LEU A 224 31.24 -19.90 26.81
CA LEU A 224 29.89 -20.35 26.47
C LEU A 224 29.58 -19.86 25.07
N TRP A 225 29.30 -20.81 24.17
CA TRP A 225 28.73 -20.51 22.86
C TRP A 225 27.21 -20.53 22.99
N LEU A 226 26.61 -19.35 22.91
CA LEU A 226 25.19 -19.19 23.17
C LEU A 226 24.38 -19.59 21.93
N ASP A 227 23.06 -19.38 22.01
CA ASP A 227 22.17 -19.69 20.92
C ASP A 227 21.55 -18.47 20.25
N GLU A 228 21.44 -17.35 20.96
CA GLU A 228 20.82 -16.15 20.43
C GLU A 228 21.59 -14.91 20.88
N PRO A 229 21.83 -13.97 19.98
CA PRO A 229 22.49 -12.71 20.37
C PRO A 229 21.54 -11.59 20.80
N LEU A 230 20.24 -11.83 20.76
CA LEU A 230 19.26 -10.80 21.12
C LEU A 230 19.09 -10.68 22.63
N LYS A 231 19.03 -11.81 23.33
CA LYS A 231 18.83 -11.82 24.78
C LYS A 231 20.11 -11.56 25.55
N VAL A 232 21.20 -11.22 24.86
CA VAL A 232 22.48 -11.01 25.53
C VAL A 232 22.39 -9.87 26.54
N ASP A 233 21.72 -8.77 26.17
CA ASP A 233 21.63 -7.62 27.07
C ASP A 233 20.88 -7.97 28.35
N SER A 234 19.78 -8.72 28.23
CA SER A 234 18.94 -9.02 29.39
C SER A 234 19.52 -10.10 30.28
N LEU A 235 20.41 -10.95 29.77
CA LEU A 235 20.94 -12.07 30.52
C LEU A 235 22.27 -11.75 31.19
N SER A 236 22.50 -10.51 31.57
CA SER A 236 23.72 -10.11 32.26
C SER A 236 23.55 -10.09 33.79
N GLN A 237 22.38 -10.48 34.28
CA GLN A 237 22.09 -10.53 35.72
C GLN A 237 21.60 -11.92 36.11
N GLN A 238 22.23 -12.95 35.54
CA GLN A 238 21.82 -14.32 35.77
C GLN A 238 22.51 -14.85 37.04
N LYS A 239 22.42 -16.16 37.25
CA LYS A 239 22.98 -16.78 38.45
C LYS A 239 24.48 -16.95 38.33
N LEU A 240 25.24 -15.92 38.71
CA LEU A 240 26.68 -16.00 38.75
C LEU A 240 27.15 -15.92 40.20
N PRO A 241 27.48 -17.06 40.80
CA PRO A 241 27.83 -17.05 42.23
C PRO A 241 29.17 -16.36 42.52
N GLU A 242 29.56 -16.35 43.78
CA GLU A 242 30.80 -15.69 44.18
C GLU A 242 32.01 -16.37 43.53
N GLY A 243 33.01 -15.56 43.22
CA GLY A 243 34.18 -16.07 42.53
C GLY A 243 34.06 -16.12 41.03
N SER A 244 33.10 -15.39 40.45
CA SER A 244 32.89 -15.39 39.00
C SER A 244 32.38 -14.02 38.59
N LYS A 245 32.49 -13.73 37.30
CA LYS A 245 31.81 -12.58 36.73
C LYS A 245 31.54 -12.85 35.25
N TRP A 246 30.54 -12.15 34.72
CA TRP A 246 30.06 -12.34 33.37
C TRP A 246 30.70 -11.30 32.45
N GLN A 247 31.28 -11.76 31.34
CA GLN A 247 31.72 -10.86 30.27
C GLN A 247 31.29 -11.45 28.93
N ASP A 248 31.22 -10.59 27.93
CA ASP A 248 30.68 -10.96 26.63
C ASP A 248 31.13 -9.95 25.59
N TRP A 249 30.68 -10.14 24.36
CA TRP A 249 31.13 -9.34 23.24
C TRP A 249 30.24 -8.12 22.98
N ARG A 250 29.24 -7.87 23.82
CA ARG A 250 28.36 -6.72 23.59
C ARG A 250 29.02 -5.40 23.94
N ASP A 251 29.83 -5.36 25.00
CA ASP A 251 30.49 -4.14 25.43
C ASP A 251 31.97 -4.29 25.78
N ARG A 252 32.43 -5.48 26.14
CA ARG A 252 33.85 -5.68 26.43
C ARG A 252 34.68 -5.57 25.16
N LYS A 253 34.44 -6.47 24.20
CA LYS A 253 35.21 -6.51 22.98
C LYS A 253 34.27 -6.67 21.80
N GLY A 254 34.64 -6.06 20.68
CA GLY A 254 33.78 -6.09 19.50
C GLY A 254 32.44 -5.41 19.70
N GLU A 255 32.41 -4.32 20.45
CA GLU A 255 31.16 -3.63 20.74
C GLU A 255 30.57 -2.95 19.53
N LEU A 256 31.37 -2.70 18.49
CA LEU A 256 30.85 -2.07 17.28
C LEU A 256 29.80 -2.95 16.61
N PHE A 257 30.06 -4.27 16.57
CA PHE A 257 29.09 -5.19 16.00
C PHE A 257 27.77 -5.13 16.78
N GLN A 258 27.85 -5.12 18.11
CA GLN A 258 26.64 -5.09 18.92
C GLN A 258 25.88 -3.77 18.73
N ALA A 259 26.61 -2.65 18.66
CA ALA A 259 25.95 -1.37 18.47
C ALA A 259 25.26 -1.30 17.12
N VAL A 260 25.93 -1.76 16.07
CA VAL A 260 25.31 -1.73 14.75
C VAL A 260 24.16 -2.72 14.68
N ARG A 261 24.22 -3.82 15.43
CA ARG A 261 23.10 -4.76 15.47
C ARG A 261 21.90 -4.16 16.18
N MET A 262 22.11 -3.45 17.29
CA MET A 262 21.00 -2.76 17.94
C MET A 262 20.38 -1.72 17.02
N GLU A 263 21.23 -0.93 16.34
CA GLU A 263 20.71 0.08 15.43
C GLU A 263 19.95 -0.57 14.27
N LYS A 264 20.47 -1.66 13.72
CA LYS A 264 19.80 -2.36 12.63
C LYS A 264 18.47 -2.93 13.09
N ASN A 265 18.42 -3.47 14.31
CA ASN A 265 17.15 -3.99 14.83
C ASN A 265 16.14 -2.87 15.00
N MET A 266 16.57 -1.72 15.52
CA MET A 266 15.64 -0.61 15.70
C MET A 266 15.09 -0.13 14.36
N MET A 267 15.97 0.06 13.37
CA MET A 267 15.47 0.47 12.07
C MET A 267 14.68 -0.64 11.36
N GLY A 268 14.98 -1.90 11.65
CA GLY A 268 14.17 -2.97 11.09
C GLY A 268 12.76 -2.96 11.63
N LEU A 269 12.61 -2.76 12.94
CA LEU A 269 11.26 -2.65 13.49
C LEU A 269 10.58 -1.39 13.00
N LEU A 270 11.33 -0.32 12.78
CA LEU A 270 10.74 0.89 12.21
C LEU A 270 10.18 0.62 10.81
N LEU A 271 10.98 -0.01 9.95
CA LEU A 271 10.51 -0.32 8.60
C LEU A 271 9.36 -1.32 8.63
N SER A 272 9.40 -2.27 9.56
CA SER A 272 8.29 -3.22 9.69
C SER A 272 7.01 -2.52 10.10
N LEU A 273 7.10 -1.57 11.03
CA LEU A 273 5.92 -0.79 11.40
C LEU A 273 5.40 0.03 10.22
N ILE A 274 6.31 0.61 9.44
CA ILE A 274 5.89 1.41 8.30
C ILE A 274 5.19 0.54 7.25
N VAL A 275 5.75 -0.64 6.96
CA VAL A 275 5.09 -1.54 6.01
C VAL A 275 3.76 -2.03 6.58
N ALA A 276 3.67 -2.22 7.89
CA ALA A 276 2.40 -2.64 8.48
C ALA A 276 1.34 -1.56 8.35
N VAL A 277 1.70 -0.29 8.55
CA VAL A 277 0.71 0.76 8.41
C VAL A 277 0.34 0.96 6.94
N ALA A 278 1.28 0.72 6.01
CA ALA A 278 0.92 0.71 4.60
C ALA A 278 -0.06 -0.43 4.29
N ALA A 279 0.14 -1.59 4.91
CA ALA A 279 -0.79 -2.69 4.75
C ALA A 279 -2.17 -2.34 5.30
N PHE A 280 -2.21 -1.61 6.42
CA PHE A 280 -3.49 -1.13 6.93
C PHE A 280 -4.16 -0.19 5.93
N ASN A 281 -3.38 0.72 5.36
CA ASN A 281 -3.95 1.63 4.38
C ASN A 281 -4.44 0.90 3.13
N ILE A 282 -3.86 -0.25 2.80
CA ILE A 282 -4.33 -1.00 1.64
C ILE A 282 -5.46 -1.98 1.99
N ILE A 283 -5.64 -2.33 3.26
CA ILE A 283 -6.89 -3.00 3.62
C ILE A 283 -8.04 -2.00 3.61
N THR A 284 -7.77 -0.72 3.85
CA THR A 284 -8.82 0.28 3.65
C THR A 284 -9.30 0.29 2.20
N SER A 285 -8.48 -0.18 1.27
CA SER A 285 -8.92 -0.29 -0.12
C SER A 285 -10.09 -1.24 -0.25
N LEU A 286 -9.99 -2.44 0.33
CA LEU A 286 -11.14 -3.33 0.28
C LEU A 286 -12.25 -2.84 1.21
N GLY A 287 -11.90 -2.11 2.26
CA GLY A 287 -12.92 -1.52 3.12
C GLY A 287 -13.81 -0.55 2.37
N LEU A 288 -13.25 0.17 1.41
CA LEU A 288 -14.08 1.00 0.54
C LEU A 288 -14.65 0.21 -0.63
N MET A 289 -13.98 -0.87 -1.05
CA MET A 289 -14.51 -1.70 -2.12
C MET A 289 -15.85 -2.33 -1.74
N VAL A 290 -15.95 -2.83 -0.50
CA VAL A 290 -17.23 -3.35 -0.04
C VAL A 290 -18.27 -2.23 0.06
N MET A 291 -17.86 -1.04 0.47
CA MET A 291 -18.76 0.11 0.52
C MET A 291 -19.16 0.59 -0.87
N GLU A 292 -18.43 0.19 -1.91
CA GLU A 292 -18.81 0.54 -3.28
C GLU A 292 -20.00 -0.26 -3.78
N LYS A 293 -20.26 -1.43 -3.20
CA LYS A 293 -21.41 -2.24 -3.59
C LYS A 293 -22.56 -2.01 -2.64
N GLN A 294 -23.01 -0.75 -2.59
CA GLN A 294 -24.20 -0.41 -1.82
C GLN A 294 -25.47 -0.84 -2.53
N GLY A 295 -25.52 -0.69 -3.85
CA GLY A 295 -26.69 -1.11 -4.58
C GLY A 295 -26.95 -2.60 -4.46
N GLU A 296 -25.89 -3.40 -4.61
CA GLU A 296 -26.05 -4.86 -4.53
C GLU A 296 -26.44 -5.30 -3.13
N VAL A 297 -25.82 -4.74 -2.10
CA VAL A 297 -26.17 -5.15 -0.73
C VAL A 297 -27.61 -4.73 -0.43
N ALA A 298 -28.03 -3.57 -0.90
CA ALA A 298 -29.41 -3.15 -0.65
C ALA A 298 -30.40 -4.00 -1.44
N ILE A 299 -30.05 -4.42 -2.65
CA ILE A 299 -30.94 -5.31 -3.40
C ILE A 299 -31.06 -6.65 -2.69
N LEU A 300 -29.94 -7.21 -2.23
CA LEU A 300 -29.98 -8.47 -1.51
C LEU A 300 -30.80 -8.34 -0.23
N GLN A 301 -30.63 -7.24 0.50
CA GLN A 301 -31.43 -7.03 1.69
C GLN A 301 -32.90 -6.85 1.36
N THR A 302 -33.20 -6.36 0.16
CA THR A 302 -34.58 -6.35 -0.30
C THR A 302 -35.09 -7.74 -0.59
N GLN A 303 -34.20 -8.65 -0.99
CA GLN A 303 -34.55 -10.05 -1.24
C GLN A 303 -34.84 -10.82 0.04
N GLY A 304 -34.81 -10.17 1.19
CA GLY A 304 -35.02 -10.86 2.45
C GLY A 304 -33.80 -11.55 3.01
N LEU A 305 -32.61 -11.06 2.68
CA LEU A 305 -31.37 -11.67 3.14
C LEU A 305 -30.89 -10.91 4.38
N THR A 306 -30.78 -11.62 5.50
CA THR A 306 -30.59 -10.97 6.79
C THR A 306 -29.24 -10.25 6.85
N PRO A 307 -29.15 -9.16 7.62
CA PRO A 307 -27.89 -8.41 7.67
C PRO A 307 -26.68 -9.22 8.09
N ARG A 308 -26.85 -10.15 9.03
CA ARG A 308 -25.74 -11.01 9.43
C ARG A 308 -25.26 -11.86 8.28
N GLN A 309 -26.17 -12.26 7.39
CA GLN A 309 -25.76 -13.04 6.24
C GLN A 309 -24.98 -12.18 5.25
N ILE A 310 -25.33 -10.88 5.13
CA ILE A 310 -24.48 -9.97 4.36
C ILE A 310 -23.11 -9.83 5.00
N MET A 311 -23.06 -9.73 6.33
CA MET A 311 -21.77 -9.71 7.02
C MET A 311 -20.95 -10.94 6.65
N MET A 312 -21.59 -12.12 6.63
CA MET A 312 -20.90 -13.34 6.24
C MET A 312 -20.44 -13.28 4.79
N VAL A 313 -21.28 -12.74 3.90
CA VAL A 313 -20.91 -12.67 2.48
C VAL A 313 -19.65 -11.82 2.30
N PHE A 314 -19.65 -10.62 2.88
CA PHE A 314 -18.51 -9.74 2.69
C PHE A 314 -17.29 -10.20 3.48
N MET A 315 -17.50 -10.83 4.64
CA MET A 315 -16.38 -11.43 5.35
C MET A 315 -15.75 -12.56 4.56
N VAL A 316 -16.56 -13.36 3.87
CA VAL A 316 -16.01 -14.44 3.06
C VAL A 316 -15.30 -13.89 1.83
N GLN A 317 -15.84 -12.83 1.23
CA GLN A 317 -15.12 -12.19 0.12
C GLN A 317 -13.76 -11.66 0.59
N GLY A 318 -13.75 -10.98 1.74
CA GLY A 318 -12.51 -10.48 2.28
C GLY A 318 -11.53 -11.58 2.64
N ALA A 319 -12.04 -12.68 3.20
CA ALA A 319 -11.18 -13.80 3.56
C ALA A 319 -10.62 -14.50 2.33
N SER A 320 -11.42 -14.62 1.27
CA SER A 320 -10.90 -15.20 0.03
C SER A 320 -9.82 -14.31 -0.57
N ALA A 321 -10.06 -13.00 -0.58
CA ALA A 321 -9.02 -12.08 -1.04
C ALA A 321 -7.77 -12.20 -0.17
N GLY A 322 -7.95 -12.33 1.14
CA GLY A 322 -6.81 -12.43 2.03
C GLY A 322 -6.01 -13.70 1.82
N ILE A 323 -6.70 -14.84 1.65
CA ILE A 323 -5.97 -16.09 1.46
C ILE A 323 -5.27 -16.11 0.11
N ILE A 324 -5.91 -15.59 -0.94
CA ILE A 324 -5.24 -15.53 -2.24
C ILE A 324 -4.02 -14.63 -2.16
N GLY A 325 -4.18 -13.45 -1.54
CA GLY A 325 -3.06 -12.55 -1.38
C GLY A 325 -1.95 -13.14 -0.55
N ALA A 326 -2.29 -13.86 0.52
CA ALA A 326 -1.27 -14.45 1.38
C ALA A 326 -0.51 -15.57 0.68
N ILE A 327 -1.22 -16.45 -0.04
CA ILE A 327 -0.51 -17.54 -0.70
C ILE A 327 0.35 -17.00 -1.85
N LEU A 328 -0.13 -15.99 -2.57
CA LEU A 328 0.73 -15.40 -3.60
C LEU A 328 1.89 -14.62 -3.00
N GLY A 329 1.69 -13.96 -1.85
CA GLY A 329 2.79 -13.29 -1.19
C GLY A 329 3.86 -14.27 -0.73
N ALA A 330 3.44 -15.40 -0.17
CA ALA A 330 4.39 -16.44 0.20
C ALA A 330 5.10 -17.00 -1.04
N ALA A 331 4.35 -17.21 -2.12
CA ALA A 331 4.95 -17.76 -3.34
C ALA A 331 6.01 -16.84 -3.91
N LEU A 332 5.73 -15.54 -3.96
CA LEU A 332 6.71 -14.58 -4.48
C LEU A 332 7.75 -14.16 -3.46
N GLY A 333 7.57 -14.49 -2.18
CA GLY A 333 8.63 -14.26 -1.21
C GLY A 333 9.58 -15.44 -1.10
N ALA A 334 9.12 -16.64 -1.47
CA ALA A 334 9.98 -17.81 -1.45
C ALA A 334 10.57 -18.11 -2.83
N LEU A 335 9.71 -18.37 -3.81
CA LEU A 335 10.18 -18.74 -5.14
C LEU A 335 10.86 -17.57 -5.83
N LEU A 336 10.49 -16.33 -5.49
CA LEU A 336 11.05 -15.15 -6.13
C LEU A 336 11.64 -14.20 -5.09
N ALA A 337 12.27 -14.74 -4.06
CA ALA A 337 13.07 -13.92 -3.16
C ALA A 337 14.24 -13.33 -3.93
N SER A 338 15.14 -14.20 -4.39
CA SER A 338 16.21 -13.80 -5.30
C SER A 338 16.50 -14.86 -6.35
N GLN A 339 15.68 -15.91 -6.43
CA GLN A 339 15.95 -17.11 -7.23
C GLN A 339 15.75 -16.92 -8.73
N LEU A 340 15.51 -15.72 -9.26
CA LEU A 340 15.37 -15.50 -10.70
C LEU A 340 16.46 -14.55 -11.16
N ASN A 341 17.53 -15.10 -11.75
CA ASN A 341 18.65 -14.36 -12.33
C ASN A 341 19.23 -13.32 -11.37
N ASN A 342 19.03 -13.51 -10.06
CA ASN A 342 19.61 -12.65 -9.03
C ASN A 342 19.24 -11.19 -9.22
N LEU A 343 18.02 -10.94 -9.69
CA LEU A 343 17.43 -9.62 -9.92
C LEU A 343 18.17 -8.81 -10.97
N MET A 344 19.06 -9.43 -11.75
CA MET A 344 19.80 -8.81 -12.85
C MET A 344 20.50 -7.54 -12.37
N PRO A 345 21.55 -7.65 -11.56
CA PRO A 345 22.11 -6.47 -10.90
C PRO A 345 22.97 -5.59 -11.80
N ILE A 346 23.13 -5.91 -13.09
CA ILE A 346 24.03 -5.13 -13.93
C ILE A 346 23.45 -3.76 -14.25
N ILE A 347 22.15 -3.56 -13.99
CA ILE A 347 21.52 -2.30 -14.31
C ILE A 347 22.11 -1.18 -13.44
N GLY A 348 22.02 0.05 -13.94
CA GLY A 348 22.58 1.20 -13.25
C GLY A 348 21.77 1.64 -12.05
N VAL A 349 21.57 0.72 -11.10
CA VAL A 349 20.82 1.02 -9.88
C VAL A 349 21.73 0.67 -8.71
N LEU A 350 22.94 0.17 -9.03
CA LEU A 350 23.94 -0.24 -8.03
C LEU A 350 23.38 -1.38 -7.17
N LEU A 351 23.00 -2.47 -7.83
CA LEU A 351 22.53 -3.65 -7.12
C LEU A 351 23.68 -4.64 -6.93
N ASP A 352 23.73 -5.23 -5.74
CA ASP A 352 24.77 -6.21 -5.41
C ASP A 352 24.11 -7.59 -5.38
N GLY A 353 24.34 -8.36 -6.44
CA GLY A 353 23.73 -9.67 -6.56
C GLY A 353 24.46 -10.76 -5.80
N ALA A 354 25.73 -10.51 -5.46
CA ALA A 354 26.52 -11.51 -4.74
C ALA A 354 26.06 -11.69 -3.30
N ALA A 355 25.51 -10.64 -2.69
CA ALA A 355 25.05 -10.71 -1.29
C ALA A 355 23.57 -11.10 -1.28
N LEU A 356 23.34 -12.37 -0.97
CA LEU A 356 21.98 -12.93 -0.88
C LEU A 356 21.84 -13.66 0.46
N PRO A 357 21.75 -12.91 1.57
CA PRO A 357 21.57 -13.56 2.89
C PRO A 357 20.10 -13.80 3.20
N VAL A 358 19.51 -14.75 2.47
CA VAL A 358 18.08 -15.03 2.54
C VAL A 358 17.87 -16.36 3.23
N ALA A 359 16.95 -16.39 4.20
CA ALA A 359 16.57 -17.62 4.89
C ALA A 359 15.08 -17.53 5.20
N ILE A 360 14.27 -18.21 4.38
CA ILE A 360 12.82 -18.13 4.49
C ILE A 360 12.40 -18.97 5.69
N GLU A 361 12.12 -18.30 6.79
CA GLU A 361 11.66 -18.98 8.00
C GLU A 361 10.21 -19.37 7.83
N PRO A 362 9.87 -20.67 7.90
CA PRO A 362 8.46 -21.07 7.71
C PRO A 362 7.53 -20.48 8.76
N LEU A 363 7.94 -20.42 10.02
CA LEU A 363 7.06 -19.92 11.06
C LEU A 363 6.67 -18.47 10.81
N GLN A 364 7.65 -17.65 10.41
CA GLN A 364 7.38 -16.24 10.17
C GLN A 364 6.47 -16.02 8.98
N VAL A 365 6.69 -16.75 7.88
CA VAL A 365 5.82 -16.56 6.72
C VAL A 365 4.40 -17.05 7.04
N ILE A 366 4.28 -18.15 7.79
CA ILE A 366 2.95 -18.62 8.18
C ILE A 366 2.24 -17.61 9.05
N VAL A 367 2.93 -17.05 10.05
CA VAL A 367 2.26 -16.10 10.94
C VAL A 367 1.90 -14.81 10.21
N ILE A 368 2.77 -14.36 9.29
CA ILE A 368 2.47 -13.16 8.53
C ILE A 368 1.26 -13.38 7.63
N ALA A 369 1.21 -14.52 6.93
CA ALA A 369 0.07 -14.81 6.09
C ALA A 369 -1.22 -14.94 6.90
N LEU A 370 -1.14 -15.58 8.07
CA LEU A 370 -2.33 -15.73 8.90
C LEU A 370 -2.82 -14.38 9.40
N VAL A 371 -1.91 -13.50 9.81
CA VAL A 371 -2.33 -12.17 10.24
C VAL A 371 -2.92 -11.39 9.08
N ALA A 372 -2.35 -11.52 7.88
CA ALA A 372 -2.91 -10.84 6.72
C ALA A 372 -4.33 -11.31 6.43
N MET A 373 -4.55 -12.62 6.48
CA MET A 373 -5.89 -13.16 6.25
C MET A 373 -6.87 -12.71 7.34
N ALA A 374 -6.43 -12.73 8.60
CA ALA A 374 -7.30 -12.32 9.69
C ALA A 374 -7.69 -10.86 9.56
N ILE A 375 -6.73 -10.00 9.19
CA ILE A 375 -7.03 -8.58 8.99
C ILE A 375 -7.95 -8.39 7.79
N ALA A 376 -7.72 -9.15 6.71
CA ALA A 376 -8.55 -9.03 5.53
C ALA A 376 -9.99 -9.45 5.78
N LEU A 377 -10.23 -10.37 6.71
CA LEU A 377 -11.62 -10.67 7.03
C LEU A 377 -12.18 -9.71 8.08
N LEU A 378 -11.34 -9.29 9.03
CA LEU A 378 -11.80 -8.42 10.12
C LEU A 378 -12.09 -7.01 9.65
N SER A 379 -11.53 -6.57 8.53
CA SER A 379 -11.76 -5.23 8.04
C SER A 379 -13.06 -5.07 7.26
N THR A 380 -13.84 -6.15 7.10
CA THR A 380 -15.16 -6.08 6.51
C THR A 380 -16.26 -6.27 7.55
N LEU A 381 -16.05 -5.74 8.76
CA LEU A 381 -17.04 -5.83 9.83
C LEU A 381 -17.76 -4.51 10.08
N TYR A 382 -17.02 -3.39 10.13
CA TYR A 382 -17.67 -2.09 10.26
C TYR A 382 -18.24 -1.64 8.91
N PRO A 383 -17.53 -1.79 7.79
CA PRO A 383 -18.17 -1.47 6.50
C PRO A 383 -19.41 -2.28 6.22
N SER A 384 -19.41 -3.58 6.57
CA SER A 384 -20.57 -4.41 6.30
C SER A 384 -21.74 -4.06 7.21
N TRP A 385 -21.46 -3.82 8.49
CA TRP A 385 -22.54 -3.41 9.40
C TRP A 385 -23.10 -2.06 9.00
N ARG A 386 -22.25 -1.14 8.54
CA ARG A 386 -22.75 0.14 8.04
C ARG A 386 -23.58 -0.04 6.78
N ALA A 387 -23.17 -0.93 5.88
CA ALA A 387 -23.94 -1.19 4.66
C ALA A 387 -25.30 -1.79 4.98
N ALA A 388 -25.35 -2.72 5.93
CA ALA A 388 -26.61 -3.35 6.31
C ALA A 388 -27.45 -2.49 7.26
N ALA A 389 -26.86 -1.46 7.87
CA ALA A 389 -27.62 -0.59 8.76
C ALA A 389 -28.51 0.36 7.98
N THR A 390 -28.09 0.79 6.80
CA THR A 390 -28.90 1.65 5.96
C THR A 390 -29.98 0.81 5.30
N GLN A 391 -31.23 1.20 5.50
CA GLN A 391 -32.36 0.50 4.90
C GLN A 391 -32.21 0.55 3.38
N PRO A 392 -32.98 -0.27 2.65
CA PRO A 392 -32.88 -0.25 1.19
C PRO A 392 -33.36 1.07 0.59
N ALA A 393 -32.71 2.16 1.00
CA ALA A 393 -32.91 3.49 0.45
C ALA A 393 -31.86 3.81 -0.60
N GLU A 394 -31.53 2.82 -1.43
CA GLU A 394 -30.49 2.97 -2.45
C GLU A 394 -31.01 3.74 -3.65
N ALA A 395 -31.52 4.95 -3.39
CA ALA A 395 -31.89 5.87 -4.46
C ALA A 395 -30.65 6.63 -4.91
N LEU A 396 -29.60 5.83 -5.18
CA LEU A 396 -28.31 6.34 -5.66
C LEU A 396 -27.75 7.40 -4.74
N ARG A 397 -27.92 7.21 -3.44
CA ARG A 397 -27.28 8.09 -2.45
C ARG A 397 -25.78 7.85 -2.44
N ASN B 2 -61.31 -9.57 2.89
CA ASN B 2 -61.31 -8.67 4.06
C ASN B 2 -59.95 -8.03 4.23
N LYS B 3 -59.94 -6.78 4.72
CA LYS B 3 -58.69 -6.04 4.87
C LYS B 3 -57.84 -6.63 5.99
N ILE B 4 -56.89 -7.50 5.61
CA ILE B 4 -56.06 -8.17 6.59
C ILE B 4 -54.58 -7.92 6.33
N LEU B 5 -54.16 -8.04 5.07
CA LEU B 5 -52.73 -8.05 4.74
C LEU B 5 -52.05 -6.77 5.21
N LEU B 6 -52.42 -5.63 4.62
CA LEU B 6 -51.66 -4.41 4.81
C LEU B 6 -52.58 -3.30 5.28
N GLN B 7 -52.29 -2.75 6.48
CA GLN B 7 -53.12 -1.69 7.03
C GLN B 7 -52.20 -0.51 7.36
N CYS B 8 -52.13 0.45 6.43
CA CYS B 8 -51.27 1.60 6.62
C CYS B 8 -52.07 2.81 7.09
N ASP B 9 -51.65 3.41 8.20
CA ASP B 9 -52.37 4.55 8.76
C ASP B 9 -51.40 5.64 9.20
N ASN B 10 -51.78 6.89 8.94
CA ASN B 10 -51.08 8.08 9.43
C ASN B 10 -49.64 8.13 8.93
N LEU B 11 -49.36 7.51 7.79
CA LEU B 11 -47.99 7.43 7.27
C LEU B 11 -47.58 8.79 6.73
N CYS B 12 -46.44 9.29 7.18
CA CYS B 12 -45.90 10.58 6.77
C CYS B 12 -44.39 10.48 6.63
N LYS B 13 -43.83 11.30 5.74
CA LYS B 13 -42.39 11.27 5.51
C LYS B 13 -41.86 12.66 5.21
N ARG B 14 -41.15 13.25 6.18
CA ARG B 14 -40.50 14.55 6.03
C ARG B 14 -39.09 14.43 6.64
N TYR B 15 -38.12 14.06 5.80
CA TYR B 15 -36.75 13.85 6.24
C TYR B 15 -35.80 14.62 5.32
N GLN B 16 -35.50 15.87 5.67
CA GLN B 16 -34.57 16.66 4.88
C GLN B 16 -33.93 17.74 5.74
N GLU B 17 -33.04 18.53 5.15
CA GLU B 17 -32.37 19.61 5.87
C GLU B 17 -33.37 20.59 6.41
N GLY B 18 -33.05 21.28 7.49
CA GLY B 18 -34.02 22.15 8.14
C GLY B 18 -34.58 23.25 7.26
N SER B 19 -35.87 23.56 7.41
CA SER B 19 -36.55 24.58 6.59
C SER B 19 -36.89 24.12 5.16
N VAL B 20 -35.91 23.62 4.41
CA VAL B 20 -36.17 23.13 3.08
C VAL B 20 -36.96 21.83 3.10
N GLN B 21 -36.94 21.11 4.22
CA GLN B 21 -37.71 19.85 4.38
C GLN B 21 -38.98 19.74 3.55
N THR B 22 -38.89 19.04 2.41
CA THR B 22 -40.08 18.88 1.58
C THR B 22 -40.86 17.66 2.06
N ASP B 23 -42.15 17.88 2.35
CA ASP B 23 -43.04 16.77 2.66
C ASP B 23 -43.59 16.17 1.37
N VAL B 24 -43.73 14.85 1.36
CA VAL B 24 -44.11 14.14 0.14
C VAL B 24 -45.38 13.33 0.41
N LEU B 25 -45.64 13.03 1.68
CA LEU B 25 -46.82 12.26 2.06
C LEU B 25 -47.43 12.89 3.31
N HIS B 26 -48.75 12.76 3.46
CA HIS B 26 -49.42 13.31 4.64
C HIS B 26 -50.66 12.48 4.90
N ASN B 27 -50.61 11.63 5.93
CA ASN B 27 -51.77 10.88 6.42
C ASN B 27 -52.38 10.02 5.31
N VAL B 28 -51.59 9.09 4.81
CA VAL B 28 -52.03 8.14 3.81
C VAL B 28 -52.40 6.83 4.49
N SER B 29 -53.55 6.26 4.12
CA SER B 29 -54.08 5.06 4.75
C SER B 29 -54.51 4.06 3.67
N PHE B 30 -54.04 2.83 3.78
CA PHE B 30 -54.37 1.76 2.87
C PHE B 30 -54.95 0.58 3.64
N SER B 31 -55.89 -0.12 3.01
CA SER B 31 -56.45 -1.37 3.52
C SER B 31 -56.40 -2.38 2.38
N VAL B 32 -55.37 -3.23 2.38
CA VAL B 32 -55.19 -4.25 1.35
C VAL B 32 -55.43 -5.60 1.99
N GLY B 33 -56.34 -6.38 1.38
CA GLY B 33 -56.64 -7.72 1.86
C GLY B 33 -56.18 -8.79 0.89
N GLU B 34 -56.60 -10.02 1.19
CA GLU B 34 -56.25 -11.16 0.34
C GLU B 34 -56.82 -10.96 -1.06
N GLY B 35 -55.96 -11.14 -2.07
CA GLY B 35 -56.38 -11.10 -3.44
C GLY B 35 -56.90 -9.76 -3.94
N GLU B 36 -56.71 -8.69 -3.19
CA GLU B 36 -57.21 -7.40 -3.61
C GLU B 36 -56.32 -6.84 -4.72
N MET B 37 -56.84 -6.84 -5.94
CA MET B 37 -56.07 -6.48 -7.13
C MET B 37 -56.11 -4.95 -7.20
N MET B 38 -55.05 -4.31 -6.71
CA MET B 38 -55.09 -2.90 -6.32
C MET B 38 -54.06 -2.11 -7.13
N ALA B 39 -54.45 -0.90 -7.55
CA ALA B 39 -53.60 -0.05 -8.37
C ALA B 39 -53.56 1.37 -7.84
N ILE B 40 -52.42 2.03 -8.01
CA ILE B 40 -52.22 3.41 -7.64
C ILE B 40 -51.83 4.20 -8.88
N VAL B 41 -52.55 5.28 -9.14
CA VAL B 41 -52.31 6.14 -10.30
C VAL B 41 -52.07 7.56 -9.79
N GLY B 42 -51.14 8.25 -10.44
CA GLY B 42 -50.86 9.62 -10.07
C GLY B 42 -49.82 10.30 -10.95
N SER B 43 -49.83 11.63 -10.94
CA SER B 43 -48.85 12.38 -11.70
C SER B 43 -47.45 12.18 -11.12
N SER B 44 -46.43 12.37 -11.96
CA SER B 44 -45.06 12.15 -11.52
C SER B 44 -44.70 13.12 -10.39
N GLY B 45 -43.91 12.64 -9.44
CA GLY B 45 -43.50 13.46 -8.32
C GLY B 45 -44.53 13.63 -7.24
N SER B 46 -45.63 12.88 -7.30
CA SER B 46 -46.72 13.03 -6.34
C SER B 46 -46.57 12.15 -5.11
N GLY B 47 -45.58 11.26 -5.07
CA GLY B 47 -45.38 10.43 -3.89
C GLY B 47 -45.92 9.01 -4.03
N LYS B 48 -45.61 8.35 -5.14
CA LYS B 48 -46.04 6.97 -5.35
C LYS B 48 -44.94 5.97 -5.05
N SER B 49 -43.78 6.11 -5.70
CA SER B 49 -42.68 5.19 -5.44
C SER B 49 -42.18 5.29 -4.00
N THR B 50 -42.15 6.50 -3.44
CA THR B 50 -41.79 6.65 -2.04
C THR B 50 -42.77 5.91 -1.15
N LEU B 51 -44.07 5.97 -1.47
CA LEU B 51 -45.07 5.30 -0.67
C LEU B 51 -44.85 3.79 -0.62
N LEU B 52 -44.53 3.18 -1.77
CA LEU B 52 -44.30 1.75 -1.77
C LEU B 52 -42.96 1.39 -1.14
N HIS B 53 -41.90 2.15 -1.42
CA HIS B 53 -40.64 1.91 -0.74
C HIS B 53 -40.80 2.04 0.77
N LEU B 54 -41.80 2.79 1.22
CA LEU B 54 -41.98 3.01 2.65
C LEU B 54 -42.84 1.91 3.28
N LEU B 55 -43.95 1.54 2.63
CA LEU B 55 -44.82 0.52 3.22
C LEU B 55 -44.24 -0.88 3.02
N GLY B 56 -43.27 -1.02 2.12
CA GLY B 56 -42.62 -2.31 1.96
C GLY B 56 -41.58 -2.57 3.03
N GLY B 57 -41.34 -1.58 3.90
CA GLY B 57 -40.33 -1.69 4.93
C GLY B 57 -38.94 -1.30 4.49
N LEU B 58 -38.75 -0.99 3.21
CA LEU B 58 -37.43 -0.63 2.69
C LEU B 58 -36.99 0.75 3.13
N ASP B 59 -37.89 1.60 3.59
CA ASP B 59 -37.52 2.89 4.15
C ASP B 59 -38.10 3.05 5.56
N THR B 60 -37.70 4.11 6.25
CA THR B 60 -38.14 4.35 7.60
C THR B 60 -39.12 5.51 7.61
N PRO B 61 -40.37 5.30 8.01
CA PRO B 61 -41.35 6.39 8.01
C PRO B 61 -41.15 7.32 9.21
N THR B 62 -41.33 8.61 8.97
CA THR B 62 -41.20 9.58 10.06
C THR B 62 -42.29 9.40 11.11
N SER B 63 -43.51 9.07 10.67
CA SER B 63 -44.62 8.87 11.60
C SER B 63 -45.62 7.91 10.97
N GLY B 64 -46.55 7.45 11.80
CA GLY B 64 -47.57 6.53 11.36
C GLY B 64 -47.14 5.08 11.44
N ASP B 65 -48.09 4.19 11.21
CA ASP B 65 -47.86 2.76 11.35
C ASP B 65 -48.23 2.03 10.06
N VAL B 66 -47.31 1.19 9.61
CA VAL B 66 -47.58 0.24 8.53
C VAL B 66 -47.52 -1.15 9.16
N ILE B 67 -48.64 -1.86 9.11
CA ILE B 67 -48.75 -3.17 9.74
C ILE B 67 -49.10 -4.20 8.67
N PHE B 68 -48.34 -5.30 8.68
CA PHE B 68 -48.49 -6.39 7.72
C PHE B 68 -48.89 -7.64 8.50
N ASN B 69 -50.10 -8.14 8.25
CA ASN B 69 -50.65 -9.26 9.00
C ASN B 69 -50.66 -8.98 10.50
N GLY B 70 -50.97 -7.73 10.87
CA GLY B 70 -51.11 -7.37 12.27
C GLY B 70 -49.84 -6.87 12.92
N GLN B 71 -48.71 -7.45 12.56
CA GLN B 71 -47.44 -7.07 13.19
C GLN B 71 -46.85 -5.84 12.53
N PRO B 72 -46.60 -4.76 13.25
CA PRO B 72 -46.01 -3.56 12.64
C PRO B 72 -44.57 -3.81 12.20
N MET B 73 -44.19 -3.19 11.09
CA MET B 73 -42.84 -3.34 10.58
C MET B 73 -41.82 -2.51 11.35
N SER B 74 -42.20 -1.33 11.83
CA SER B 74 -41.23 -0.44 12.48
C SER B 74 -40.74 -1.03 13.80
N LYS B 75 -41.62 -1.65 14.58
CA LYS B 75 -41.24 -2.27 15.83
C LYS B 75 -40.53 -3.60 15.66
N LEU B 76 -40.51 -4.14 14.44
CA LEU B 76 -40.03 -5.49 14.20
C LEU B 76 -38.51 -5.49 14.01
N SER B 77 -37.91 -6.66 14.27
CA SER B 77 -36.46 -6.81 14.18
C SER B 77 -36.04 -7.08 12.74
N SER B 78 -34.72 -7.18 12.54
CA SER B 78 -34.17 -7.34 11.21
C SER B 78 -34.44 -8.73 10.64
N ALA B 79 -34.28 -9.76 11.48
CA ALA B 79 -34.42 -11.13 10.98
C ALA B 79 -35.85 -11.41 10.51
N ALA B 80 -36.84 -10.98 11.28
CA ALA B 80 -38.23 -11.20 10.87
C ALA B 80 -38.59 -10.34 9.67
N LYS B 81 -38.00 -9.15 9.57
CA LYS B 81 -38.20 -8.33 8.38
C LYS B 81 -37.67 -9.05 7.14
N ALA B 82 -36.49 -9.66 7.26
CA ALA B 82 -35.94 -10.43 6.15
C ALA B 82 -36.83 -11.62 5.83
N GLU B 83 -37.37 -12.27 6.87
CA GLU B 83 -38.27 -13.40 6.64
C GLU B 83 -39.51 -12.97 5.86
N LEU B 84 -40.09 -11.82 6.23
CA LEU B 84 -41.25 -11.32 5.51
C LEU B 84 -40.89 -11.00 4.06
N ARG B 85 -39.79 -10.28 3.85
CA ARG B 85 -39.37 -9.93 2.50
C ARG B 85 -39.00 -11.14 1.66
N ASN B 86 -38.63 -12.26 2.29
CA ASN B 86 -38.22 -13.45 1.58
C ASN B 86 -39.36 -14.43 1.39
N GLN B 87 -40.45 -14.29 2.14
CA GLN B 87 -41.58 -15.21 2.04
C GLN B 87 -42.91 -14.56 1.68
N LYS B 88 -43.13 -13.28 2.04
CA LYS B 88 -44.46 -12.72 1.88
C LYS B 88 -44.49 -11.49 0.98
N LEU B 89 -43.37 -10.78 0.85
CA LEU B 89 -43.32 -9.55 0.08
C LEU B 89 -42.49 -9.77 -1.17
N GLY B 90 -43.04 -9.38 -2.33
CA GLY B 90 -42.31 -9.39 -3.58
C GLY B 90 -42.30 -8.00 -4.19
N PHE B 91 -41.10 -7.42 -4.28
CA PHE B 91 -40.95 -6.01 -4.64
C PHE B 91 -40.39 -5.89 -6.05
N ILE B 92 -41.10 -5.13 -6.88
CA ILE B 92 -40.61 -4.75 -8.20
C ILE B 92 -40.21 -3.28 -8.13
N TYR B 93 -38.93 -3.01 -8.26
CA TYR B 93 -38.43 -1.65 -8.16
C TYR B 93 -38.83 -0.84 -9.39
N GLN B 94 -38.82 0.48 -9.25
CA GLN B 94 -39.19 1.35 -10.37
C GLN B 94 -38.22 1.17 -11.52
N PHE B 95 -36.92 1.11 -11.23
CA PHE B 95 -35.93 0.81 -12.24
C PHE B 95 -35.61 -0.68 -12.18
N HIS B 96 -34.61 -1.12 -12.93
CA HIS B 96 -34.28 -2.54 -12.92
C HIS B 96 -33.80 -3.01 -11.55
N HIS B 97 -32.80 -2.33 -10.99
CA HIS B 97 -32.20 -2.66 -9.70
C HIS B 97 -31.98 -4.17 -9.55
N LEU B 98 -31.31 -4.75 -10.55
CA LEU B 98 -30.90 -6.14 -10.51
C LEU B 98 -29.45 -6.23 -10.03
N LEU B 99 -28.98 -7.47 -9.88
CA LEU B 99 -27.59 -7.71 -9.53
C LEU B 99 -26.79 -7.85 -10.83
N PRO B 100 -25.83 -6.97 -11.11
CA PRO B 100 -25.11 -7.03 -12.39
C PRO B 100 -24.21 -8.25 -12.52
N ASP B 101 -23.88 -8.92 -11.42
CA ASP B 101 -22.94 -10.03 -11.42
C ASP B 101 -23.57 -11.36 -11.80
N PHE B 102 -24.90 -11.44 -11.87
CA PHE B 102 -25.60 -12.71 -12.03
C PHE B 102 -26.42 -12.69 -13.31
N THR B 103 -26.46 -13.83 -13.99
CA THR B 103 -27.26 -13.94 -15.20
C THR B 103 -28.74 -13.77 -14.87
N ALA B 104 -29.57 -13.75 -15.90
CA ALA B 104 -31.00 -13.52 -15.70
C ALA B 104 -31.62 -14.61 -14.83
N LEU B 105 -31.28 -15.87 -15.09
CA LEU B 105 -31.87 -16.97 -14.32
C LEU B 105 -31.48 -16.88 -12.85
N GLU B 106 -30.21 -16.55 -12.58
CA GLU B 106 -29.78 -16.44 -11.19
C GLU B 106 -30.38 -15.21 -10.53
N ASN B 107 -30.51 -14.11 -11.25
CA ASN B 107 -31.19 -12.94 -10.69
C ASN B 107 -32.64 -13.24 -10.35
N VAL B 108 -33.31 -14.05 -11.16
CA VAL B 108 -34.65 -14.49 -10.84
C VAL B 108 -34.69 -15.45 -9.65
N ALA B 109 -33.68 -16.33 -9.52
CA ALA B 109 -33.73 -17.38 -8.51
C ALA B 109 -33.08 -17.00 -7.19
N MET B 110 -32.52 -15.79 -7.07
CA MET B 110 -31.99 -15.36 -5.77
C MET B 110 -32.97 -15.50 -4.60
N PRO B 111 -34.25 -15.12 -4.72
CA PRO B 111 -35.15 -15.35 -3.58
C PRO B 111 -35.25 -16.81 -3.18
N LEU B 112 -35.31 -17.71 -4.16
CA LEU B 112 -35.35 -19.14 -3.85
C LEU B 112 -34.05 -19.60 -3.20
N LEU B 113 -32.91 -19.15 -3.72
CA LEU B 113 -31.62 -19.54 -3.16
C LEU B 113 -31.49 -19.04 -1.73
N ILE B 114 -31.99 -17.84 -1.44
CA ILE B 114 -31.96 -17.33 -0.08
C ILE B 114 -32.97 -18.04 0.82
N GLY B 115 -34.04 -18.58 0.25
CA GLY B 115 -35.03 -19.30 1.02
C GLY B 115 -34.63 -20.69 1.45
N LYS B 116 -33.38 -21.10 1.18
CA LYS B 116 -32.87 -22.43 1.54
C LYS B 116 -33.74 -23.53 0.94
N LYS B 117 -33.90 -23.45 -0.37
CA LYS B 117 -34.72 -24.40 -1.12
C LYS B 117 -33.83 -25.36 -1.91
N LYS B 118 -34.44 -26.44 -2.39
CA LYS B 118 -33.71 -27.42 -3.16
C LYS B 118 -33.39 -26.90 -4.56
N PRO B 119 -32.12 -26.90 -4.97
CA PRO B 119 -31.78 -26.31 -6.27
C PRO B 119 -32.45 -26.99 -7.45
N ALA B 120 -32.75 -28.29 -7.34
CA ALA B 120 -33.37 -29.00 -8.45
C ALA B 120 -34.72 -28.42 -8.80
N GLU B 121 -35.52 -28.03 -7.81
CA GLU B 121 -36.78 -27.37 -8.11
C GLU B 121 -36.60 -25.86 -8.24
N ILE B 122 -35.49 -25.32 -7.72
CA ILE B 122 -35.21 -23.90 -7.88
C ILE B 122 -35.06 -23.54 -9.35
N ASN B 123 -34.23 -24.31 -10.06
CA ASN B 123 -34.02 -24.05 -11.48
C ASN B 123 -35.33 -24.23 -12.25
N SER B 124 -36.09 -25.27 -11.91
CA SER B 124 -37.35 -25.52 -12.61
C SER B 124 -38.32 -24.37 -12.42
N ARG B 125 -38.45 -23.87 -11.20
CA ARG B 125 -39.37 -22.76 -10.94
C ARG B 125 -38.91 -21.47 -11.62
N ALA B 126 -37.60 -21.19 -11.60
CA ALA B 126 -37.11 -20.00 -12.28
C ALA B 126 -37.38 -20.08 -13.77
N LEU B 127 -37.14 -21.25 -14.37
CA LEU B 127 -37.42 -21.42 -15.79
C LEU B 127 -38.91 -21.30 -16.08
N GLU B 128 -39.75 -21.81 -15.19
CA GLU B 128 -41.19 -21.66 -15.36
C GLU B 128 -41.58 -20.19 -15.37
N MET B 129 -41.06 -19.41 -14.41
CA MET B 129 -41.40 -17.99 -14.38
C MET B 129 -40.91 -17.26 -15.62
N LEU B 130 -39.70 -17.57 -16.08
CA LEU B 130 -39.19 -16.91 -17.28
C LEU B 130 -40.01 -17.27 -18.51
N LYS B 131 -40.36 -18.56 -18.67
CA LYS B 131 -41.15 -18.94 -19.83
C LYS B 131 -42.55 -18.34 -19.76
N ALA B 132 -43.07 -18.13 -18.56
CA ALA B 132 -44.35 -17.43 -18.41
C ALA B 132 -44.23 -15.97 -18.80
N VAL B 133 -43.19 -15.28 -18.33
CA VAL B 133 -43.01 -13.87 -18.67
C VAL B 133 -42.63 -13.69 -20.14
N GLY B 134 -41.77 -14.55 -20.67
CA GLY B 134 -41.31 -14.45 -22.05
C GLY B 134 -39.81 -14.42 -22.22
N LEU B 135 -39.04 -14.90 -21.23
CA LEU B 135 -37.59 -14.84 -21.28
C LEU B 135 -36.94 -16.21 -21.08
N ASP B 136 -37.48 -17.27 -21.68
CA ASP B 136 -36.84 -18.57 -21.62
C ASP B 136 -35.50 -18.52 -22.34
N HIS B 137 -35.45 -17.83 -23.48
CA HIS B 137 -34.21 -17.73 -24.24
C HIS B 137 -33.29 -16.65 -23.69
N ARG B 138 -33.76 -15.88 -22.72
CA ARG B 138 -33.08 -14.69 -22.24
C ARG B 138 -32.39 -14.94 -20.90
N ALA B 139 -32.36 -16.20 -20.47
CA ALA B 139 -31.86 -16.50 -19.14
C ALA B 139 -30.34 -16.48 -19.07
N ASN B 140 -29.66 -16.61 -20.21
CA ASN B 140 -28.20 -16.67 -20.22
C ASN B 140 -27.55 -15.30 -20.38
N HIS B 141 -28.32 -14.22 -20.38
CA HIS B 141 -27.77 -12.88 -20.53
C HIS B 141 -27.66 -12.20 -19.17
N ARG B 142 -26.52 -11.56 -18.92
CA ARG B 142 -26.36 -10.76 -17.73
C ARG B 142 -27.17 -9.47 -17.85
N PRO B 143 -27.45 -8.78 -16.74
CA PRO B 143 -28.21 -7.53 -16.83
C PRO B 143 -27.54 -6.49 -17.69
N SER B 144 -26.20 -6.42 -17.67
CA SER B 144 -25.48 -5.51 -18.55
C SER B 144 -25.73 -5.81 -20.02
N GLU B 145 -26.09 -7.06 -20.35
CA GLU B 145 -26.46 -7.43 -21.71
C GLU B 145 -27.96 -7.48 -21.89
N LEU B 146 -28.72 -7.02 -20.91
CA LEU B 146 -30.17 -7.00 -20.95
C LEU B 146 -30.67 -5.59 -21.26
N SER B 147 -31.92 -5.52 -21.70
CA SER B 147 -32.51 -4.26 -22.10
C SER B 147 -33.47 -3.75 -21.02
N GLY B 148 -33.96 -2.53 -21.18
CA GLY B 148 -34.86 -1.98 -20.18
C GLY B 148 -36.12 -2.81 -20.00
N GLY B 149 -36.75 -3.20 -21.11
CA GLY B 149 -37.91 -4.07 -21.02
C GLY B 149 -37.57 -5.43 -20.45
N GLU B 150 -36.46 -6.01 -20.91
CA GLU B 150 -36.04 -7.30 -20.39
C GLU B 150 -35.65 -7.20 -18.92
N ARG B 151 -35.00 -6.10 -18.52
CA ARG B 151 -34.68 -5.92 -17.12
C ARG B 151 -35.93 -5.81 -16.26
N GLN B 152 -36.93 -5.06 -16.72
CA GLN B 152 -38.17 -4.97 -15.96
C GLN B 152 -38.87 -6.31 -15.87
N ARG B 153 -38.84 -7.09 -16.96
CA ARG B 153 -39.47 -8.41 -16.92
C ARG B 153 -38.72 -9.35 -15.98
N VAL B 154 -37.39 -9.24 -15.93
CA VAL B 154 -36.62 -10.03 -14.97
C VAL B 154 -36.97 -9.63 -13.54
N ALA B 155 -37.12 -8.33 -13.29
CA ALA B 155 -37.53 -7.89 -11.95
C ALA B 155 -38.91 -8.43 -11.60
N ILE B 156 -39.84 -8.39 -12.55
CA ILE B 156 -41.18 -8.92 -12.32
C ILE B 156 -41.12 -10.40 -11.99
N ALA B 157 -40.34 -11.16 -12.76
CA ALA B 157 -40.17 -12.58 -12.46
C ALA B 157 -39.54 -12.78 -11.10
N ARG B 158 -38.59 -11.93 -10.72
CA ARG B 158 -37.94 -12.03 -9.43
C ARG B 158 -38.93 -11.85 -8.30
N ALA B 159 -39.90 -10.95 -8.47
CA ALA B 159 -40.87 -10.74 -7.40
C ALA B 159 -41.99 -11.77 -7.40
N LEU B 160 -42.09 -12.61 -8.44
CA LEU B 160 -43.21 -13.53 -8.59
C LEU B 160 -42.83 -14.99 -8.44
N VAL B 161 -41.54 -15.33 -8.36
CA VAL B 161 -41.15 -16.72 -8.20
C VAL B 161 -41.51 -17.24 -6.82
N ASN B 162 -41.34 -16.41 -5.79
CA ASN B 162 -41.57 -16.80 -4.41
C ASN B 162 -43.03 -17.01 -4.09
N ASN B 163 -43.93 -16.62 -4.98
CA ASN B 163 -45.38 -16.60 -4.73
C ASN B 163 -45.68 -15.81 -3.46
N PRO B 164 -45.28 -14.53 -3.39
CA PRO B 164 -45.54 -13.76 -2.17
C PRO B 164 -47.01 -13.41 -2.04
N ARG B 165 -47.44 -13.25 -0.79
CA ARG B 165 -48.81 -12.83 -0.53
C ARG B 165 -49.05 -11.42 -1.07
N LEU B 166 -48.11 -10.52 -0.87
CA LEU B 166 -48.22 -9.13 -1.31
C LEU B 166 -47.07 -8.83 -2.26
N VAL B 167 -47.41 -8.35 -3.45
CA VAL B 167 -46.42 -7.96 -4.44
C VAL B 167 -46.59 -6.47 -4.71
N LEU B 168 -45.60 -5.68 -4.30
CA LEU B 168 -45.55 -4.27 -4.60
C LEU B 168 -44.86 -4.06 -5.93
N ALA B 169 -45.38 -3.18 -6.76
CA ALA B 169 -44.84 -2.95 -8.10
C ALA B 169 -44.72 -1.45 -8.35
N ASP B 170 -43.51 -1.01 -8.73
CA ASP B 170 -43.28 0.38 -9.09
C ASP B 170 -43.11 0.43 -10.60
N GLN B 171 -44.15 0.83 -11.32
CA GLN B 171 -44.15 0.89 -12.77
C GLN B 171 -43.68 -0.43 -13.39
N PRO B 172 -44.43 -1.52 -13.21
CA PRO B 172 -44.01 -2.80 -13.79
C PRO B 172 -44.01 -2.81 -15.30
N THR B 173 -44.80 -1.96 -15.95
CA THR B 173 -44.85 -1.93 -17.40
C THR B 173 -44.41 -0.58 -17.97
N GLY B 174 -43.61 0.20 -17.23
CA GLY B 174 -43.17 1.48 -17.73
C GLY B 174 -42.31 1.35 -18.97
N ASN B 175 -41.41 0.37 -19.00
CA ASN B 175 -40.51 0.15 -20.13
C ASN B 175 -40.93 -1.05 -20.98
N LEU B 176 -42.23 -1.29 -21.12
CA LEU B 176 -42.73 -2.44 -21.85
C LEU B 176 -43.74 -2.00 -22.90
N ASP B 177 -43.81 -2.75 -23.99
CA ASP B 177 -44.74 -2.46 -25.07
C ASP B 177 -46.14 -2.92 -24.68
N ALA B 178 -47.08 -2.83 -25.61
CA ALA B 178 -48.46 -3.20 -25.31
C ALA B 178 -48.64 -4.70 -25.11
N ARG B 179 -48.03 -5.52 -25.98
CA ARG B 179 -48.21 -6.97 -25.88
C ARG B 179 -47.62 -7.50 -24.58
N ASN B 180 -46.40 -7.08 -24.24
CA ASN B 180 -45.77 -7.55 -23.01
C ASN B 180 -46.53 -7.07 -21.78
N ALA B 181 -47.01 -5.82 -21.79
CA ALA B 181 -47.80 -5.34 -20.66
C ALA B 181 -49.09 -6.13 -20.50
N ASP B 182 -49.76 -6.42 -21.62
CA ASP B 182 -51.00 -7.19 -21.56
C ASP B 182 -50.71 -8.58 -21.01
N SER B 183 -49.65 -9.23 -21.50
CA SER B 183 -49.32 -10.58 -21.05
C SER B 183 -48.94 -10.59 -19.57
N ILE B 184 -48.20 -9.58 -19.12
CA ILE B 184 -47.76 -9.55 -17.72
C ILE B 184 -48.93 -9.28 -16.80
N PHE B 185 -49.84 -8.39 -17.18
CA PHE B 185 -51.03 -8.20 -16.36
C PHE B 185 -51.94 -9.42 -16.40
N GLN B 186 -51.94 -10.16 -17.51
CA GLN B 186 -52.67 -11.42 -17.55
C GLN B 186 -52.09 -12.42 -16.55
N LEU B 187 -50.77 -12.54 -16.51
CA LEU B 187 -50.13 -13.40 -15.52
C LEU B 187 -50.41 -12.92 -14.10
N LEU B 188 -50.45 -11.59 -13.92
CA LEU B 188 -50.78 -11.05 -12.62
C LEU B 188 -52.18 -11.47 -12.19
N GLY B 189 -53.14 -11.38 -13.10
CA GLY B 189 -54.49 -11.84 -12.79
C GLY B 189 -54.56 -13.33 -12.52
N GLU B 190 -53.83 -14.13 -13.29
CA GLU B 190 -53.83 -15.57 -13.05
C GLU B 190 -53.25 -15.91 -11.68
N LEU B 191 -52.14 -15.27 -11.31
CA LEU B 191 -51.56 -15.53 -9.99
C LEU B 191 -52.50 -15.05 -8.89
N ASN B 192 -53.19 -13.93 -9.09
CA ASN B 192 -54.14 -13.47 -8.11
C ASN B 192 -55.30 -14.46 -7.94
N ARG B 193 -55.83 -14.99 -9.03
CA ARG B 193 -56.98 -15.89 -8.97
C ARG B 193 -56.62 -17.25 -8.40
N LEU B 194 -55.45 -17.80 -8.75
CA LEU B 194 -55.07 -19.14 -8.32
C LEU B 194 -54.27 -19.11 -7.03
N GLN B 195 -53.13 -18.42 -7.03
CA GLN B 195 -52.26 -18.45 -5.86
C GLN B 195 -52.79 -17.56 -4.75
N GLY B 196 -53.77 -16.72 -5.04
CA GLY B 196 -54.33 -15.84 -4.03
C GLY B 196 -53.48 -14.65 -3.67
N THR B 197 -52.45 -14.36 -4.45
CA THR B 197 -51.57 -13.23 -4.16
C THR B 197 -52.23 -11.90 -4.53
N ALA B 198 -51.90 -10.86 -3.77
CA ALA B 198 -52.47 -9.53 -3.98
C ALA B 198 -51.39 -8.57 -4.45
N PHE B 199 -51.74 -7.75 -5.44
CA PHE B 199 -50.79 -6.86 -6.09
C PHE B 199 -51.14 -5.41 -5.78
N LEU B 200 -50.14 -4.65 -5.37
CA LEU B 200 -50.25 -3.20 -5.16
C LEU B 200 -49.33 -2.57 -6.21
N VAL B 201 -49.92 -2.15 -7.31
CA VAL B 201 -49.18 -1.82 -8.53
C VAL B 201 -49.38 -0.34 -8.82
N VAL B 202 -48.28 0.40 -8.95
CA VAL B 202 -48.34 1.77 -9.42
C VAL B 202 -48.16 1.78 -10.93
N THR B 203 -49.08 2.44 -11.63
CA THR B 203 -49.04 2.47 -13.09
C THR B 203 -49.57 3.82 -13.56
N HIS B 204 -49.21 4.18 -14.79
CA HIS B 204 -49.72 5.37 -15.42
C HIS B 204 -50.62 5.10 -16.63
N ASP B 205 -50.56 3.90 -17.19
CA ASP B 205 -51.44 3.57 -18.30
C ASP B 205 -52.87 3.45 -17.80
N LEU B 206 -53.77 4.22 -18.41
CA LEU B 206 -55.14 4.27 -17.92
C LEU B 206 -55.87 2.95 -18.17
N GLN B 207 -55.70 2.33 -19.33
CA GLN B 207 -56.42 1.11 -19.63
C GLN B 207 -55.98 -0.04 -18.73
N LEU B 208 -54.67 -0.15 -18.48
CA LEU B 208 -54.19 -1.18 -17.56
C LEU B 208 -54.70 -0.93 -16.14
N ALA B 209 -54.89 0.33 -15.76
CA ALA B 209 -55.51 0.62 -14.48
C ALA B 209 -56.99 0.27 -14.46
N LYS B 210 -57.70 0.46 -15.58
CA LYS B 210 -59.08 0.02 -15.66
C LYS B 210 -59.21 -1.50 -15.63
N ARG B 211 -58.16 -2.22 -16.05
CA ARG B 211 -58.12 -3.66 -15.88
C ARG B 211 -57.99 -4.06 -14.42
N MET B 212 -57.63 -3.13 -13.54
CA MET B 212 -57.42 -3.39 -12.13
C MET B 212 -58.74 -3.35 -11.37
N SER B 213 -58.81 -4.12 -10.28
CA SER B 213 -60.04 -4.20 -9.51
C SER B 213 -60.29 -2.96 -8.66
N ARG B 214 -59.25 -2.42 -8.00
CA ARG B 214 -59.40 -1.24 -7.17
C ARG B 214 -58.39 -0.20 -7.64
N GLN B 215 -58.81 1.07 -7.67
CA GLN B 215 -58.00 2.15 -8.21
C GLN B 215 -57.98 3.31 -7.22
N LEU B 216 -56.81 3.68 -6.74
CA LEU B 216 -56.67 4.90 -5.95
C LEU B 216 -55.73 5.88 -6.64
N GLU B 217 -56.01 7.17 -6.46
CA GLU B 217 -55.19 8.24 -7.04
C GLU B 217 -54.38 8.88 -5.93
N MET B 218 -53.06 8.82 -6.10
CA MET B 218 -52.09 9.30 -5.12
C MET B 218 -51.49 10.60 -5.66
N ARG B 219 -51.84 11.73 -5.05
CA ARG B 219 -51.29 13.01 -5.50
C ARG B 219 -51.11 13.97 -4.34
N ASP B 220 -49.94 14.63 -4.31
CA ASP B 220 -49.63 15.67 -3.34
C ASP B 220 -49.84 15.19 -1.90
N GLY B 221 -49.41 13.97 -1.63
CA GLY B 221 -49.53 13.42 -0.29
C GLY B 221 -50.94 13.11 0.13
N ARG B 222 -51.87 12.97 -0.81
CA ARG B 222 -53.26 12.70 -0.51
C ARG B 222 -53.81 11.61 -1.42
N LEU B 223 -54.81 10.89 -0.91
CA LEU B 223 -55.54 9.88 -1.68
C LEU B 223 -56.86 10.51 -2.10
N THR B 224 -57.00 10.76 -3.40
CA THR B 224 -58.16 11.51 -3.88
C THR B 224 -59.29 10.62 -4.37
N ALA B 225 -59.00 9.75 -5.34
CA ALA B 225 -60.03 8.92 -5.95
C ALA B 225 -60.14 7.58 -5.23
N GLU B 226 -61.38 7.23 -4.87
CA GLU B 226 -61.67 5.94 -4.21
C GLU B 226 -62.94 5.41 -4.85
N LEU B 227 -62.79 4.59 -5.87
CA LEU B 227 -63.91 4.16 -6.71
C LEU B 227 -64.19 2.69 -6.48
N SER B 228 -65.46 2.37 -6.22
CA SER B 228 -65.94 1.00 -6.10
C SER B 228 -67.14 0.82 -7.02
N LEU B 229 -67.08 -0.18 -7.89
CA LEU B 229 -68.17 -0.41 -8.85
C LEU B 229 -69.31 -1.20 -8.22
N MET B 230 -68.98 -2.33 -7.60
CA MET B 230 -69.99 -3.17 -6.97
C MET B 230 -69.42 -3.90 -5.75
N SER C 6 -15.02 30.80 -19.80
CA SER C 6 -14.98 29.59 -18.99
C SER C 6 -13.64 28.89 -19.11
N LEU C 7 -12.57 29.60 -18.75
CA LEU C 7 -11.22 29.05 -18.85
C LEU C 7 -10.77 28.45 -17.52
N LEU C 8 -10.79 29.25 -16.45
CA LEU C 8 -10.26 28.79 -15.16
C LEU C 8 -11.33 28.17 -14.28
N ILE C 9 -12.60 28.51 -14.48
CA ILE C 9 -13.63 28.10 -13.53
C ILE C 9 -14.45 26.91 -14.04
N GLY C 10 -14.64 26.78 -15.34
CA GLY C 10 -15.52 25.78 -15.91
C GLY C 10 -14.96 24.38 -16.02
N LEU C 11 -13.78 24.12 -15.45
CA LEU C 11 -13.15 22.81 -15.54
C LEU C 11 -12.82 22.19 -14.20
N ARG C 12 -12.41 22.96 -13.21
CA ARG C 12 -12.25 22.42 -11.86
C ARG C 12 -13.59 22.26 -11.17
N PHE C 13 -14.67 22.77 -11.76
CA PHE C 13 -15.99 22.64 -11.15
C PHE C 13 -16.40 21.18 -11.06
N SER C 14 -16.28 20.44 -12.17
CA SER C 14 -16.68 19.04 -12.20
C SER C 14 -15.87 18.22 -11.21
N ARG C 15 -14.56 18.42 -11.18
CA ARG C 15 -13.71 17.68 -10.26
C ARG C 15 -13.93 18.09 -8.81
N GLY C 16 -14.29 19.36 -8.56
CA GLY C 16 -14.62 19.77 -7.21
C GLY C 16 -15.96 19.28 -6.73
N ARG C 17 -16.88 18.96 -7.65
CA ARG C 17 -18.16 18.37 -7.29
C ARG C 17 -18.07 16.89 -7.01
N ARG C 18 -16.87 16.34 -6.88
CA ARG C 18 -16.70 14.95 -6.44
C ARG C 18 -16.62 14.85 -4.92
N ARG C 19 -17.64 15.37 -4.25
CA ARG C 19 -17.82 15.24 -2.82
C ARG C 19 -19.07 14.46 -2.46
N GLY C 20 -20.15 14.63 -3.22
CA GLY C 20 -21.38 13.90 -3.00
C GLY C 20 -22.05 14.18 -1.66
N GLY C 21 -23.13 13.45 -1.44
CA GLY C 21 -23.90 13.60 -0.21
C GLY C 21 -23.57 12.54 0.82
N MET C 22 -22.73 12.91 1.80
CA MET C 22 -22.31 12.01 2.87
C MET C 22 -21.61 10.78 2.28
N VAL C 23 -20.99 10.97 1.11
CA VAL C 23 -20.29 9.89 0.43
C VAL C 23 -18.87 10.38 0.15
N SER C 24 -18.54 11.56 0.67
CA SER C 24 -17.16 12.06 0.62
C SER C 24 -16.21 11.22 1.43
N LEU C 25 -16.72 10.34 2.30
CA LEU C 25 -15.91 9.45 3.11
C LEU C 25 -15.26 8.34 2.29
N ILE C 26 -15.37 8.38 0.97
CA ILE C 26 -14.66 7.46 0.10
C ILE C 26 -13.48 8.11 -0.60
N SER C 27 -13.59 9.38 -1.00
CA SER C 27 -12.46 10.10 -1.54
C SER C 27 -11.48 10.54 -0.46
N VAL C 28 -11.90 10.57 0.80
CA VAL C 28 -10.98 10.91 1.88
C VAL C 28 -9.98 9.78 2.12
N ILE C 29 -10.26 8.59 1.63
CA ILE C 29 -9.35 7.46 1.77
C ILE C 29 -8.24 7.63 0.74
N SER C 30 -8.43 8.54 -0.21
CA SER C 30 -7.39 8.91 -1.15
C SER C 30 -6.50 10.01 -0.62
N THR C 31 -7.07 11.04 0.01
CA THR C 31 -6.25 12.03 0.71
C THR C 31 -5.46 11.38 1.84
N ILE C 32 -6.11 10.53 2.63
CA ILE C 32 -5.39 9.82 3.68
C ILE C 32 -4.39 8.83 3.08
N GLY C 33 -4.76 8.20 1.96
CA GLY C 33 -3.83 7.29 1.31
C GLY C 33 -2.54 7.97 0.87
N ILE C 34 -2.65 9.18 0.32
CA ILE C 34 -1.46 9.94 -0.03
C ILE C 34 -0.74 10.48 1.21
N ALA C 35 -1.47 10.94 2.22
CA ALA C 35 -0.84 11.50 3.41
C ALA C 35 0.00 10.46 4.13
N LEU C 36 -0.59 9.28 4.36
CA LEU C 36 0.15 8.21 5.04
C LEU C 36 1.36 7.78 4.22
N GLY C 37 1.20 7.68 2.90
CA GLY C 37 2.32 7.29 2.07
C GLY C 37 3.48 8.27 2.15
N VAL C 38 3.20 9.56 2.01
CA VAL C 38 4.29 10.52 2.06
C VAL C 38 4.85 10.65 3.46
N ALA C 39 4.02 10.46 4.49
CA ALA C 39 4.53 10.52 5.86
C ALA C 39 5.49 9.36 6.14
N VAL C 40 5.12 8.15 5.74
CA VAL C 40 6.01 7.02 5.97
C VAL C 40 7.26 7.13 5.10
N LEU C 41 7.12 7.69 3.89
CA LEU C 41 8.30 7.95 3.07
C LEU C 41 9.24 8.93 3.74
N ILE C 42 8.70 10.01 4.32
CA ILE C 42 9.52 10.99 5.02
C ILE C 42 10.23 10.33 6.19
N VAL C 43 9.49 9.56 6.99
CA VAL C 43 10.09 8.90 8.15
C VAL C 43 11.17 7.92 7.74
N GLY C 44 10.94 7.12 6.69
CA GLY C 44 11.95 6.18 6.23
C GLY C 44 13.18 6.85 5.68
N LEU C 45 13.01 7.87 4.83
CA LEU C 45 14.17 8.53 4.24
C LEU C 45 14.98 9.29 5.30
N SER C 46 14.30 9.98 6.21
CA SER C 46 15.03 10.69 7.26
C SER C 46 15.76 9.72 8.17
N ALA C 47 15.12 8.60 8.51
CA ALA C 47 15.77 7.60 9.35
C ALA C 47 16.98 6.99 8.65
N MET C 48 16.87 6.69 7.35
CA MET C 48 18.00 6.15 6.62
C MET C 48 19.14 7.15 6.55
N ASN C 49 18.81 8.43 6.33
CA ASN C 49 19.85 9.46 6.29
C ASN C 49 20.54 9.62 7.64
N GLY C 50 19.77 9.55 8.74
CA GLY C 50 20.37 9.57 10.05
C GLY C 50 21.29 8.38 10.29
N PHE C 51 20.84 7.20 9.86
CA PHE C 51 21.69 6.01 9.91
C PHE C 51 22.99 6.22 9.15
N GLU C 52 22.89 6.73 7.92
CA GLU C 52 24.09 6.92 7.11
C GLU C 52 25.04 7.92 7.75
N ARG C 53 24.48 9.02 8.28
CA ARG C 53 25.32 10.03 8.92
C ARG C 53 26.01 9.47 10.16
N GLU C 54 25.28 8.72 10.99
CA GLU C 54 25.89 8.17 12.19
C GLU C 54 26.94 7.12 11.86
N LEU C 55 26.65 6.24 10.89
CA LEU C 55 27.61 5.21 10.52
C LEU C 55 28.87 5.82 9.92
N ASN C 56 28.71 6.87 9.11
CA ASN C 56 29.87 7.58 8.59
C ASN C 56 30.68 8.24 9.71
N ASN C 57 30.07 8.45 10.88
CA ASN C 57 30.80 8.91 12.06
C ASN C 57 31.43 7.77 12.84
N ARG C 58 31.19 6.51 12.45
CA ARG C 58 31.77 5.36 13.10
C ARG C 58 32.79 4.63 12.24
N ILE C 59 33.02 5.07 11.01
CA ILE C 59 33.94 4.39 10.11
C ILE C 59 35.07 5.33 9.70
N LEU C 60 34.73 6.45 9.08
CA LEU C 60 35.74 7.36 8.53
C LEU C 60 36.03 8.55 9.44
N ALA C 61 35.03 9.07 10.15
CA ALA C 61 35.27 10.21 11.04
C ALA C 61 36.23 9.82 12.16
N VAL C 62 36.17 8.59 12.64
CA VAL C 62 37.09 8.08 13.64
C VAL C 62 37.71 6.78 13.13
N VAL C 63 39.02 6.65 13.35
CA VAL C 63 39.80 5.49 12.89
C VAL C 63 39.59 5.32 11.39
N PRO C 64 40.20 6.17 10.56
CA PRO C 64 40.01 6.02 9.10
C PRO C 64 40.63 4.75 8.56
N HIS C 65 39.80 3.86 8.02
CA HIS C 65 40.22 2.56 7.53
C HIS C 65 40.22 2.58 6.01
N GLY C 66 41.28 2.06 5.40
CA GLY C 66 41.38 2.02 3.96
C GLY C 66 42.33 3.07 3.40
N GLU C 67 43.53 2.65 3.04
CA GLU C 67 44.60 3.56 2.64
C GLU C 67 45.74 2.73 2.08
N ILE C 68 46.55 3.38 1.25
CA ILE C 68 47.71 2.73 0.65
C ILE C 68 48.79 2.84 1.67
N GLU C 69 49.24 1.69 2.13
CA GLU C 69 50.25 1.66 3.14
C GLU C 69 51.57 1.77 2.45
N ALA C 70 52.09 3.00 2.36
CA ALA C 70 53.42 3.16 1.77
C ALA C 70 54.44 2.57 2.73
N VAL C 71 54.92 1.37 2.43
CA VAL C 71 55.89 0.72 3.28
C VAL C 71 57.28 1.03 2.76
N ASP C 72 58.06 1.78 3.53
CA ASP C 72 59.38 2.20 3.06
C ASP C 72 60.33 2.43 4.21
N GLN C 73 61.63 2.42 3.93
CA GLN C 73 62.59 2.71 4.96
C GLN C 73 62.88 4.21 4.85
N PRO C 74 63.08 4.93 6.00
CA PRO C 74 63.28 6.38 5.88
C PRO C 74 62.66 7.06 4.67
N TRP C 75 61.32 7.02 4.56
CA TRP C 75 60.64 7.72 3.48
C TRP C 75 60.80 9.21 3.64
N THR C 76 61.07 9.92 2.55
CA THR C 76 61.32 11.34 2.66
C THR C 76 60.65 12.19 1.60
N ASN C 77 60.51 11.67 0.38
CA ASN C 77 59.96 12.52 -0.68
C ASN C 77 58.44 12.43 -0.76
N TRP C 78 57.77 12.22 0.38
CA TRP C 78 56.33 12.04 0.38
C TRP C 78 55.58 13.32 0.00
N GLN C 79 56.26 14.46 -0.07
CA GLN C 79 55.59 15.71 -0.41
C GLN C 79 55.01 15.66 -1.83
N GLU C 80 55.77 15.11 -2.78
CA GLU C 80 55.32 15.07 -4.16
C GLU C 80 54.05 14.22 -4.30
N ALA C 81 54.08 13.00 -3.75
CA ALA C 81 52.91 12.14 -3.80
C ALA C 81 51.75 12.74 -3.03
N LEU C 82 52.02 13.36 -1.88
CA LEU C 82 50.97 14.00 -1.10
C LEU C 82 50.25 15.08 -1.92
N ASP C 83 51.03 15.95 -2.57
CA ASP C 83 50.43 17.00 -3.37
C ASP C 83 49.72 16.45 -4.61
N HIS C 84 50.25 15.37 -5.20
CA HIS C 84 49.63 14.80 -6.38
C HIS C 84 48.35 14.04 -6.07
N VAL C 85 48.21 13.52 -4.85
CA VAL C 85 47.05 12.70 -4.50
C VAL C 85 45.98 13.47 -3.73
N GLN C 86 46.35 14.42 -2.87
CA GLN C 86 45.36 15.10 -2.04
C GLN C 86 44.36 15.90 -2.86
N LYS C 87 44.72 16.33 -4.07
CA LYS C 87 43.87 17.18 -4.89
C LYS C 87 43.13 16.42 -5.99
N VAL C 88 43.22 15.09 -6.01
CA VAL C 88 42.46 14.31 -6.97
C VAL C 88 40.99 14.38 -6.58
N PRO C 89 40.05 14.27 -7.52
CA PRO C 89 38.63 14.31 -7.15
C PRO C 89 38.25 13.17 -6.22
N GLY C 90 37.36 13.48 -5.28
CA GLY C 90 36.87 12.51 -4.32
C GLY C 90 37.53 12.53 -2.96
N ILE C 91 38.72 13.12 -2.84
CA ILE C 91 39.45 13.17 -1.58
C ILE C 91 39.22 14.54 -0.95
N ALA C 92 38.76 14.55 0.30
CA ALA C 92 38.56 15.82 0.99
C ALA C 92 39.88 16.39 1.49
N ALA C 93 40.64 15.61 2.25
CA ALA C 93 41.92 16.09 2.75
C ALA C 93 42.84 14.91 3.07
N ALA C 94 44.13 15.20 3.13
CA ALA C 94 45.16 14.22 3.44
C ALA C 94 46.04 14.77 4.55
N ALA C 95 46.50 13.89 5.45
CA ALA C 95 47.32 14.32 6.56
C ALA C 95 48.19 13.16 7.05
N PRO C 96 49.50 13.38 7.22
CA PRO C 96 50.37 12.33 7.75
C PRO C 96 50.21 12.13 9.25
N TYR C 97 50.19 10.87 9.66
CA TYR C 97 50.09 10.46 11.06
C TYR C 97 50.97 9.23 11.29
N ILE C 98 51.29 9.01 12.57
CA ILE C 98 52.10 7.84 12.95
C ILE C 98 51.16 6.78 13.51
N ASN C 99 51.00 5.68 12.78
CA ASN C 99 50.11 4.59 13.18
C ASN C 99 50.89 3.46 13.86
N PHE C 100 51.55 3.78 14.97
CA PHE C 100 52.37 2.78 15.64
C PHE C 100 51.50 1.95 16.57
N THR C 101 52.05 0.85 17.09
CA THR C 101 51.37 0.02 18.07
C THR C 101 52.40 -0.43 19.09
N GLY C 102 51.98 -0.63 20.33
CA GLY C 102 52.92 -1.13 21.32
C GLY C 102 52.42 -1.22 22.74
N LEU C 103 53.36 -1.16 23.69
CA LEU C 103 53.06 -1.26 25.11
C LEU C 103 53.47 0.03 25.82
N VAL C 104 52.67 0.41 26.81
CA VAL C 104 52.91 1.62 27.59
C VAL C 104 52.91 1.25 29.07
N GLU C 105 53.90 1.77 29.81
CA GLU C 105 54.01 1.51 31.23
C GLU C 105 53.04 2.37 32.01
N SER C 106 52.44 1.78 33.04
CA SER C 106 51.47 2.48 33.90
C SER C 106 51.39 1.72 35.22
N GLY C 107 51.92 2.31 36.28
CA GLY C 107 51.83 1.74 37.61
C GLY C 107 52.40 0.34 37.73
N ALA C 108 53.61 0.14 37.18
CA ALA C 108 54.29 -1.14 37.12
C ALA C 108 53.50 -2.18 36.32
N ASN C 109 52.55 -1.74 35.51
CA ASN C 109 51.80 -2.61 34.61
C ASN C 109 52.06 -2.17 33.17
N LEU C 110 51.67 -3.02 32.23
CA LEU C 110 51.85 -2.73 30.82
C LEU C 110 50.51 -2.79 30.10
N ARG C 111 50.22 -1.77 29.31
CA ARG C 111 48.97 -1.69 28.55
C ARG C 111 49.28 -1.70 27.07
N ALA C 112 48.61 -2.57 26.32
CA ALA C 112 48.77 -2.64 24.88
C ALA C 112 47.86 -1.61 24.21
N ILE C 113 48.46 -0.67 23.49
CA ILE C 113 47.73 0.46 22.93
C ILE C 113 48.28 0.82 21.56
N GLN C 114 47.40 1.32 20.70
CA GLN C 114 47.80 1.89 19.42
C GLN C 114 48.31 3.32 19.65
N VAL C 115 49.54 3.57 19.26
CA VAL C 115 50.13 4.90 19.36
C VAL C 115 49.74 5.70 18.12
N LYS C 116 48.97 6.76 18.32
CA LYS C 116 48.52 7.62 17.23
C LYS C 116 49.30 8.93 17.31
N GLY C 117 50.44 8.95 16.64
CA GLY C 117 51.26 10.14 16.56
C GLY C 117 50.71 11.13 15.56
N VAL C 118 49.63 11.82 15.93
CA VAL C 118 49.07 12.86 15.09
C VAL C 118 49.95 14.11 15.13
N ASN C 119 49.82 14.94 14.10
CA ASN C 119 50.69 16.10 13.95
C ASN C 119 50.05 17.30 14.61
N PRO C 120 50.63 17.87 15.67
CA PRO C 120 50.06 19.08 16.28
C PRO C 120 49.99 20.26 15.34
N GLN C 121 50.94 20.40 14.41
CA GLN C 121 50.90 21.49 13.44
C GLN C 121 49.68 21.36 12.54
N GLN C 122 49.37 20.13 12.11
CA GLN C 122 48.21 19.85 11.28
C GLN C 122 46.99 19.44 12.09
N GLU C 123 47.07 19.51 13.43
CA GLU C 123 45.98 19.06 14.27
C GLU C 123 44.76 19.98 14.13
N GLN C 124 44.98 21.30 14.24
CA GLN C 124 43.86 22.23 14.19
C GLN C 124 43.25 22.30 12.79
N ARG C 125 44.09 22.23 11.75
CA ARG C 125 43.64 22.42 10.38
C ARG C 125 43.05 21.14 9.78
N LEU C 126 43.84 20.07 9.74
CA LEU C 126 43.44 18.85 9.04
C LEU C 126 43.05 17.71 9.99
N SER C 127 42.58 18.04 11.19
CA SER C 127 42.02 17.04 12.08
C SER C 127 40.96 17.69 12.96
N ALA C 128 40.07 16.87 13.51
CA ALA C 128 38.99 17.33 14.36
C ALA C 128 39.25 17.05 15.83
N LEU C 129 40.52 16.84 16.22
CA LEU C 129 40.82 16.59 17.63
C LEU C 129 40.43 17.76 18.54
N PRO C 130 40.84 19.00 18.26
CA PRO C 130 40.45 20.10 19.15
C PRO C 130 38.97 20.45 19.09
N SER C 131 38.28 20.11 17.99
CA SER C 131 36.86 20.41 17.89
C SER C 131 36.01 19.44 18.70
N PHE C 132 36.53 18.25 19.01
CA PHE C 132 35.77 17.23 19.70
C PHE C 132 35.92 17.30 21.22
N VAL C 133 36.85 18.11 21.73
CA VAL C 133 37.08 18.23 23.16
C VAL C 133 35.95 19.05 23.76
N GLN C 134 35.86 19.04 25.10
CA GLN C 134 34.79 19.79 25.76
C GLN C 134 34.94 21.29 25.58
N GLY C 135 36.13 21.75 25.19
CA GLY C 135 36.36 23.16 24.98
C GLY C 135 37.41 23.74 25.90
N ASP C 136 38.57 24.08 25.33
CA ASP C 136 39.68 24.64 26.11
C ASP C 136 40.43 25.63 25.23
N ALA C 137 41.34 26.37 25.85
CA ALA C 137 42.13 27.35 25.14
C ALA C 137 43.04 26.66 24.11
N TRP C 138 43.32 27.39 23.03
CA TRP C 138 44.16 26.86 21.96
C TRP C 138 45.61 26.67 22.38
N ARG C 139 46.11 27.49 23.31
CA ARG C 139 47.48 27.33 23.78
C ARG C 139 47.67 26.02 24.51
N ASN C 140 46.59 25.46 25.05
CA ASN C 140 46.67 24.18 25.75
C ASN C 140 47.04 23.03 24.82
N PHE C 141 46.78 23.17 23.51
CA PHE C 141 47.11 22.13 22.54
C PHE C 141 48.33 22.50 21.70
N LYS C 142 49.18 23.38 22.22
CA LYS C 142 50.37 23.79 21.50
C LYS C 142 51.42 22.68 21.54
N ALA C 143 52.29 22.69 20.52
CA ALA C 143 53.35 21.70 20.42
C ALA C 143 54.58 22.16 21.20
N GLY C 144 55.58 21.30 21.22
CA GLY C 144 56.84 21.58 21.91
C GLY C 144 56.88 21.11 23.35
N GLU C 145 55.92 21.56 24.17
CA GLU C 145 55.83 21.12 25.56
C GLU C 145 55.41 19.66 25.68
N GLN C 146 54.82 19.08 24.63
CA GLN C 146 54.55 17.64 24.53
C GLN C 146 53.65 17.17 25.67
N GLN C 147 52.42 17.69 25.67
CA GLN C 147 51.38 17.21 26.56
C GLN C 147 50.59 16.11 25.86
N ILE C 148 50.29 15.04 26.61
CA ILE C 148 49.53 13.92 26.08
C ILE C 148 48.25 13.75 26.90
N ILE C 149 47.26 13.12 26.28
CA ILE C 149 45.98 12.91 26.96
C ILE C 149 46.12 11.81 28.00
N ILE C 150 45.45 12.01 29.14
CA ILE C 150 45.50 11.05 30.23
C ILE C 150 44.28 10.15 30.15
N GLY C 151 44.47 8.87 30.49
CA GLY C 151 43.42 7.88 30.40
C GLY C 151 43.02 7.34 31.77
N LYS C 152 41.77 6.86 31.82
CA LYS C 152 41.21 6.36 33.08
C LYS C 152 41.96 5.13 33.58
N GLY C 153 42.36 4.23 32.67
CA GLY C 153 43.03 3.03 33.09
C GLY C 153 44.39 3.27 33.74
N VAL C 154 44.94 4.47 33.55
CA VAL C 154 46.20 4.84 34.18
C VAL C 154 45.93 5.79 35.34
N ALA C 155 45.04 6.77 35.12
CA ALA C 155 44.74 7.76 36.15
C ALA C 155 44.04 7.17 37.36
N ASP C 156 43.44 5.98 37.22
CA ASP C 156 42.77 5.35 38.36
C ASP C 156 43.77 5.02 39.47
N ALA C 157 44.94 4.49 39.11
CA ALA C 157 45.99 4.17 40.07
C ALA C 157 47.14 5.18 40.04
N LEU C 158 47.05 6.21 39.22
CA LEU C 158 48.11 7.20 39.12
C LEU C 158 47.91 8.42 40.00
N LYS C 159 46.66 8.87 40.17
CA LYS C 159 46.34 10.07 40.94
C LYS C 159 47.11 11.29 40.44
N VAL C 160 47.17 11.45 39.12
CA VAL C 160 47.93 12.53 38.49
C VAL C 160 47.04 13.75 38.33
N LYS C 161 47.55 14.91 38.73
CA LYS C 161 46.83 16.17 38.61
C LYS C 161 47.70 17.22 37.93
N GLN C 162 47.26 18.47 37.93
CA GLN C 162 48.04 19.55 37.35
C GLN C 162 49.38 19.69 38.07
N GLY C 163 50.46 19.77 37.30
CA GLY C 163 51.79 19.87 37.86
C GLY C 163 52.50 18.55 38.07
N ASP C 164 51.88 17.43 37.69
CA ASP C 164 52.47 16.11 37.86
C ASP C 164 53.02 15.62 36.52
N TRP C 165 54.23 15.08 36.56
CA TRP C 165 54.93 14.60 35.38
C TRP C 165 54.97 13.08 35.39
N VAL C 166 54.59 12.47 34.28
CA VAL C 166 54.47 11.02 34.16
C VAL C 166 55.49 10.51 33.16
N SER C 167 56.16 9.42 33.52
CA SER C 167 57.19 8.81 32.70
C SER C 167 56.57 7.78 31.77
N ILE C 168 56.95 7.83 30.49
CA ILE C 168 56.50 6.89 29.48
C ILE C 168 57.73 6.28 28.83
N MET C 169 57.84 4.96 28.85
CA MET C 169 58.97 4.27 28.26
C MET C 169 58.57 3.67 26.92
N ILE C 170 59.42 3.84 25.91
CA ILE C 170 59.17 3.32 24.58
C ILE C 170 59.17 1.80 24.63
N PRO C 171 58.34 1.13 23.83
CA PRO C 171 58.32 -0.35 23.87
C PRO C 171 59.57 -1.01 23.31
N ASN C 172 60.43 -0.25 22.62
CA ASN C 172 61.67 -0.78 22.04
C ASN C 172 61.40 -1.96 21.11
N SER C 173 60.31 -1.89 20.36
CA SER C 173 59.98 -2.93 19.38
C SER C 173 60.64 -2.64 18.04
N ASN C 174 61.97 -2.60 18.08
CA ASN C 174 62.81 -2.29 16.94
C ASN C 174 63.50 -3.53 16.41
N PRO C 175 63.84 -3.56 15.13
CA PRO C 175 64.58 -4.72 14.59
C PRO C 175 65.92 -4.94 15.25
N GLU C 176 66.56 -3.89 15.75
CA GLU C 176 67.83 -4.03 16.43
C GLU C 176 67.66 -4.84 17.71
N HIS C 177 68.58 -5.77 17.96
CA HIS C 177 68.52 -6.55 19.19
C HIS C 177 68.89 -5.65 20.35
N LYS C 178 69.66 -4.60 20.07
CA LYS C 178 70.06 -3.65 21.11
C LYS C 178 68.88 -2.84 21.61
N LEU C 179 68.90 -2.48 22.89
CA LEU C 179 67.84 -1.66 23.47
C LEU C 179 67.81 -0.30 22.80
N MET C 180 68.98 0.25 22.50
CA MET C 180 69.07 1.56 21.83
C MET C 180 68.34 2.67 22.58
N GLN C 181 68.48 2.69 23.91
CA GLN C 181 67.84 3.72 24.74
C GLN C 181 66.32 3.90 24.49
N PRO C 182 65.46 2.98 25.03
CA PRO C 182 64.03 3.26 24.80
C PRO C 182 63.62 4.67 25.17
N LYS C 183 63.07 5.43 24.22
CA LYS C 183 62.72 6.82 24.47
C LYS C 183 61.97 6.97 25.77
N ARG C 184 62.40 7.91 26.60
CA ARG C 184 61.76 8.22 27.87
C ARG C 184 61.09 9.58 27.74
N VAL C 185 59.77 9.62 27.84
CA VAL C 185 58.99 10.83 27.63
C VAL C 185 58.45 11.28 28.99
N ARG C 186 58.72 12.53 29.34
CA ARG C 186 58.18 13.13 30.56
C ARG C 186 56.93 13.91 30.18
N LEU C 187 55.78 13.22 30.15
CA LEU C 187 54.53 13.85 29.79
C LEU C 187 53.98 14.67 30.95
N HIS C 188 53.26 15.73 30.62
CA HIS C 188 52.69 16.63 31.63
C HIS C 188 51.19 16.70 31.43
N VAL C 189 50.45 16.64 32.55
CA VAL C 189 49.01 16.76 32.49
C VAL C 189 48.64 18.21 32.28
N ALA C 190 47.93 18.50 31.18
CA ALA C 190 47.59 19.86 30.80
C ALA C 190 46.10 20.07 30.69
N GLY C 191 45.29 19.11 31.11
CA GLY C 191 43.85 19.27 31.02
C GLY C 191 43.14 18.07 31.62
N ILE C 192 41.81 18.13 31.56
CA ILE C 192 40.96 17.07 32.09
C ILE C 192 39.68 17.04 31.26
N LEU C 193 39.09 15.85 31.15
CA LEU C 193 37.86 15.67 30.39
C LEU C 193 36.87 14.86 31.21
N GLN C 194 35.60 15.19 31.10
CA GLN C 194 34.54 14.50 31.81
C GLN C 194 33.43 14.04 30.86
N LEU C 195 33.83 13.59 29.67
CA LEU C 195 32.86 13.21 28.64
C LEU C 195 32.65 11.70 28.58
N SER C 196 33.70 10.93 28.35
CA SER C 196 33.59 9.48 28.25
C SER C 196 34.99 8.89 28.31
N GLY C 197 35.06 7.61 28.69
CA GLY C 197 36.31 6.89 28.72
C GLY C 197 36.70 6.22 27.42
N GLN C 198 35.83 6.26 26.41
CA GLN C 198 36.14 5.63 25.13
C GLN C 198 37.35 6.31 24.47
N LEU C 199 37.40 7.64 24.54
CA LEU C 199 38.57 8.36 24.03
C LEU C 199 39.79 8.21 24.93
N ASP C 200 39.62 7.64 26.12
CA ASP C 200 40.70 7.50 27.08
C ASP C 200 41.19 6.07 27.21
N HIS C 201 40.73 5.17 26.35
CA HIS C 201 41.13 3.76 26.46
C HIS C 201 41.72 3.21 25.17
N SER C 202 41.22 3.62 24.00
CA SER C 202 41.69 3.11 22.73
C SER C 202 42.44 4.14 21.91
N PHE C 203 42.70 5.32 22.45
CA PHE C 203 43.34 6.41 21.72
C PHE C 203 44.48 6.99 22.55
N ALA C 204 45.51 7.46 21.87
CA ALA C 204 46.65 8.09 22.51
C ALA C 204 47.27 9.09 21.55
N MET C 205 48.07 10.01 22.11
CA MET C 205 48.73 11.03 21.31
C MET C 205 50.18 11.16 21.78
N ILE C 206 51.10 11.18 20.82
CA ILE C 206 52.53 11.25 21.10
C ILE C 206 53.16 12.31 20.21
N PRO C 207 54.02 13.18 20.75
CA PRO C 207 54.68 14.18 19.90
C PRO C 207 55.58 13.53 18.85
N LEU C 208 55.73 14.23 17.72
CA LEU C 208 56.47 13.68 16.59
C LEU C 208 57.96 13.52 16.87
N ALA C 209 58.53 14.36 17.73
CA ALA C 209 59.96 14.27 18.01
C ALA C 209 60.32 12.93 18.63
N ASP C 210 59.57 12.52 19.66
CA ASP C 210 59.83 11.24 20.31
C ASP C 210 59.50 10.08 19.38
N ALA C 211 58.46 10.21 18.56
CA ALA C 211 58.13 9.14 17.61
C ALA C 211 59.26 8.93 16.60
N GLN C 212 59.82 10.03 16.10
CA GLN C 212 60.94 9.93 15.16
C GLN C 212 62.20 9.40 15.84
N GLN C 213 62.46 9.82 17.08
CA GLN C 213 63.64 9.35 17.79
C GLN C 213 63.54 7.86 18.10
N TYR C 214 62.35 7.38 18.46
CA TYR C 214 62.18 5.99 18.86
C TYR C 214 62.24 5.03 17.68
N LEU C 215 62.11 5.52 16.45
CA LEU C 215 62.13 4.67 15.26
C LEU C 215 63.54 4.30 14.82
N ASP C 216 64.58 4.80 15.51
CA ASP C 216 65.97 4.54 15.15
C ASP C 216 66.27 5.03 13.73
N MET C 217 65.62 6.11 13.32
CA MET C 217 65.82 6.68 11.98
C MET C 217 65.60 8.19 12.01
N GLY C 218 65.46 8.79 10.84
CA GLY C 218 65.23 10.22 10.75
C GLY C 218 63.76 10.57 10.75
N SER C 219 63.34 11.43 9.82
CA SER C 219 61.95 11.83 9.71
C SER C 219 61.15 10.80 8.92
N SER C 220 60.96 9.64 9.53
CA SER C 220 60.27 8.52 8.91
C SER C 220 58.79 8.64 9.20
N VAL C 221 57.99 8.89 8.15
CA VAL C 221 56.54 8.95 8.29
C VAL C 221 55.97 7.54 8.21
N SER C 222 54.98 7.25 9.06
CA SER C 222 54.38 5.93 9.09
C SER C 222 53.22 5.82 8.10
N GLY C 223 52.18 6.64 8.27
CA GLY C 223 51.03 6.62 7.40
C GLY C 223 50.63 8.00 6.97
N ILE C 224 49.90 8.08 5.85
CA ILE C 224 49.35 9.32 5.35
C ILE C 224 47.85 9.12 5.22
N ALA C 225 47.11 9.43 6.28
CA ALA C 225 45.69 9.13 6.34
C ALA C 225 44.89 10.13 5.51
N LEU C 226 43.66 9.73 5.19
CA LEU C 226 42.79 10.49 4.31
C LEU C 226 41.46 10.69 5.02
N LYS C 227 40.91 11.90 4.94
CA LYS C 227 39.52 12.14 5.32
C LYS C 227 38.77 12.43 4.03
N MET C 228 37.63 11.77 3.85
CA MET C 228 36.86 11.81 2.62
C MET C 228 35.38 12.03 2.94
N THR C 229 34.58 12.05 1.89
CA THR C 229 33.13 12.09 2.02
C THR C 229 32.41 10.88 1.44
N ASP C 230 33.06 10.12 0.56
CA ASP C 230 32.46 8.94 -0.05
C ASP C 230 33.24 7.70 0.36
N VAL C 231 32.51 6.58 0.49
CA VAL C 231 33.13 5.31 0.89
C VAL C 231 32.80 4.25 -0.14
N PHE C 232 31.75 4.47 -0.92
CA PHE C 232 31.32 3.50 -1.92
C PHE C 232 32.36 3.37 -3.03
N ASN C 233 32.83 4.51 -3.55
CA ASN C 233 33.81 4.54 -4.62
C ASN C 233 35.25 4.62 -4.11
N ALA C 234 35.45 4.59 -2.79
CA ALA C 234 36.78 4.74 -2.22
C ALA C 234 37.75 3.64 -2.62
N ASN C 235 37.25 2.43 -2.93
CA ASN C 235 38.14 1.33 -3.30
C ASN C 235 38.94 1.67 -4.55
N LYS C 236 38.24 1.88 -5.67
CA LYS C 236 38.91 2.20 -6.92
C LYS C 236 39.65 3.53 -6.85
N LEU C 237 39.12 4.49 -6.08
CA LEU C 237 39.77 5.78 -5.94
C LEU C 237 41.14 5.62 -5.28
N VAL C 238 41.20 4.87 -4.18
CA VAL C 238 42.48 4.64 -3.51
C VAL C 238 43.38 3.78 -4.38
N ARG C 239 42.82 2.82 -5.14
CA ARG C 239 43.64 2.02 -6.04
C ARG C 239 44.31 2.90 -7.09
N ASP C 240 43.56 3.83 -7.69
CA ASP C 240 44.14 4.73 -8.68
C ASP C 240 45.11 5.71 -8.04
N ALA C 241 44.84 6.16 -6.81
CA ALA C 241 45.78 7.02 -6.10
C ALA C 241 47.09 6.30 -5.83
N GLY C 242 47.02 4.99 -5.54
CA GLY C 242 48.22 4.20 -5.38
C GLY C 242 48.86 3.78 -6.69
N GLU C 243 48.14 3.95 -7.80
CA GLU C 243 48.69 3.63 -9.12
C GLU C 243 49.81 4.58 -9.52
N VAL C 244 49.95 5.73 -8.87
CA VAL C 244 51.04 6.65 -9.14
C VAL C 244 52.24 6.35 -8.24
N THR C 245 52.18 5.27 -7.47
CA THR C 245 53.27 4.84 -6.60
C THR C 245 54.07 3.75 -7.31
N ASN C 246 55.02 3.17 -6.59
CA ASN C 246 55.86 2.13 -7.16
C ASN C 246 55.02 0.91 -7.54
N SER C 247 55.32 0.37 -8.72
CA SER C 247 54.56 -0.77 -9.23
C SER C 247 54.95 -2.07 -8.54
N TYR C 248 56.22 -2.21 -8.15
CA TYR C 248 56.67 -3.43 -7.48
C TYR C 248 56.00 -3.65 -6.14
N VAL C 249 55.54 -2.60 -5.48
CA VAL C 249 54.84 -2.70 -4.21
C VAL C 249 53.35 -2.68 -4.50
N TYR C 250 52.70 -3.84 -4.37
CA TYR C 250 51.27 -3.96 -4.59
C TYR C 250 50.51 -3.69 -3.30
N ILE C 251 49.19 -3.64 -3.39
CA ILE C 251 48.32 -3.28 -2.28
C ILE C 251 47.31 -4.40 -2.10
N LYS C 252 47.24 -4.95 -0.89
CA LYS C 252 46.22 -5.93 -0.56
C LYS C 252 44.89 -5.22 -0.30
N SER C 253 43.81 -5.79 -0.82
CA SER C 253 42.50 -5.17 -0.66
C SER C 253 42.02 -5.25 0.79
N TRP C 254 41.32 -4.20 1.21
CA TRP C 254 40.80 -4.09 2.56
C TRP C 254 39.29 -4.22 2.62
N ILE C 255 38.67 -4.78 1.58
CA ILE C 255 37.21 -4.80 1.50
C ILE C 255 36.63 -5.68 2.60
N GLY C 256 37.33 -6.75 2.98
CA GLY C 256 36.73 -7.77 3.83
C GLY C 256 36.56 -7.36 5.28
N THR C 257 37.18 -6.26 5.72
CA THR C 257 37.09 -5.88 7.12
C THR C 257 35.66 -5.46 7.49
N TYR C 258 35.07 -4.55 6.71
CA TYR C 258 33.70 -4.09 6.92
C TYR C 258 32.88 -4.29 5.65
N GLY C 259 33.23 -5.31 4.87
CA GLY C 259 32.38 -5.69 3.76
C GLY C 259 30.99 -6.09 4.22
N TYR C 260 30.88 -6.68 5.40
CA TYR C 260 29.57 -7.05 5.92
C TYR C 260 28.76 -5.82 6.34
N MET C 261 29.40 -4.79 6.87
CA MET C 261 28.69 -3.53 7.11
C MET C 261 28.28 -2.87 5.81
N TYR C 262 29.14 -2.96 4.79
CA TYR C 262 28.77 -2.50 3.45
C TYR C 262 27.51 -3.21 2.96
N ARG C 263 27.46 -4.54 3.12
CA ARG C 263 26.30 -5.30 2.71
C ARG C 263 25.08 -4.96 3.56
N ASP C 264 25.31 -4.62 4.83
CA ASP C 264 24.22 -4.16 5.69
C ASP C 264 23.61 -2.88 5.15
N ILE C 265 24.46 -1.92 4.77
CA ILE C 265 23.97 -0.68 4.17
C ILE C 265 23.20 -0.96 2.89
N GLN C 266 23.77 -1.81 2.04
CA GLN C 266 23.09 -2.14 0.78
C GLN C 266 21.75 -2.82 1.05
N MET C 267 21.71 -3.70 2.05
CA MET C 267 20.49 -4.41 2.38
C MET C 267 19.41 -3.46 2.86
N ILE C 268 19.76 -2.57 3.81
CA ILE C 268 18.76 -1.65 4.33
C ILE C 268 18.27 -0.72 3.23
N ARG C 269 19.18 -0.30 2.35
CA ARG C 269 18.78 0.57 1.23
C ARG C 269 17.81 -0.15 0.31
N ALA C 270 18.16 -1.39 -0.09
CA ALA C 270 17.31 -2.13 -1.02
C ALA C 270 15.95 -2.46 -0.40
N ILE C 271 15.94 -2.84 0.88
CA ILE C 271 14.68 -3.13 1.57
C ILE C 271 13.82 -1.89 1.66
N MET C 272 14.39 -0.75 2.05
CA MET C 272 13.60 0.48 2.11
C MET C 272 13.03 0.80 0.74
N TYR C 273 13.85 0.70 -0.31
CA TYR C 273 13.38 1.08 -1.64
C TYR C 273 12.28 0.15 -2.14
N LEU C 274 12.45 -1.16 -1.94
CA LEU C 274 11.48 -2.13 -2.41
C LEU C 274 10.23 -2.22 -1.54
N ALA C 275 10.23 -1.60 -0.35
CA ALA C 275 9.00 -1.44 0.41
C ALA C 275 8.31 -0.12 0.11
N MET C 276 9.10 0.91 -0.19
CA MET C 276 8.51 2.23 -0.39
C MET C 276 7.96 2.38 -1.80
N VAL C 277 8.57 1.73 -2.79
CA VAL C 277 7.90 1.67 -4.09
C VAL C 277 6.62 0.85 -3.97
N LEU C 278 6.53 -0.04 -2.99
CA LEU C 278 5.28 -0.75 -2.76
C LEU C 278 4.24 0.16 -2.11
N VAL C 279 4.67 1.08 -1.24
CA VAL C 279 3.75 2.12 -0.76
C VAL C 279 3.28 2.99 -1.92
N ILE C 280 4.20 3.33 -2.83
CA ILE C 280 3.85 4.02 -4.06
C ILE C 280 2.78 3.26 -4.83
N GLY C 281 2.97 1.96 -5.02
CA GLY C 281 1.97 1.14 -5.67
C GLY C 281 0.64 1.15 -4.94
N VAL C 282 0.67 1.15 -3.62
CA VAL C 282 -0.57 1.17 -2.84
C VAL C 282 -1.34 2.46 -3.07
N ALA C 283 -0.63 3.60 -3.06
CA ALA C 283 -1.31 4.87 -3.33
C ALA C 283 -1.90 4.90 -4.73
N CYS C 284 -1.14 4.44 -5.72
CA CYS C 284 -1.67 4.38 -7.08
C CYS C 284 -2.88 3.46 -7.16
N PHE C 285 -2.83 2.31 -6.48
CA PHE C 285 -3.95 1.38 -6.48
C PHE C 285 -5.19 2.01 -5.88
N ASN C 286 -5.03 2.71 -4.76
CA ASN C 286 -6.19 3.32 -4.11
C ASN C 286 -6.81 4.39 -5.00
N ILE C 287 -5.99 5.22 -5.65
CA ILE C 287 -6.54 6.26 -6.50
C ILE C 287 -7.23 5.66 -7.73
N VAL C 288 -6.62 4.65 -8.35
CA VAL C 288 -7.25 4.07 -9.54
C VAL C 288 -8.56 3.38 -9.15
N SER C 289 -8.60 2.74 -7.98
CA SER C 289 -9.84 2.11 -7.52
C SER C 289 -10.92 3.16 -7.29
N THR C 290 -10.54 4.30 -6.70
CA THR C 290 -11.49 5.37 -6.48
C THR C 290 -12.05 5.94 -7.78
N LEU C 291 -11.20 6.11 -8.80
CA LEU C 291 -11.64 6.74 -10.04
C LEU C 291 -12.15 5.76 -11.09
N VAL C 292 -12.09 4.46 -10.83
CA VAL C 292 -12.60 3.51 -11.82
C VAL C 292 -14.08 3.21 -11.58
N MET C 293 -14.51 3.12 -10.33
CA MET C 293 -15.85 2.67 -10.01
C MET C 293 -16.75 3.81 -9.59
N ALA C 294 -16.26 4.69 -8.71
CA ALA C 294 -17.09 5.76 -8.19
C ALA C 294 -17.57 6.69 -9.32
N VAL C 295 -16.67 7.03 -10.24
CA VAL C 295 -16.99 7.94 -11.34
C VAL C 295 -16.48 7.33 -12.64
N LYS C 296 -17.31 6.51 -13.28
CA LYS C 296 -17.06 6.08 -14.65
C LYS C 296 -18.23 6.37 -15.58
N ASP C 297 -19.47 6.19 -15.12
CA ASP C 297 -20.60 6.60 -15.95
C ASP C 297 -20.72 8.12 -16.02
N LYS C 298 -20.20 8.83 -15.02
CA LYS C 298 -20.07 10.28 -15.13
C LYS C 298 -19.21 10.65 -16.33
N SER C 299 -18.04 10.01 -16.46
CA SER C 299 -17.23 10.22 -17.64
C SER C 299 -17.97 9.77 -18.90
N GLY C 300 -18.77 8.71 -18.78
CA GLY C 300 -19.52 8.23 -19.93
C GLY C 300 -20.45 9.28 -20.50
N ASP C 301 -21.35 9.82 -19.68
CA ASP C 301 -22.28 10.81 -20.22
C ASP C 301 -21.63 12.17 -20.44
N ILE C 302 -20.55 12.50 -19.71
CA ILE C 302 -19.81 13.71 -20.04
C ILE C 302 -19.25 13.61 -21.45
N ALA C 303 -18.65 12.46 -21.79
CA ALA C 303 -18.22 12.24 -23.17
C ALA C 303 -19.37 12.20 -24.14
N VAL C 304 -20.55 11.77 -23.69
CA VAL C 304 -21.76 11.89 -24.50
C VAL C 304 -22.12 13.33 -24.82
N LEU C 305 -21.74 14.28 -23.95
CA LEU C 305 -22.08 15.68 -24.16
C LEU C 305 -20.86 16.58 -23.97
N ARG C 306 -19.74 16.11 -24.56
CA ARG C 306 -18.45 16.79 -24.41
C ARG C 306 -18.24 18.11 -25.08
N THR C 307 -17.14 18.78 -24.75
CA THR C 307 -16.89 20.14 -25.21
C THR C 307 -16.46 20.31 -26.66
N LEU C 308 -16.15 21.56 -27.03
CA LEU C 308 -15.75 21.89 -28.40
C LEU C 308 -14.55 21.06 -28.86
N GLY C 309 -13.49 21.01 -28.06
CA GLY C 309 -12.33 20.24 -28.48
C GLY C 309 -11.00 20.97 -28.43
N ALA C 310 -10.94 22.06 -27.67
CA ALA C 310 -9.68 22.79 -27.52
C ALA C 310 -8.56 21.88 -27.03
N LYS C 311 -8.90 20.94 -26.15
CA LYS C 311 -7.97 19.92 -25.70
C LYS C 311 -8.74 18.61 -25.56
N ASP C 312 -8.33 17.59 -26.30
CA ASP C 312 -9.12 16.36 -26.42
C ASP C 312 -9.43 15.72 -25.07
N GLY C 313 -8.56 15.89 -24.08
CA GLY C 313 -8.79 15.31 -22.78
C GLY C 313 -9.43 16.23 -21.76
N LEU C 314 -10.62 16.77 -22.07
CA LEU C 314 -11.31 17.55 -21.05
C LEU C 314 -11.69 16.69 -19.85
N ILE C 315 -12.14 15.46 -20.10
CA ILE C 315 -12.32 14.52 -19.00
C ILE C 315 -10.98 14.24 -18.32
N ARG C 316 -9.92 14.09 -19.12
CA ARG C 316 -8.58 13.92 -18.57
C ARG C 316 -8.19 15.12 -17.74
N ALA C 317 -8.53 16.34 -18.20
CA ALA C 317 -8.22 17.53 -17.42
C ALA C 317 -9.00 17.57 -16.12
N ILE C 318 -10.28 17.19 -16.15
CA ILE C 318 -11.09 17.14 -14.94
C ILE C 318 -10.44 16.22 -13.92
N PHE C 319 -10.06 15.03 -14.36
CA PHE C 319 -9.47 14.09 -13.41
C PHE C 319 -8.04 14.47 -13.03
N VAL C 320 -7.33 15.22 -13.87
CA VAL C 320 -6.05 15.77 -13.47
C VAL C 320 -6.23 16.75 -12.32
N TRP C 321 -7.22 17.63 -12.42
CA TRP C 321 -7.50 18.54 -11.30
C TRP C 321 -7.97 17.78 -10.07
N TYR C 322 -8.79 16.74 -10.26
CA TYR C 322 -9.21 15.92 -9.12
C TYR C 322 -8.03 15.28 -8.41
N GLY C 323 -7.19 14.58 -9.17
CA GLY C 323 -6.02 13.94 -8.59
C GLY C 323 -5.04 14.93 -7.99
N LEU C 324 -4.85 16.08 -8.65
CA LEU C 324 -3.94 17.08 -8.12
C LEU C 324 -4.46 17.61 -6.80
N LEU C 325 -5.75 17.91 -6.70
CA LEU C 325 -6.31 18.39 -5.45
C LEU C 325 -6.15 17.35 -4.33
N ALA C 326 -6.58 16.12 -4.60
CA ALA C 326 -6.51 15.08 -3.58
C ALA C 326 -5.08 14.82 -3.15
N GLY C 327 -4.19 14.62 -4.12
CA GLY C 327 -2.79 14.36 -3.82
C GLY C 327 -2.09 15.52 -3.16
N LEU C 328 -2.45 16.75 -3.51
CA LEU C 328 -1.81 17.91 -2.92
C LEU C 328 -2.22 18.07 -1.46
N PHE C 329 -3.52 17.97 -1.17
CA PHE C 329 -3.93 18.06 0.23
C PHE C 329 -3.36 16.91 1.04
N GLY C 330 -3.41 15.69 0.49
CA GLY C 330 -2.81 14.56 1.18
C GLY C 330 -1.32 14.74 1.41
N SER C 331 -0.61 15.24 0.40
CA SER C 331 0.83 15.42 0.51
C SER C 331 1.17 16.47 1.56
N LEU C 332 0.41 17.57 1.60
CA LEU C 332 0.67 18.58 2.62
C LEU C 332 0.44 18.02 4.02
N CYS C 333 -0.69 17.34 4.22
CA CYS C 333 -0.98 16.77 5.54
C CYS C 333 0.08 15.74 5.93
N GLY C 334 0.42 14.86 5.00
CA GLY C 334 1.40 13.82 5.31
C GLY C 334 2.81 14.37 5.53
N VAL C 335 3.19 15.40 4.79
CA VAL C 335 4.47 16.05 5.03
C VAL C 335 4.50 16.66 6.42
N ILE C 336 3.42 17.34 6.82
CA ILE C 336 3.38 17.90 8.17
C ILE C 336 3.52 16.79 9.20
N ILE C 337 2.77 15.69 9.03
CA ILE C 337 2.82 14.59 9.99
C ILE C 337 4.22 13.98 10.04
N GLY C 338 4.81 13.73 8.87
CA GLY C 338 6.13 13.11 8.83
C GLY C 338 7.19 13.98 9.49
N VAL C 339 7.16 15.27 9.20
CA VAL C 339 8.14 16.17 9.81
C VAL C 339 7.96 16.23 11.32
N VAL C 340 6.70 16.33 11.78
CA VAL C 340 6.49 16.50 13.22
C VAL C 340 6.85 15.23 13.97
N VAL C 341 6.68 14.06 13.33
CA VAL C 341 7.01 12.82 14.04
C VAL C 341 8.51 12.53 13.96
N SER C 342 9.15 12.92 12.86
CA SER C 342 10.58 12.64 12.72
C SER C 342 11.42 13.58 13.56
N LEU C 343 11.02 14.84 13.65
CA LEU C 343 11.86 15.84 14.32
C LEU C 343 12.01 15.50 15.81
N GLN C 344 10.92 15.12 16.46
CA GLN C 344 11.01 14.61 17.83
C GLN C 344 9.85 13.66 18.09
N LEU C 345 10.06 12.73 19.01
CA LEU C 345 8.97 11.90 19.50
C LEU C 345 8.16 12.65 20.54
N THR C 346 7.03 12.06 20.93
CA THR C 346 6.18 12.68 21.94
C THR C 346 6.92 12.75 23.27
N PRO C 347 6.78 13.85 24.03
CA PRO C 347 7.46 13.96 25.34
C PRO C 347 7.30 12.74 26.22
N ILE C 348 6.07 12.26 26.40
CA ILE C 348 5.80 11.04 27.15
C ILE C 348 5.25 10.00 26.19
N ILE C 349 5.99 8.91 26.01
CA ILE C 349 5.56 7.87 25.07
C ILE C 349 4.54 6.96 25.72
N GLU C 350 4.66 6.73 27.03
CA GLU C 350 3.82 5.74 27.70
C GLU C 350 2.36 6.16 27.73
N TRP C 351 2.10 7.47 27.74
CA TRP C 351 0.74 7.96 27.89
C TRP C 351 -0.14 7.54 26.72
N ILE C 352 0.37 7.65 25.49
CA ILE C 352 -0.41 7.29 24.32
C ILE C 352 -0.58 5.77 24.23
N GLU C 353 0.49 5.03 24.49
CA GLU C 353 0.52 3.59 24.24
C GLU C 353 0.14 2.76 25.47
N LYS C 354 -0.72 3.29 26.34
CA LYS C 354 -1.24 2.49 27.44
C LYS C 354 -2.04 1.30 26.91
N LEU C 355 -2.86 1.55 25.88
CA LEU C 355 -3.64 0.49 25.22
C LEU C 355 -2.79 -0.15 24.13
N ILE C 356 -1.63 -0.66 24.53
CA ILE C 356 -0.70 -1.28 23.59
C ILE C 356 -1.26 -2.60 23.08
N GLY C 357 -2.20 -3.19 23.81
CA GLY C 357 -2.78 -4.46 23.41
C GLY C 357 -2.12 -5.68 24.00
N HIS C 358 -0.98 -5.51 24.69
CA HIS C 358 -0.31 -6.61 25.37
C HIS C 358 -0.70 -6.70 26.84
N GLN C 359 -1.55 -5.76 27.32
CA GLN C 359 -1.95 -5.71 28.72
C GLN C 359 -0.73 -5.63 29.65
N PHE C 360 0.27 -4.87 29.22
CA PHE C 360 1.52 -4.72 29.98
C PHE C 360 1.75 -3.25 30.29
N LEU C 361 2.32 -2.98 31.45
CA LEU C 361 2.54 -1.60 31.87
C LEU C 361 3.63 -0.95 31.02
N SER C 362 3.32 0.26 30.53
CA SER C 362 4.25 1.10 29.76
C SER C 362 4.73 0.27 28.55
N SER C 363 6.02 0.28 28.23
CA SER C 363 6.57 -0.50 27.14
C SER C 363 7.84 -1.21 27.62
N ASP C 364 7.92 -2.51 27.35
CA ASP C 364 9.11 -3.26 27.74
C ASP C 364 10.33 -2.86 26.92
N ILE C 365 10.12 -2.46 25.67
CA ILE C 365 11.20 -2.05 24.79
C ILE C 365 11.27 -0.52 24.65
N TYR C 366 10.77 0.21 25.64
CA TYR C 366 10.78 1.67 25.59
C TYR C 366 12.20 2.20 25.47
N PHE C 367 12.39 3.15 24.56
CA PHE C 367 13.70 3.74 24.29
C PHE C 367 13.61 5.25 24.41
N ILE C 368 14.70 5.85 24.90
CA ILE C 368 14.82 7.29 25.07
C ILE C 368 16.02 7.76 24.26
N ASP C 369 15.81 8.80 23.45
CA ASP C 369 16.81 9.36 22.53
C ASP C 369 17.56 8.28 21.75
N PHE C 370 16.81 7.28 21.28
CA PHE C 370 17.30 6.28 20.34
C PHE C 370 16.61 6.50 18.99
N LEU C 371 16.95 5.64 18.03
CA LEU C 371 16.47 5.73 16.65
C LEU C 371 16.74 7.11 16.09
N PRO C 372 18.00 7.55 16.01
CA PRO C 372 18.27 8.92 15.57
C PRO C 372 17.89 9.12 14.11
N SER C 373 17.45 10.35 13.79
CA SER C 373 17.02 10.68 12.45
C SER C 373 17.22 12.17 12.21
N GLU C 374 17.60 12.51 10.98
CA GLU C 374 17.83 13.89 10.60
C GLU C 374 17.17 14.13 9.25
N LEU C 375 16.54 15.30 9.11
CA LEU C 375 15.72 15.58 7.94
C LEU C 375 16.52 16.21 6.82
N HIS C 376 16.21 15.82 5.59
CA HIS C 376 16.72 16.46 4.38
C HIS C 376 15.51 17.00 3.62
N TRP C 377 15.34 18.33 3.66
CA TRP C 377 14.18 18.93 3.01
C TRP C 377 14.21 18.73 1.50
N LEU C 378 15.39 18.48 0.93
CA LEU C 378 15.47 18.10 -0.47
C LEU C 378 14.74 16.78 -0.70
N ASP C 379 14.89 15.83 0.22
CA ASP C 379 14.11 14.59 0.13
C ASP C 379 12.62 14.86 0.30
N VAL C 380 12.25 15.86 1.12
CA VAL C 380 10.85 16.22 1.24
C VAL C 380 10.31 16.72 -0.09
N PHE C 381 11.08 17.54 -0.80
CA PHE C 381 10.64 18.00 -2.11
C PHE C 381 10.58 16.86 -3.10
N TYR C 382 11.53 15.93 -3.03
CA TYR C 382 11.48 14.76 -3.92
C TYR C 382 10.20 13.95 -3.68
N VAL C 383 9.88 13.69 -2.41
CA VAL C 383 8.70 12.88 -2.12
C VAL C 383 7.43 13.64 -2.49
N LEU C 384 7.40 14.97 -2.29
CA LEU C 384 6.26 15.76 -2.71
C LEU C 384 6.05 15.67 -4.21
N VAL C 385 7.11 15.87 -5.00
CA VAL C 385 7.00 15.82 -6.45
C VAL C 385 6.57 14.43 -6.90
N THR C 386 7.17 13.38 -6.33
CA THR C 386 6.81 12.03 -6.77
C THR C 386 5.39 11.67 -6.36
N ALA C 387 4.90 12.18 -5.23
CA ALA C 387 3.51 11.90 -4.84
C ALA C 387 2.53 12.62 -5.76
N LEU C 388 2.83 13.88 -6.10
CA LEU C 388 1.96 14.60 -7.03
C LEU C 388 1.95 13.94 -8.41
N LEU C 389 3.12 13.51 -8.89
CA LEU C 389 3.16 12.79 -10.17
C LEU C 389 2.41 11.47 -10.07
N LEU C 390 2.53 10.78 -8.93
CA LEU C 390 1.78 9.55 -8.72
C LEU C 390 0.29 9.79 -8.83
N SER C 391 -0.23 10.78 -8.11
CA SER C 391 -1.67 11.05 -8.16
C SER C 391 -2.09 11.48 -9.55
N LEU C 392 -1.28 12.30 -10.22
CA LEU C 392 -1.63 12.75 -11.56
C LEU C 392 -1.73 11.58 -12.53
N LEU C 393 -0.76 10.66 -12.51
CA LEU C 393 -0.83 9.49 -13.39
C LEU C 393 -1.97 8.56 -13.00
N ALA C 394 -2.15 8.32 -11.69
CA ALA C 394 -3.16 7.37 -11.24
C ALA C 394 -4.57 7.93 -11.43
N SER C 395 -4.69 9.23 -11.66
CA SER C 395 -5.97 9.82 -12.03
C SER C 395 -6.14 9.99 -13.53
N TRP C 396 -5.04 10.12 -14.26
CA TRP C 396 -5.12 10.30 -15.70
C TRP C 396 -5.37 8.98 -16.43
N TYR C 397 -4.66 7.91 -16.04
CA TYR C 397 -4.82 6.65 -16.77
C TYR C 397 -6.23 6.09 -16.70
N PRO C 398 -6.90 6.00 -15.54
CA PRO C 398 -8.31 5.60 -15.56
C PRO C 398 -9.17 6.53 -16.39
N ALA C 399 -8.86 7.83 -16.37
CA ALA C 399 -9.61 8.78 -17.18
C ALA C 399 -9.44 8.47 -18.66
N ARG C 400 -8.21 8.18 -19.09
CA ARG C 400 -7.98 7.84 -20.49
C ARG C 400 -8.65 6.52 -20.86
N ARG C 401 -8.65 5.56 -19.94
CA ARG C 401 -9.32 4.29 -20.21
C ARG C 401 -10.82 4.48 -20.37
N ALA C 402 -11.42 5.29 -19.51
CA ALA C 402 -12.87 5.50 -19.55
C ALA C 402 -13.31 6.42 -20.68
N SER C 403 -12.46 7.33 -21.12
CA SER C 403 -12.84 8.26 -22.17
C SER C 403 -12.91 7.57 -23.52
N ASN C 404 -11.88 6.78 -23.84
CA ASN C 404 -11.78 6.19 -25.18
C ASN C 404 -12.77 5.06 -25.40
N ILE C 405 -13.25 4.41 -24.35
CA ILE C 405 -14.25 3.36 -24.51
C ILE C 405 -15.58 4.00 -24.92
N ASP C 406 -16.38 3.26 -25.68
CA ASP C 406 -17.63 3.79 -26.18
C ASP C 406 -18.56 4.14 -25.03
N PRO C 407 -19.33 5.23 -25.18
CA PRO C 407 -20.33 5.58 -24.17
C PRO C 407 -21.42 4.53 -23.95
N ALA C 408 -21.45 3.48 -24.78
CA ALA C 408 -22.30 2.33 -24.52
C ALA C 408 -21.71 1.40 -23.46
N ARG C 409 -20.73 1.88 -22.70
CA ARG C 409 -20.26 1.21 -21.50
C ARG C 409 -20.80 1.90 -20.25
N VAL C 410 -21.87 2.67 -20.41
CA VAL C 410 -22.51 3.34 -19.27
C VAL C 410 -23.50 2.42 -18.58
N LEU C 411 -24.01 1.39 -19.26
CA LEU C 411 -24.98 0.49 -18.65
C LEU C 411 -24.28 -0.74 -18.05
N SER C 412 -23.10 -1.08 -18.54
CA SER C 412 -22.37 -2.24 -18.04
C SER C 412 -21.65 -1.91 -16.74
N ASN D 2 -33.80 14.67 -50.33
CA ASN D 2 -34.59 13.88 -49.40
C ASN D 2 -33.79 13.53 -48.15
N LYS D 3 -33.03 12.43 -48.23
CA LYS D 3 -32.19 12.03 -47.10
C LYS D 3 -31.08 13.06 -46.88
N ILE D 4 -31.19 13.82 -45.79
CA ILE D 4 -30.27 14.91 -45.51
C ILE D 4 -29.59 14.73 -44.15
N LEU D 5 -30.37 14.72 -43.08
CA LEU D 5 -29.79 14.85 -41.74
C LEU D 5 -29.16 13.56 -41.25
N LEU D 6 -29.78 12.42 -41.58
CA LEU D 6 -29.18 11.12 -41.29
C LEU D 6 -29.42 10.19 -42.47
N GLN D 7 -28.33 9.52 -42.88
CA GLN D 7 -28.38 8.52 -43.94
C GLN D 7 -27.68 7.28 -43.38
N CYS D 8 -28.46 6.40 -42.77
CA CYS D 8 -27.90 5.19 -42.18
C CYS D 8 -28.03 4.04 -43.16
N ASP D 9 -26.90 3.44 -43.50
CA ASP D 9 -26.85 2.42 -44.56
C ASP D 9 -26.26 1.11 -44.06
N ASN D 10 -27.03 0.03 -44.22
CA ASN D 10 -26.56 -1.34 -44.03
C ASN D 10 -25.97 -1.57 -42.64
N LEU D 11 -26.34 -0.74 -41.67
CA LEU D 11 -25.83 -0.88 -40.31
C LEU D 11 -26.32 -2.20 -39.74
N CYS D 12 -25.40 -3.15 -39.56
CA CYS D 12 -25.70 -4.45 -38.99
C CYS D 12 -24.91 -4.64 -37.70
N LYS D 13 -25.62 -5.02 -36.64
CA LYS D 13 -25.01 -5.18 -35.32
C LYS D 13 -25.23 -6.62 -34.88
N ARG D 14 -24.17 -7.43 -34.95
CA ARG D 14 -24.19 -8.79 -34.44
C ARG D 14 -23.16 -8.89 -33.32
N TYR D 15 -23.64 -8.95 -32.08
CA TYR D 15 -22.75 -9.04 -30.94
C TYR D 15 -22.12 -10.43 -30.89
N GLN D 16 -21.03 -10.56 -30.13
CA GLN D 16 -20.35 -11.83 -29.88
C GLN D 16 -19.66 -12.33 -31.15
N GLU D 17 -19.11 -13.54 -31.11
CA GLU D 17 -18.32 -14.06 -32.24
C GLU D 17 -18.99 -15.11 -33.09
N GLY D 18 -18.28 -15.66 -34.08
CA GLY D 18 -18.91 -16.57 -35.02
C GLY D 18 -19.56 -17.84 -34.51
N SER D 19 -20.66 -18.23 -35.15
CA SER D 19 -21.41 -19.45 -34.77
C SER D 19 -22.24 -19.26 -33.50
N VAL D 20 -22.43 -18.00 -33.08
CA VAL D 20 -23.21 -17.72 -31.88
C VAL D 20 -23.63 -16.25 -31.87
N GLN D 21 -23.44 -15.56 -33.00
CA GLN D 21 -23.78 -14.14 -33.07
C GLN D 21 -25.29 -13.96 -33.17
N THR D 22 -25.82 -13.01 -32.41
CA THR D 22 -27.23 -12.69 -32.42
C THR D 22 -27.51 -11.50 -33.34
N ASP D 23 -28.54 -11.65 -34.17
CA ASP D 23 -28.93 -10.60 -35.10
C ASP D 23 -29.86 -9.64 -34.36
N VAL D 24 -29.29 -8.70 -33.62
CA VAL D 24 -30.04 -7.67 -32.93
C VAL D 24 -30.31 -6.47 -33.84
N LEU D 25 -29.42 -6.23 -34.81
CA LEU D 25 -29.64 -5.22 -35.82
C LEU D 25 -28.99 -5.70 -37.11
N HIS D 26 -29.76 -5.70 -38.20
CA HIS D 26 -29.28 -6.22 -39.47
C HIS D 26 -29.95 -5.46 -40.59
N ASN D 27 -29.16 -4.73 -41.37
CA ASN D 27 -29.62 -4.02 -42.56
C ASN D 27 -30.72 -3.00 -42.21
N VAL D 28 -30.33 -2.02 -41.39
CA VAL D 28 -31.19 -0.88 -41.09
C VAL D 28 -30.80 0.27 -42.00
N SER D 29 -31.80 0.86 -42.67
CA SER D 29 -31.60 1.98 -43.57
C SER D 29 -32.49 3.13 -43.14
N PHE D 30 -31.88 4.28 -42.85
CA PHE D 30 -32.61 5.45 -42.37
C PHE D 30 -32.35 6.63 -43.29
N SER D 31 -33.42 7.34 -43.63
CA SER D 31 -33.36 8.60 -44.38
C SER D 31 -34.11 9.64 -43.55
N VAL D 32 -33.41 10.26 -42.62
CA VAL D 32 -34.01 11.22 -41.70
C VAL D 32 -33.67 12.62 -42.22
N GLY D 33 -34.71 13.42 -42.48
CA GLY D 33 -34.53 14.78 -42.92
C GLY D 33 -34.57 15.78 -41.78
N GLU D 34 -34.20 17.02 -42.10
CA GLU D 34 -34.24 18.08 -41.11
C GLU D 34 -35.69 18.37 -40.72
N GLY D 35 -35.97 18.33 -39.42
CA GLY D 35 -37.31 18.53 -38.91
C GLY D 35 -38.21 17.32 -39.04
N GLU D 36 -37.69 16.18 -39.43
CA GLU D 36 -38.52 15.00 -39.62
C GLU D 36 -38.98 14.46 -38.27
N MET D 37 -40.27 14.16 -38.16
CA MET D 37 -40.87 13.63 -36.95
C MET D 37 -40.92 12.10 -37.07
N MET D 38 -40.01 11.43 -36.38
CA MET D 38 -39.86 9.98 -36.47
C MET D 38 -40.18 9.32 -35.14
N ALA D 39 -40.99 8.26 -35.18
CA ALA D 39 -41.32 7.48 -34.00
C ALA D 39 -41.02 6.02 -34.27
N ILE D 40 -40.18 5.43 -33.43
CA ILE D 40 -39.80 4.03 -33.54
C ILE D 40 -40.60 3.23 -32.53
N VAL D 41 -41.34 2.23 -33.02
CA VAL D 41 -42.16 1.37 -32.18
C VAL D 41 -41.78 -0.09 -32.47
N GLY D 42 -42.00 -0.94 -31.48
CA GLY D 42 -41.69 -2.35 -31.61
C GLY D 42 -41.70 -3.06 -30.28
N SER D 43 -41.79 -4.39 -30.31
CA SER D 43 -41.92 -5.18 -29.08
C SER D 43 -40.79 -5.19 -28.06
N SER D 44 -40.09 -6.32 -27.99
CA SER D 44 -39.06 -6.43 -26.96
C SER D 44 -37.81 -7.06 -27.46
N GLY D 45 -36.67 -6.44 -27.14
CA GLY D 45 -35.42 -6.94 -27.66
C GLY D 45 -35.45 -6.72 -29.15
N SER D 46 -36.25 -5.77 -29.59
CA SER D 46 -36.41 -5.54 -31.00
C SER D 46 -35.29 -4.64 -31.45
N GLY D 47 -34.31 -4.41 -30.58
CA GLY D 47 -33.20 -3.60 -31.07
C GLY D 47 -33.57 -2.16 -31.34
N LYS D 48 -34.11 -1.48 -30.33
CA LYS D 48 -34.45 -0.06 -30.46
C LYS D 48 -33.45 0.82 -29.73
N SER D 49 -33.11 0.46 -28.49
CA SER D 49 -32.08 1.21 -27.76
C SER D 49 -30.72 1.10 -28.43
N THR D 50 -30.35 -0.11 -28.88
CA THR D 50 -29.06 -0.27 -29.54
C THR D 50 -29.01 0.51 -30.84
N LEU D 51 -30.13 0.58 -31.57
CA LEU D 51 -30.18 1.39 -32.77
C LEU D 51 -29.92 2.86 -32.45
N LEU D 52 -30.49 3.36 -31.35
CA LEU D 52 -30.22 4.74 -30.95
C LEU D 52 -28.76 4.93 -30.58
N HIS D 53 -28.20 4.00 -29.81
CA HIS D 53 -26.79 4.12 -29.43
C HIS D 53 -25.89 4.12 -30.65
N LEU D 54 -26.24 3.35 -31.68
CA LEU D 54 -25.41 3.31 -32.89
C LEU D 54 -25.58 4.54 -33.75
N LEU D 55 -26.81 5.06 -33.87
CA LEU D 55 -27.03 6.29 -34.63
C LEU D 55 -26.35 7.48 -33.96
N GLY D 56 -26.34 7.49 -32.63
CA GLY D 56 -25.71 8.58 -31.91
C GLY D 56 -24.20 8.49 -31.87
N GLY D 57 -23.66 7.41 -32.41
CA GLY D 57 -22.23 7.20 -32.39
C GLY D 57 -21.72 6.84 -31.01
N LEU D 58 -22.65 6.49 -30.13
CA LEU D 58 -22.28 6.08 -28.78
C LEU D 58 -21.73 4.67 -28.71
N ASP D 59 -21.88 3.89 -29.79
CA ASP D 59 -21.30 2.57 -29.89
C ASP D 59 -20.68 2.39 -31.27
N THR D 60 -20.04 1.24 -31.50
CA THR D 60 -19.40 0.98 -32.78
C THR D 60 -20.17 -0.11 -33.51
N PRO D 61 -20.82 0.21 -34.62
CA PRO D 61 -21.55 -0.83 -35.37
C PRO D 61 -20.60 -1.84 -35.97
N THR D 62 -20.99 -3.13 -35.90
CA THR D 62 -20.17 -4.16 -36.51
C THR D 62 -20.07 -4.00 -38.01
N SER D 63 -21.18 -3.69 -38.67
CA SER D 63 -21.21 -3.48 -40.11
C SER D 63 -22.04 -2.25 -40.42
N GLY D 64 -21.94 -1.79 -41.66
CA GLY D 64 -22.69 -0.64 -42.11
C GLY D 64 -22.12 0.66 -41.57
N ASP D 65 -22.76 1.77 -41.95
CA ASP D 65 -22.31 3.08 -41.56
C ASP D 65 -23.49 3.97 -41.22
N VAL D 66 -23.24 4.96 -40.38
CA VAL D 66 -24.21 6.00 -40.05
C VAL D 66 -23.60 7.32 -40.51
N ILE D 67 -24.33 8.04 -41.36
CA ILE D 67 -23.83 9.27 -41.98
C ILE D 67 -24.65 10.44 -41.45
N PHE D 68 -23.98 11.38 -40.79
CA PHE D 68 -24.60 12.53 -40.15
C PHE D 68 -24.07 13.80 -40.82
N ASN D 69 -24.98 14.57 -41.41
CA ASN D 69 -24.62 15.81 -42.11
C ASN D 69 -23.59 15.57 -43.21
N GLY D 70 -23.67 14.40 -43.84
CA GLY D 70 -22.73 14.05 -44.90
C GLY D 70 -21.46 13.37 -44.39
N GLN D 71 -20.93 13.88 -43.28
CA GLN D 71 -19.69 13.33 -42.73
C GLN D 71 -20.00 12.10 -41.89
N PRO D 72 -19.42 10.94 -42.20
CA PRO D 72 -19.71 9.74 -41.40
C PRO D 72 -19.25 9.89 -39.96
N MET D 73 -20.01 9.32 -39.04
CA MET D 73 -19.65 9.43 -37.62
C MET D 73 -18.56 8.45 -37.25
N SER D 74 -18.47 7.32 -37.94
CA SER D 74 -17.49 6.30 -37.56
C SER D 74 -16.07 6.74 -37.87
N LYS D 75 -15.85 7.40 -39.00
CA LYS D 75 -14.52 7.82 -39.41
C LYS D 75 -14.10 9.14 -38.78
N LEU D 76 -14.98 9.77 -38.01
CA LEU D 76 -14.76 11.14 -37.57
C LEU D 76 -13.85 11.18 -36.35
N SER D 77 -13.17 12.30 -36.17
CA SER D 77 -12.24 12.47 -35.06
C SER D 77 -12.99 12.71 -33.75
N SER D 78 -12.28 12.54 -32.64
CA SER D 78 -12.91 12.66 -31.33
C SER D 78 -13.39 14.07 -31.06
N ALA D 79 -12.59 15.08 -31.44
CA ALA D 79 -13.00 16.45 -31.19
C ALA D 79 -14.26 16.81 -31.96
N ALA D 80 -14.34 16.40 -33.22
CA ALA D 80 -15.55 16.70 -34.00
C ALA D 80 -16.73 15.87 -33.51
N LYS D 81 -16.48 14.65 -33.01
CA LYS D 81 -17.55 13.90 -32.38
C LYS D 81 -18.10 14.67 -31.18
N ALA D 82 -17.22 15.24 -30.37
CA ALA D 82 -17.66 16.03 -29.23
C ALA D 82 -18.42 17.27 -29.70
N GLU D 83 -17.97 17.89 -30.79
CA GLU D 83 -18.69 19.02 -31.35
C GLU D 83 -20.11 18.65 -31.75
N LEU D 84 -20.27 17.51 -32.44
CA LEU D 84 -21.60 17.05 -32.81
C LEU D 84 -22.44 16.78 -31.57
N ARG D 85 -21.86 16.09 -30.59
CA ARG D 85 -22.60 15.73 -29.39
C ARG D 85 -22.96 16.93 -28.53
N ASN D 86 -22.28 18.06 -28.69
CA ASN D 86 -22.60 19.24 -27.89
C ASN D 86 -23.34 20.31 -28.68
N GLN D 87 -23.44 20.20 -30.00
CA GLN D 87 -24.12 21.20 -30.79
C GLN D 87 -25.21 20.66 -31.70
N LYS D 88 -25.19 19.38 -32.03
CA LYS D 88 -26.17 18.85 -32.98
C LYS D 88 -26.96 17.70 -32.39
N LEU D 89 -26.36 16.94 -31.48
CA LEU D 89 -26.96 15.72 -30.96
C LEU D 89 -27.34 15.90 -29.51
N GLY D 90 -28.61 15.66 -29.21
CA GLY D 90 -29.10 15.63 -27.85
C GLY D 90 -29.69 14.27 -27.52
N PHE D 91 -29.15 13.60 -26.51
CA PHE D 91 -29.47 12.20 -26.25
C PHE D 91 -30.23 12.07 -24.95
N ILE D 92 -31.37 11.38 -25.01
CA ILE D 92 -32.10 10.92 -23.83
C ILE D 92 -31.91 9.43 -23.74
N TYR D 93 -31.29 8.97 -22.66
CA TYR D 93 -31.13 7.55 -22.43
C TYR D 93 -32.46 6.91 -22.04
N GLN D 94 -32.51 5.58 -22.14
CA GLN D 94 -33.66 4.86 -21.63
C GLN D 94 -33.82 5.08 -20.14
N PHE D 95 -32.70 5.07 -19.42
CA PHE D 95 -32.73 5.40 -18.01
C PHE D 95 -32.33 6.87 -17.81
N HIS D 96 -32.28 7.27 -16.54
CA HIS D 96 -31.93 8.66 -16.23
C HIS D 96 -30.50 8.99 -16.67
N HIS D 97 -29.53 8.23 -16.16
CA HIS D 97 -28.10 8.46 -16.44
C HIS D 97 -27.70 9.90 -16.19
N LEU D 98 -28.16 10.46 -15.08
CA LEU D 98 -27.80 11.81 -14.68
C LEU D 98 -26.48 11.77 -13.90
N LEU D 99 -25.93 12.94 -13.64
CA LEU D 99 -24.77 13.06 -12.77
C LEU D 99 -25.27 13.21 -11.34
N PRO D 100 -25.08 12.22 -10.47
CA PRO D 100 -25.69 12.28 -9.14
C PRO D 100 -25.07 13.34 -8.23
N ASP D 101 -23.93 13.90 -8.59
CA ASP D 101 -23.30 14.91 -7.77
C ASP D 101 -23.71 16.33 -8.15
N PHE D 102 -24.40 16.50 -9.26
CA PHE D 102 -24.85 17.80 -9.73
C PHE D 102 -26.36 17.90 -9.61
N THR D 103 -26.84 19.06 -9.20
CA THR D 103 -28.28 19.27 -9.08
C THR D 103 -28.94 19.18 -10.46
N ALA D 104 -30.27 19.19 -10.47
CA ALA D 104 -30.99 19.09 -11.74
C ALA D 104 -30.71 20.29 -12.63
N LEU D 105 -30.66 21.49 -12.05
CA LEU D 105 -30.33 22.67 -12.83
C LEU D 105 -28.94 22.55 -13.44
N GLU D 106 -27.96 22.12 -12.64
CA GLU D 106 -26.63 21.91 -13.19
C GLU D 106 -26.60 20.74 -14.15
N ASN D 107 -27.42 19.72 -13.92
CA ASN D 107 -27.47 18.58 -14.82
C ASN D 107 -28.06 18.91 -16.18
N VAL D 108 -28.90 19.94 -16.28
CA VAL D 108 -29.38 20.36 -17.58
C VAL D 108 -28.54 21.51 -18.15
N ALA D 109 -27.78 22.21 -17.31
CA ALA D 109 -26.87 23.23 -17.81
C ALA D 109 -25.51 22.66 -18.18
N MET D 110 -25.24 21.41 -17.84
CA MET D 110 -23.95 20.78 -18.11
C MET D 110 -23.57 20.84 -19.60
N PRO D 111 -24.48 20.57 -20.55
CA PRO D 111 -24.10 20.77 -21.95
C PRO D 111 -23.67 22.19 -22.26
N LEU D 112 -24.32 23.18 -21.64
CA LEU D 112 -23.90 24.56 -21.89
C LEU D 112 -22.62 24.91 -21.15
N LEU D 113 -22.50 24.47 -19.89
CA LEU D 113 -21.26 24.72 -19.14
C LEU D 113 -20.08 24.05 -19.81
N ILE D 114 -20.32 22.99 -20.57
CA ILE D 114 -19.26 22.30 -21.28
C ILE D 114 -19.04 22.87 -22.68
N GLY D 115 -20.06 23.43 -23.30
CA GLY D 115 -19.93 24.11 -24.58
C GLY D 115 -19.35 25.49 -24.50
N LYS D 116 -18.91 25.93 -23.32
CA LYS D 116 -18.23 27.21 -23.12
C LYS D 116 -19.14 28.38 -23.50
N LYS D 117 -20.24 28.49 -22.77
CA LYS D 117 -21.19 29.58 -22.96
C LYS D 117 -21.12 30.54 -21.78
N LYS D 118 -21.76 31.71 -21.95
CA LYS D 118 -21.77 32.72 -20.90
C LYS D 118 -22.61 32.24 -19.72
N PRO D 119 -22.06 32.30 -18.50
CA PRO D 119 -22.76 31.69 -17.35
C PRO D 119 -24.14 32.27 -17.08
N ALA D 120 -24.32 33.59 -17.24
CA ALA D 120 -25.64 34.17 -17.01
C ALA D 120 -26.64 33.69 -18.06
N GLU D 121 -26.20 33.53 -19.31
CA GLU D 121 -27.04 32.90 -20.32
C GLU D 121 -27.31 31.44 -19.99
N ILE D 122 -26.29 30.74 -19.50
CA ILE D 122 -26.44 29.31 -19.19
C ILE D 122 -27.51 29.09 -18.14
N ASN D 123 -27.42 29.82 -17.02
CA ASN D 123 -28.36 29.62 -15.93
C ASN D 123 -29.77 30.01 -16.36
N SER D 124 -29.90 31.14 -17.06
CA SER D 124 -31.22 31.60 -17.48
C SER D 124 -31.87 30.60 -18.43
N ARG D 125 -31.13 30.08 -19.41
CA ARG D 125 -31.73 29.15 -20.35
C ARG D 125 -31.97 27.79 -19.72
N ALA D 126 -31.13 27.36 -18.78
CA ALA D 126 -31.42 26.12 -18.06
C ALA D 126 -32.70 26.24 -17.24
N LEU D 127 -32.89 27.37 -16.56
CA LEU D 127 -34.12 27.57 -15.80
C LEU D 127 -35.33 27.65 -16.72
N GLU D 128 -35.17 28.30 -17.88
CA GLU D 128 -36.28 28.35 -18.83
C GLU D 128 -36.64 26.95 -19.32
N MET D 129 -35.64 26.12 -19.60
CA MET D 129 -35.92 24.76 -20.07
C MET D 129 -36.58 23.93 -18.98
N LEU D 130 -36.13 24.07 -17.73
CA LEU D 130 -36.77 23.34 -16.65
C LEU D 130 -38.20 23.80 -16.41
N LYS D 131 -38.47 25.09 -16.60
CA LYS D 131 -39.85 25.56 -16.54
C LYS D 131 -40.67 24.99 -17.69
N ALA D 132 -40.10 24.92 -18.88
CA ALA D 132 -40.82 24.37 -20.03
C ALA D 132 -41.11 22.89 -19.86
N VAL D 133 -40.24 22.16 -19.18
CA VAL D 133 -40.46 20.74 -18.98
C VAL D 133 -41.39 20.46 -17.79
N GLY D 134 -41.33 21.29 -16.74
CA GLY D 134 -42.23 21.16 -15.62
C GLY D 134 -41.57 20.93 -14.26
N LEU D 135 -40.38 21.47 -14.03
CA LEU D 135 -39.69 21.28 -12.75
C LEU D 135 -39.40 22.59 -12.05
N ASP D 136 -40.36 23.52 -12.00
CA ASP D 136 -40.11 24.84 -11.45
C ASP D 136 -39.65 24.78 -9.99
N HIS D 137 -40.33 23.97 -9.17
CA HIS D 137 -39.95 23.89 -7.77
C HIS D 137 -38.86 22.86 -7.52
N ARG D 138 -38.61 21.98 -8.48
CA ARG D 138 -37.67 20.88 -8.31
C ARG D 138 -36.44 21.05 -9.19
N ALA D 139 -35.92 22.26 -9.25
CA ALA D 139 -34.74 22.53 -10.08
C ALA D 139 -33.45 22.31 -9.31
N ASN D 140 -33.45 22.59 -8.01
CA ASN D 140 -32.22 22.52 -7.23
C ASN D 140 -31.98 21.17 -6.56
N HIS D 141 -32.80 20.17 -6.86
CA HIS D 141 -32.70 18.88 -6.19
C HIS D 141 -31.71 17.98 -6.94
N ARG D 142 -30.88 17.26 -6.18
CA ARG D 142 -29.97 16.30 -6.77
C ARG D 142 -30.75 15.12 -7.33
N PRO D 143 -30.17 14.38 -8.29
CA PRO D 143 -30.87 13.20 -8.82
C PRO D 143 -31.16 12.16 -7.75
N SER D 144 -30.30 12.05 -6.74
CA SER D 144 -30.58 11.14 -5.64
C SER D 144 -31.83 11.53 -4.86
N GLU D 145 -32.22 12.80 -4.92
CA GLU D 145 -33.49 13.26 -4.35
C GLU D 145 -34.54 13.52 -5.43
N LEU D 146 -34.51 12.76 -6.52
CA LEU D 146 -35.50 12.87 -7.58
C LEU D 146 -36.16 11.53 -7.81
N SER D 147 -37.31 11.57 -8.47
CA SER D 147 -38.05 10.38 -8.80
C SER D 147 -37.78 9.98 -10.25
N GLY D 148 -38.31 8.83 -10.66
CA GLY D 148 -38.04 8.34 -12.00
C GLY D 148 -38.58 9.26 -13.08
N GLY D 149 -39.82 9.73 -12.91
CA GLY D 149 -40.42 10.60 -13.90
C GLY D 149 -39.72 11.94 -14.02
N GLU D 150 -39.40 12.56 -12.89
CA GLU D 150 -38.76 13.86 -12.93
C GLU D 150 -37.29 13.76 -13.30
N ARG D 151 -36.62 12.65 -12.98
CA ARG D 151 -35.32 12.40 -13.58
C ARG D 151 -35.41 12.28 -15.10
N GLN D 152 -36.45 11.58 -15.58
CA GLN D 152 -36.64 11.45 -17.02
C GLN D 152 -36.88 12.82 -17.65
N ARG D 153 -37.64 13.66 -16.97
CA ARG D 153 -37.87 15.01 -17.46
C ARG D 153 -36.59 15.83 -17.45
N VAL D 154 -35.74 15.63 -16.43
CA VAL D 154 -34.43 16.28 -16.43
C VAL D 154 -33.61 15.85 -17.63
N ALA D 155 -33.61 14.56 -17.93
CA ALA D 155 -32.85 14.07 -19.09
C ALA D 155 -33.40 14.65 -20.38
N ILE D 156 -34.72 14.69 -20.52
CA ILE D 156 -35.33 15.25 -21.73
C ILE D 156 -34.94 16.72 -21.88
N ALA D 157 -34.98 17.47 -20.77
CA ALA D 157 -34.52 18.85 -20.81
C ALA D 157 -33.06 18.93 -21.24
N ARG D 158 -32.21 18.05 -20.70
CA ARG D 158 -30.80 18.05 -21.06
C ARG D 158 -30.60 17.84 -22.55
N ALA D 159 -31.46 17.03 -23.17
CA ALA D 159 -31.32 16.82 -24.60
C ALA D 159 -31.88 17.97 -25.42
N LEU D 160 -32.48 18.98 -24.79
CA LEU D 160 -33.04 20.12 -25.51
C LEU D 160 -32.37 21.44 -25.14
N VAL D 161 -31.46 21.44 -24.17
CA VAL D 161 -30.91 22.70 -23.69
C VAL D 161 -30.03 23.36 -24.75
N ASN D 162 -29.14 22.60 -25.37
CA ASN D 162 -28.16 23.16 -26.30
C ASN D 162 -28.69 23.28 -27.71
N ASN D 163 -30.01 23.24 -27.90
CA ASN D 163 -30.67 23.39 -29.20
C ASN D 163 -30.09 22.44 -30.25
N PRO D 164 -30.20 21.12 -30.05
CA PRO D 164 -29.64 20.19 -31.03
C PRO D 164 -30.45 20.17 -32.31
N ARG D 165 -29.80 19.72 -33.39
CA ARG D 165 -30.52 19.47 -34.63
C ARG D 165 -31.18 18.09 -34.61
N LEU D 166 -30.49 17.09 -34.07
CA LEU D 166 -31.06 15.77 -33.83
C LEU D 166 -31.19 15.56 -32.33
N VAL D 167 -32.35 15.11 -31.89
CA VAL D 167 -32.54 14.66 -30.53
C VAL D 167 -32.97 13.20 -30.58
N LEU D 168 -32.06 12.31 -30.21
CA LEU D 168 -32.38 10.90 -30.06
C LEU D 168 -32.97 10.70 -28.69
N ALA D 169 -34.12 10.02 -28.63
CA ALA D 169 -34.82 9.82 -27.36
C ALA D 169 -35.10 8.33 -27.20
N ASP D 170 -34.62 7.75 -26.11
CA ASP D 170 -34.85 6.34 -25.81
C ASP D 170 -35.89 6.27 -24.69
N GLN D 171 -37.14 6.02 -25.06
CA GLN D 171 -38.26 5.94 -24.14
C GLN D 171 -38.30 7.17 -23.23
N PRO D 172 -38.61 8.35 -23.77
CA PRO D 172 -38.72 9.54 -22.92
C PRO D 172 -39.99 9.59 -22.10
N THR D 173 -40.94 8.72 -22.38
CA THR D 173 -42.23 8.75 -21.70
C THR D 173 -42.53 7.47 -20.95
N GLY D 174 -41.54 6.59 -20.76
CA GLY D 174 -41.81 5.35 -20.05
C GLY D 174 -42.20 5.58 -18.61
N ASN D 175 -41.54 6.52 -17.93
CA ASN D 175 -41.77 6.78 -16.52
C ASN D 175 -42.64 8.00 -16.28
N LEU D 176 -43.59 8.29 -17.17
CA LEU D 176 -44.42 9.48 -17.07
C LEU D 176 -45.88 9.11 -17.29
N ASP D 177 -46.77 9.93 -16.74
CA ASP D 177 -48.19 9.71 -16.89
C ASP D 177 -48.65 10.21 -18.25
N ALA D 178 -49.97 10.27 -18.46
CA ALA D 178 -50.49 10.75 -19.74
C ALA D 178 -50.36 12.26 -19.88
N ARG D 179 -50.56 13.01 -18.79
CA ARG D 179 -50.52 14.47 -18.86
C ARG D 179 -49.12 14.95 -19.20
N ASN D 180 -48.11 14.46 -18.48
CA ASN D 180 -46.73 14.87 -18.76
C ASN D 180 -46.26 14.37 -20.11
N ALA D 181 -46.70 13.18 -20.52
CA ALA D 181 -46.36 12.70 -21.86
C ALA D 181 -46.93 13.62 -22.94
N ASP D 182 -48.20 14.00 -22.81
CA ASP D 182 -48.80 14.92 -23.77
C ASP D 182 -48.10 16.26 -23.76
N SER D 183 -47.76 16.77 -22.58
CA SER D 183 -47.04 18.04 -22.50
C SER D 183 -45.68 17.96 -23.18
N ILE D 184 -44.95 16.86 -22.96
CA ILE D 184 -43.62 16.74 -23.53
C ILE D 184 -43.69 16.59 -25.04
N PHE D 185 -44.68 15.85 -25.55
CA PHE D 185 -44.84 15.81 -26.99
C PHE D 185 -45.31 17.14 -27.56
N GLN D 186 -46.02 17.95 -26.76
CA GLN D 186 -46.30 19.32 -27.20
C GLN D 186 -45.03 20.13 -27.32
N LEU D 187 -44.12 20.00 -26.36
CA LEU D 187 -42.81 20.64 -26.47
C LEU D 187 -42.06 20.17 -27.70
N LEU D 188 -42.10 18.86 -27.97
CA LEU D 188 -41.42 18.32 -29.14
C LEU D 188 -42.01 18.87 -30.43
N GLY D 189 -43.33 18.93 -30.52
CA GLY D 189 -43.96 19.50 -31.70
C GLY D 189 -43.65 20.98 -31.87
N GLU D 190 -43.60 21.72 -30.75
CA GLU D 190 -43.27 23.14 -30.83
C GLU D 190 -41.83 23.35 -31.30
N LEU D 191 -40.90 22.54 -30.77
CA LEU D 191 -39.52 22.65 -31.22
C LEU D 191 -39.38 22.26 -32.68
N ASN D 192 -40.15 21.27 -33.13
CA ASN D 192 -40.18 20.95 -34.55
C ASN D 192 -40.69 22.12 -35.39
N ARG D 193 -41.75 22.79 -34.93
CA ARG D 193 -42.30 23.93 -35.65
C ARG D 193 -41.38 25.15 -35.60
N LEU D 194 -40.77 25.42 -34.44
CA LEU D 194 -40.00 26.64 -34.26
C LEU D 194 -38.52 26.46 -34.59
N GLN D 195 -37.85 25.57 -33.84
CA GLN D 195 -36.40 25.44 -33.99
C GLN D 195 -36.03 24.56 -35.18
N GLY D 196 -36.97 23.76 -35.68
CA GLY D 196 -36.66 22.84 -36.76
C GLY D 196 -35.94 21.58 -36.32
N THR D 197 -35.76 21.39 -35.03
CA THR D 197 -35.06 20.20 -34.52
C THR D 197 -35.78 18.93 -34.94
N ALA D 198 -35.01 17.94 -35.37
CA ALA D 198 -35.54 16.64 -35.75
C ALA D 198 -35.46 15.69 -34.56
N PHE D 199 -36.61 15.12 -34.21
CA PHE D 199 -36.74 14.27 -33.04
C PHE D 199 -36.86 12.82 -33.49
N LEU D 200 -35.94 11.98 -33.06
CA LEU D 200 -35.94 10.58 -33.44
C LEU D 200 -36.14 9.83 -32.11
N VAL D 201 -37.39 9.46 -31.85
CA VAL D 201 -37.83 9.06 -30.52
C VAL D 201 -38.34 7.63 -30.60
N VAL D 202 -37.98 6.82 -29.61
CA VAL D 202 -38.46 5.46 -29.49
C VAL D 202 -39.51 5.38 -28.40
N THR D 203 -40.72 4.96 -28.75
CA THR D 203 -41.81 4.88 -27.79
C THR D 203 -42.52 3.55 -27.94
N HIS D 204 -43.20 3.14 -26.87
CA HIS D 204 -44.07 1.97 -26.90
C HIS D 204 -45.55 2.32 -26.88
N ASP D 205 -45.90 3.53 -26.44
CA ASP D 205 -47.30 3.96 -26.48
C ASP D 205 -47.70 4.24 -27.92
N LEU D 206 -48.77 3.58 -28.37
CA LEU D 206 -49.17 3.72 -29.77
C LEU D 206 -49.80 5.07 -30.06
N GLN D 207 -50.53 5.64 -29.11
CA GLN D 207 -51.19 6.92 -29.33
C GLN D 207 -50.17 8.04 -29.53
N LEU D 208 -49.15 8.08 -28.67
CA LEU D 208 -48.13 9.12 -28.78
C LEU D 208 -47.36 9.01 -30.10
N ALA D 209 -47.05 7.79 -30.53
CA ALA D 209 -46.44 7.60 -31.84
C ALA D 209 -47.37 7.99 -32.97
N LYS D 210 -48.68 7.73 -32.82
CA LYS D 210 -49.64 8.10 -33.84
C LYS D 210 -49.79 9.61 -33.96
N ARG D 211 -49.59 10.35 -32.87
CA ARG D 211 -49.59 11.81 -32.92
C ARG D 211 -48.35 12.37 -33.58
N MET D 212 -47.55 11.54 -34.24
CA MET D 212 -46.31 11.96 -34.88
C MET D 212 -46.28 11.50 -36.32
N SER D 213 -45.58 12.27 -37.17
CA SER D 213 -45.74 12.15 -38.62
C SER D 213 -45.29 10.82 -39.20
N ARG D 214 -44.17 10.26 -38.72
CA ARG D 214 -43.59 9.09 -39.35
C ARG D 214 -43.46 7.96 -38.34
N GLN D 215 -43.76 6.74 -38.78
CA GLN D 215 -43.75 5.55 -37.93
C GLN D 215 -42.80 4.54 -38.54
N LEU D 216 -41.94 3.94 -37.72
CA LEU D 216 -41.15 2.80 -38.13
C LEU D 216 -41.24 1.68 -37.11
N GLU D 217 -41.37 0.45 -37.60
CA GLU D 217 -41.61 -0.73 -36.78
C GLU D 217 -40.37 -1.61 -36.79
N MET D 218 -39.78 -1.81 -35.62
CA MET D 218 -38.64 -2.69 -35.43
C MET D 218 -39.14 -4.08 -35.03
N ARG D 219 -38.89 -5.08 -35.88
CA ARG D 219 -39.17 -6.45 -35.50
C ARG D 219 -38.22 -7.39 -36.23
N ASP D 220 -37.66 -8.34 -35.48
CA ASP D 220 -36.66 -9.27 -36.00
C ASP D 220 -35.46 -8.52 -36.58
N GLY D 221 -35.14 -7.38 -35.99
CA GLY D 221 -34.07 -6.56 -36.50
C GLY D 221 -34.33 -5.98 -37.87
N ARG D 222 -35.61 -5.79 -38.23
CA ARG D 222 -35.98 -5.27 -39.54
C ARG D 222 -36.96 -4.12 -39.38
N LEU D 223 -36.99 -3.25 -40.39
CA LEU D 223 -37.87 -2.08 -40.47
C LEU D 223 -39.04 -2.45 -41.36
N THR D 224 -40.22 -2.59 -40.75
CA THR D 224 -41.35 -3.15 -41.49
C THR D 224 -42.39 -2.10 -41.88
N ALA D 225 -42.94 -1.37 -40.90
CA ALA D 225 -44.07 -0.49 -41.16
C ALA D 225 -43.59 0.88 -41.64
N GLU D 226 -44.03 1.26 -42.85
CA GLU D 226 -43.69 2.57 -43.42
C GLU D 226 -44.99 3.15 -43.97
N LEU D 227 -45.60 4.05 -43.22
CA LEU D 227 -46.89 4.63 -43.57
C LEU D 227 -46.72 6.10 -43.93
N SER D 228 -47.18 6.47 -45.13
CA SER D 228 -47.18 7.85 -45.59
C SER D 228 -48.57 8.18 -46.12
N LEU D 229 -49.16 9.25 -45.62
CA LEU D 229 -50.51 9.64 -46.05
C LEU D 229 -50.46 10.44 -47.35
N MET D 230 -49.76 11.57 -47.34
CA MET D 230 -49.69 12.43 -48.52
C MET D 230 -48.84 11.79 -49.62
MG MG E . -41.88 6.72 -9.40
PG ANP F . -43.04 8.68 -10.85
O1G ANP F . -43.86 9.05 -12.05
O2G ANP F . -41.55 8.65 -11.14
O3G ANP F . -43.59 7.46 -10.18
PB ANP F . -42.95 9.31 -8.09
O1B ANP F . -44.30 8.87 -7.64
O2B ANP F . -41.79 8.35 -8.15
N3B ANP F . -43.15 9.94 -9.68
PA ANP F . -41.89 9.84 -5.68
O1A ANP F . -40.40 9.70 -5.76
O2A ANP F . -42.71 8.69 -5.24
O3A ANP F . -42.46 10.42 -7.06
O5' ANP F . -42.26 11.06 -4.73
C5' ANP F . -41.23 11.62 -3.96
C4' ANP F . -41.00 13.04 -4.44
O4' ANP F . -40.55 13.79 -3.32
C3' ANP F . -39.89 13.03 -5.47
O3' ANP F . -40.40 13.47 -6.72
C2' ANP F . -38.85 13.98 -4.96
O2' ANP F . -38.88 15.16 -5.76
C1' ANP F . -39.28 14.35 -3.56
N9 ANP F . -38.25 13.87 -2.61
C8 ANP F . -37.16 14.57 -2.41
N7 ANP F . -36.31 14.04 -1.53
C5 ANP F . -36.88 12.91 -1.13
C6 ANP F . -36.49 11.86 -0.18
N6 ANP F . -35.32 11.96 0.48
N1 ANP F . -37.34 10.83 -0.01
C2 ANP F . -38.51 10.77 -0.68
N3 ANP F . -38.92 11.70 -1.56
C4 ANP F . -38.16 12.78 -1.84
MG MG G . -36.30 -0.72 -25.10
PG ANP H . -37.62 -2.85 -24.50
O1G ANP H . -38.45 -4.08 -24.72
O2G ANP H . -37.94 -2.23 -23.09
O3G ANP H . -37.92 -1.78 -25.62
PB ANP H . -35.33 -2.71 -26.00
O1B ANP H . -36.42 -2.35 -26.95
O2B ANP H . -34.46 -1.45 -25.73
N3B ANP H . -35.98 -3.26 -24.57
PA ANP H . -33.06 -3.35 -27.31
O1A ANP H . -32.08 -2.97 -26.28
O2A ANP H . -33.41 -2.22 -28.28
O3A ANP H . -34.43 -3.81 -26.65
O5' ANP H . -32.52 -4.63 -28.06
C5' ANP H . -31.32 -5.29 -27.64
C4' ANP H . -31.58 -6.78 -27.56
O4' ANP H . -30.35 -7.50 -27.77
C3' ANP H . -32.07 -7.25 -26.19
O3' ANP H . -32.81 -8.46 -26.32
C2' ANP H . -30.77 -7.46 -25.43
O2' ANP H . -30.91 -8.43 -24.41
C1' ANP H . -29.83 -7.95 -26.54
N9 ANP H . -28.47 -7.43 -26.42
C8 ANP H . -28.06 -6.14 -26.61
N7 ANP H . -26.78 -5.95 -26.43
C5 ANP H . -26.30 -7.21 -26.09
C6 ANP H . -25.01 -7.69 -25.79
N6 ANP H . -23.93 -6.93 -25.76
N1 ANP H . -24.89 -9.01 -25.50
C2 ANP H . -25.98 -9.79 -25.54
N3 ANP H . -27.24 -9.45 -25.81
C4 ANP H . -27.33 -8.13 -26.09
#